data_3PJS
#
_entry.id   3PJS
#
_cell.length_a   118.266
_cell.length_b   176.716
_cell.length_c   340.466
_cell.angle_alpha   90.00
_cell.angle_beta   90.00
_cell.angle_gamma   90.00
#
_symmetry.space_group_name_H-M   'I 2 2 2'
#
loop_
_entity.id
_entity.type
_entity.pdbx_description
1 polymer 'FAB light chain'
2 polymer 'FAB heavy chain'
3 polymer 'Voltage-gated potassium channel'
#
loop_
_entity_poly.entity_id
_entity_poly.type
_entity_poly.pdbx_seq_one_letter_code
_entity_poly.pdbx_strand_id
1 'polypeptide(L)'
;DIQMTQSPSSLSASVGDRVTITCRASQDVNTAVAWYQQKPGKAPKLLIYSASFLESGVPSRFSGSRSGTDFTLTISSLQP
EDFATYYCQQYYSYSAPVTFGQGTKVEIKRTVAAPSVFIFPPSDEQLKSGTASVVCLLNNFYPREAKVQWKVDNALQSGN
SQESVTEQDSKDSTYSLSSTLTLSKADYEKHKVYACEVTHQGLSSPVTKSFNRGE
;
A,C
2 'polypeptide(L)'
;EVQLVESGGGLVQPGGSLRLSCAASGFNISSYSIHWVRQAPGKGLEWVASISSYYSSTYYADSVKGRFTISADTSKNTAY
LQMNSLRAEDTAVYYCARQPSYHMYSWWVALDYWGQGTLVTVSSASTKGPSVFPLAPSSKSTSGGTAALGCLVKDYFPEP
VTVSWNSGALTSGVHTFPAVLQSSGLYSLSSVVTVPSSSLGTQTYICNVNHKPSNTKVDKKVEP
;
B,D
3 'polypeptide(L)'
;MHHHHHHPPMLSGLLARLVKLLLGRHGSALQWRAAGAATVLLVIVLLAGSYLAVLAERGAPGAQLITYPRALWWSVETAT
TVGYGDLYPVTLWGRLVAVVVMVAGITSFGLVTAALATWFVGQEQQQQQQFVRHSEKAAEEAYTRTTRALHERFDRLERM
LDDNRR
;
K,L,M,N
#
# COMPACT_ATOMS: atom_id res chain seq x y z
N ASP A 1 -3.72 -10.63 -25.75
CA ASP A 1 -5.08 -10.30 -26.23
C ASP A 1 -5.63 -11.33 -27.22
N ILE A 2 -6.11 -12.44 -26.70
CA ILE A 2 -6.66 -13.55 -27.49
C ILE A 2 -7.52 -13.22 -28.72
N GLN A 3 -7.37 -14.04 -29.78
CA GLN A 3 -8.10 -13.96 -31.07
C GLN A 3 -8.99 -15.21 -31.27
N MET A 4 -9.89 -15.21 -32.25
CA MET A 4 -10.73 -16.39 -32.48
C MET A 4 -11.09 -16.64 -33.94
N THR A 5 -11.03 -17.90 -34.35
CA THR A 5 -11.34 -18.25 -35.72
C THR A 5 -12.36 -19.38 -35.73
N GLN A 6 -13.60 -19.01 -36.03
CA GLN A 6 -14.69 -19.96 -36.08
C GLN A 6 -14.63 -20.65 -37.41
N SER A 7 -15.45 -21.68 -37.58
CA SER A 7 -15.49 -22.41 -38.85
C SER A 7 -16.71 -23.29 -39.07
N PRO A 8 -17.38 -23.09 -40.23
CA PRO A 8 -16.97 -22.08 -41.21
C PRO A 8 -17.94 -20.89 -41.22
N SER A 9 -17.81 -19.98 -42.19
CA SER A 9 -18.69 -18.83 -42.25
C SER A 9 -20.15 -19.24 -42.13
N SER A 10 -20.57 -20.15 -42.99
CA SER A 10 -21.95 -20.65 -42.98
C SER A 10 -21.91 -22.08 -43.50
N LEU A 11 -23.07 -22.71 -43.56
CA LEU A 11 -23.09 -24.08 -44.02
C LEU A 11 -24.47 -24.41 -44.51
N SER A 12 -24.62 -25.58 -45.11
CA SER A 12 -25.91 -26.02 -45.58
C SER A 12 -26.13 -27.45 -45.10
N ALA A 13 -27.39 -27.81 -44.85
CA ALA A 13 -27.70 -29.15 -44.40
C ALA A 13 -29.21 -29.25 -44.20
N SER A 14 -29.73 -30.46 -44.17
CA SER A 14 -31.16 -30.68 -43.97
C SER A 14 -31.38 -30.99 -42.51
N VAL A 15 -32.64 -31.13 -42.11
CA VAL A 15 -32.95 -31.43 -40.73
C VAL A 15 -32.60 -32.87 -40.44
N GLY A 16 -32.39 -33.21 -39.17
CA GLY A 16 -32.03 -34.56 -38.81
C GLY A 16 -30.55 -34.87 -39.00
N ASP A 17 -29.81 -33.93 -39.57
CA ASP A 17 -28.38 -34.11 -39.82
C ASP A 17 -27.52 -33.90 -38.57
N ARG A 18 -26.22 -34.05 -38.74
CA ARG A 18 -25.30 -33.87 -37.64
C ARG A 18 -24.37 -32.72 -38.02
N VAL A 19 -24.51 -31.58 -37.35
CA VAL A 19 -23.68 -30.43 -37.66
C VAL A 19 -22.62 -30.18 -36.59
N THR A 20 -21.40 -29.92 -37.04
CA THR A 20 -20.30 -29.68 -36.11
C THR A 20 -19.52 -28.42 -36.52
N ILE A 21 -19.41 -27.47 -35.59
CA ILE A 21 -18.70 -26.23 -35.88
C ILE A 21 -17.41 -26.19 -35.07
N THR A 22 -16.31 -25.91 -35.73
CA THR A 22 -15.03 -25.82 -35.03
C THR A 22 -14.30 -24.47 -34.98
N CYS A 23 -14.08 -23.95 -33.77
CA CYS A 23 -13.40 -22.66 -33.58
C CYS A 23 -12.09 -22.65 -32.83
N ARG A 24 -11.02 -22.43 -33.57
CA ARG A 24 -9.68 -22.44 -33.01
C ARG A 24 -9.17 -21.11 -32.44
N ALA A 25 -8.54 -21.16 -31.26
CA ALA A 25 -8.00 -19.97 -30.58
C ALA A 25 -6.55 -19.62 -30.84
N SER A 26 -6.22 -18.33 -30.72
CA SER A 26 -4.86 -17.84 -30.97
C SER A 26 -3.90 -18.05 -29.80
N GLN A 27 -4.44 -18.54 -28.70
CA GLN A 27 -3.63 -18.80 -27.51
C GLN A 27 -4.34 -19.80 -26.59
N ASP A 28 -3.68 -20.14 -25.49
CA ASP A 28 -4.25 -21.07 -24.52
C ASP A 28 -5.43 -20.52 -23.74
N VAL A 29 -6.61 -21.10 -23.98
CA VAL A 29 -7.82 -20.66 -23.28
C VAL A 29 -7.65 -22.04 -22.66
N ASN A 30 -8.33 -22.28 -21.55
CA ASN A 30 -8.24 -23.55 -20.85
C ASN A 30 -9.60 -24.07 -21.31
N THR A 31 -10.67 -23.54 -20.71
CA THR A 31 -12.02 -23.94 -21.05
C THR A 31 -13.09 -22.87 -20.86
N ALA A 32 -12.68 -21.61 -20.97
CA ALA A 32 -13.61 -20.50 -20.81
C ALA A 32 -14.37 -20.06 -22.06
N VAL A 33 -14.47 -20.96 -23.02
CA VAL A 33 -15.19 -20.68 -24.26
C VAL A 33 -16.67 -20.98 -24.13
N ALA A 34 -17.50 -20.17 -24.79
CA ALA A 34 -18.95 -20.35 -24.75
C ALA A 34 -19.54 -20.28 -26.15
N TRP A 35 -20.72 -20.88 -26.26
CA TRP A 35 -21.44 -20.95 -27.52
C TRP A 35 -22.75 -20.21 -27.43
N TYR A 36 -23.08 -19.48 -28.49
CA TYR A 36 -24.34 -18.77 -28.53
C TYR A 36 -25.00 -18.97 -29.87
N GLN A 37 -26.31 -19.11 -29.84
CA GLN A 37 -27.11 -19.30 -31.04
C GLN A 37 -27.95 -18.05 -31.15
N GLN A 38 -27.78 -17.28 -32.21
CA GLN A 38 -28.56 -16.07 -32.33
C GLN A 38 -29.56 -16.18 -33.46
N LYS A 39 -30.84 -15.93 -33.19
CA LYS A 39 -31.86 -16.00 -34.24
C LYS A 39 -32.14 -14.60 -34.78
N PRO A 40 -31.63 -14.28 -35.99
CA PRO A 40 -31.81 -12.97 -36.63
C PRO A 40 -32.93 -12.15 -36.04
N GLY A 41 -32.57 -11.00 -35.47
CA GLY A 41 -33.56 -10.13 -34.84
C GLY A 41 -33.35 -9.95 -33.35
N LYS A 42 -33.51 -11.04 -32.59
CA LYS A 42 -33.35 -11.03 -31.13
C LYS A 42 -31.87 -11.14 -30.72
N ALA A 43 -31.62 -11.19 -29.41
CA ALA A 43 -30.26 -11.28 -28.93
C ALA A 43 -29.76 -12.72 -28.89
N PRO A 44 -28.44 -12.92 -28.72
CA PRO A 44 -27.87 -14.28 -28.66
C PRO A 44 -28.40 -15.08 -27.47
N LYS A 45 -28.32 -16.40 -27.59
CA LYS A 45 -28.80 -17.30 -26.53
C LYS A 45 -27.60 -18.16 -26.12
N LEU A 46 -27.50 -18.45 -24.83
CA LEU A 46 -26.38 -19.22 -24.32
C LEU A 46 -26.58 -20.69 -24.44
N LEU A 47 -25.61 -21.34 -25.04
CA LEU A 47 -25.63 -22.79 -25.28
C LEU A 47 -24.69 -23.60 -24.41
N ILE A 48 -23.40 -23.32 -24.54
CA ILE A 48 -22.40 -24.04 -23.78
C ILE A 48 -21.46 -23.06 -23.11
N TYR A 49 -21.19 -23.25 -21.82
CA TYR A 49 -20.33 -22.30 -21.11
C TYR A 49 -18.92 -22.76 -20.74
N SER A 50 -18.77 -23.82 -19.97
CA SER A 50 -17.43 -24.29 -19.72
C SER A 50 -17.51 -24.81 -21.12
N ALA A 51 -16.47 -24.74 -21.95
CA ALA A 51 -16.69 -25.26 -23.30
C ALA A 51 -17.27 -26.69 -23.24
N SER A 52 -17.33 -27.21 -22.01
CA SER A 52 -17.79 -28.54 -21.67
C SER A 52 -19.30 -28.72 -21.46
N PHE A 53 -19.89 -28.09 -20.43
CA PHE A 53 -21.32 -28.22 -20.09
C PHE A 53 -22.24 -27.15 -20.68
N LEU A 54 -23.51 -27.52 -20.89
CA LEU A 54 -24.50 -26.62 -21.50
C LEU A 54 -25.42 -25.86 -20.53
N GLU A 55 -25.99 -24.74 -21.00
CA GLU A 55 -26.87 -23.88 -20.18
C GLU A 55 -27.99 -24.70 -19.57
N SER A 56 -28.66 -24.15 -18.56
CA SER A 56 -29.72 -24.87 -17.88
C SER A 56 -31.08 -24.84 -18.59
N GLY A 57 -31.07 -24.98 -19.91
CA GLY A 57 -32.33 -24.99 -20.63
C GLY A 57 -32.11 -25.14 -22.12
N VAL A 58 -31.10 -25.93 -22.46
CA VAL A 58 -30.72 -26.12 -23.84
C VAL A 58 -31.03 -27.53 -24.34
N PRO A 59 -31.36 -27.66 -25.64
CA PRO A 59 -31.67 -28.96 -26.24
C PRO A 59 -30.50 -29.90 -25.99
N SER A 60 -30.78 -31.15 -25.61
CA SER A 60 -29.72 -32.11 -25.34
C SER A 60 -28.90 -32.42 -26.58
N ARG A 61 -29.37 -31.97 -27.73
CA ARG A 61 -28.69 -32.21 -29.00
C ARG A 61 -27.50 -31.29 -29.29
N PHE A 62 -27.09 -30.51 -28.29
CA PHE A 62 -25.96 -29.59 -28.42
C PHE A 62 -24.78 -30.05 -27.56
N SER A 63 -23.66 -30.35 -28.22
CA SER A 63 -22.49 -30.86 -27.51
C SER A 63 -21.25 -30.04 -27.70
N GLY A 64 -20.47 -29.93 -26.63
CA GLY A 64 -19.24 -29.16 -26.67
C GLY A 64 -18.02 -30.03 -26.50
N SER A 65 -16.98 -29.71 -27.26
CA SER A 65 -15.72 -30.45 -27.23
C SER A 65 -14.51 -29.55 -27.13
N ARG A 66 -13.38 -30.16 -26.81
CA ARG A 66 -12.19 -29.39 -26.71
C ARG A 66 -10.88 -30.12 -26.92
N SER A 67 -10.01 -29.45 -27.66
CA SER A 67 -8.69 -29.97 -27.98
C SER A 67 -7.64 -28.97 -27.51
N GLY A 68 -7.78 -28.54 -26.27
CA GLY A 68 -6.84 -27.61 -25.70
C GLY A 68 -6.96 -26.22 -26.27
N THR A 69 -6.87 -26.12 -27.61
CA THR A 69 -6.96 -24.84 -28.34
C THR A 69 -8.15 -24.81 -29.29
N ASP A 70 -8.53 -25.99 -29.77
CA ASP A 70 -9.64 -26.10 -30.71
C ASP A 70 -10.92 -26.54 -30.01
N PHE A 71 -12.01 -25.82 -30.24
CA PHE A 71 -13.29 -26.16 -29.64
C PHE A 71 -14.26 -26.45 -30.77
N THR A 72 -15.25 -27.32 -30.51
CA THR A 72 -16.18 -27.63 -31.57
C THR A 72 -17.59 -27.91 -31.07
N LEU A 73 -18.54 -27.08 -31.51
CA LEU A 73 -19.92 -27.27 -31.12
C LEU A 73 -20.52 -28.29 -32.06
N THR A 74 -21.32 -29.19 -31.52
CA THR A 74 -21.92 -30.24 -32.35
C THR A 74 -23.40 -30.47 -32.07
N ILE A 75 -24.19 -30.52 -33.14
CA ILE A 75 -25.62 -30.74 -33.04
C ILE A 75 -26.04 -32.06 -33.68
N SER A 76 -26.25 -33.08 -32.86
CA SER A 76 -26.69 -34.35 -33.41
C SER A 76 -28.17 -34.17 -33.60
N SER A 77 -28.75 -34.82 -34.60
CA SER A 77 -30.18 -34.70 -34.84
C SER A 77 -30.68 -33.25 -34.94
N LEU A 78 -30.09 -32.51 -35.88
CA LEU A 78 -30.45 -31.12 -36.15
C LEU A 78 -31.95 -31.00 -36.35
N GLN A 79 -32.59 -30.17 -35.55
CA GLN A 79 -34.02 -29.98 -35.66
C GLN A 79 -34.42 -28.98 -36.74
N PRO A 80 -35.74 -28.67 -36.83
CA PRO A 80 -36.20 -27.72 -37.83
C PRO A 80 -36.19 -26.26 -37.34
N GLU A 81 -35.86 -26.05 -36.06
CA GLU A 81 -35.84 -24.70 -35.50
C GLU A 81 -34.45 -24.25 -35.09
N ASP A 82 -33.43 -24.99 -35.50
CA ASP A 82 -32.05 -24.68 -35.14
C ASP A 82 -31.39 -23.88 -36.26
N PHE A 83 -32.20 -23.04 -36.87
CA PHE A 83 -31.70 -22.24 -37.96
C PHE A 83 -31.33 -20.87 -37.53
N ALA A 84 -30.09 -20.74 -37.10
CA ALA A 84 -29.65 -19.45 -36.65
C ALA A 84 -28.20 -19.27 -36.95
N THR A 85 -27.67 -18.17 -36.43
CA THR A 85 -26.28 -17.85 -36.58
C THR A 85 -25.67 -18.29 -35.25
N TYR A 86 -24.45 -18.81 -35.32
CA TYR A 86 -23.77 -19.32 -34.14
C TYR A 86 -22.47 -18.58 -33.85
N TYR A 87 -22.34 -18.14 -32.60
CA TYR A 87 -21.14 -17.44 -32.18
C TYR A 87 -20.38 -18.18 -31.08
N CYS A 88 -19.10 -18.29 -31.33
CA CYS A 88 -18.17 -18.95 -30.46
C CYS A 88 -17.46 -17.82 -29.77
N GLN A 89 -17.58 -17.77 -28.45
CA GLN A 89 -16.90 -16.72 -27.68
C GLN A 89 -16.01 -17.36 -26.63
N GLN A 90 -15.03 -16.61 -26.12
CA GLN A 90 -14.14 -17.13 -25.08
C GLN A 90 -14.18 -16.13 -23.92
N TYR A 91 -13.85 -16.56 -22.69
CA TYR A 91 -13.80 -15.64 -21.52
C TYR A 91 -12.68 -15.84 -20.50
N TYR A 92 -11.55 -16.29 -21.03
CA TYR A 92 -10.34 -16.59 -20.31
C TYR A 92 -9.39 -15.39 -20.25
N SER A 93 -9.21 -14.74 -21.38
CA SER A 93 -8.30 -13.61 -21.43
C SER A 93 -8.45 -12.54 -20.36
N TYR A 94 -7.39 -11.81 -20.09
CA TYR A 94 -7.50 -10.70 -19.15
C TYR A 94 -7.74 -9.29 -19.82
N SER A 95 -8.00 -9.26 -21.13
CA SER A 95 -8.52 -8.01 -21.74
C SER A 95 -9.78 -8.78 -21.57
N ALA A 96 -10.59 -8.32 -20.62
CA ALA A 96 -11.57 -9.16 -19.95
C ALA A 96 -12.96 -9.58 -19.56
N PRO A 97 -13.50 -10.55 -20.30
CA PRO A 97 -12.78 -11.15 -21.43
C PRO A 97 -13.70 -11.79 -22.45
N VAL A 98 -14.25 -10.98 -23.34
CA VAL A 98 -15.26 -11.44 -24.28
C VAL A 98 -14.41 -11.28 -25.49
N THR A 99 -14.73 -12.16 -26.42
CA THR A 99 -14.14 -12.25 -27.74
C THR A 99 -15.05 -13.29 -28.37
N PHE A 100 -15.52 -13.01 -29.56
CA PHE A 100 -16.42 -13.92 -30.22
C PHE A 100 -15.70 -14.22 -31.53
N GLY A 101 -16.22 -15.15 -32.32
CA GLY A 101 -15.56 -15.41 -33.58
C GLY A 101 -16.37 -14.87 -34.74
N GLN A 102 -15.88 -15.11 -35.95
CA GLN A 102 -16.62 -14.71 -37.14
C GLN A 102 -17.65 -15.81 -36.91
N GLY A 103 -18.95 -15.53 -36.90
CA GLY A 103 -19.89 -16.62 -36.63
C GLY A 103 -20.23 -17.57 -37.75
N THR A 104 -20.90 -18.67 -37.41
CA THR A 104 -21.35 -19.64 -38.42
C THR A 104 -22.85 -19.47 -38.58
N LYS A 105 -23.34 -19.39 -39.82
CA LYS A 105 -24.78 -19.24 -40.03
C LYS A 105 -25.31 -20.51 -40.67
N VAL A 106 -26.10 -21.25 -39.89
CA VAL A 106 -26.69 -22.51 -40.32
C VAL A 106 -28.03 -22.36 -40.98
N GLU A 107 -28.04 -22.36 -42.31
CA GLU A 107 -29.26 -22.24 -43.09
C GLU A 107 -29.63 -23.65 -43.54
N ILE A 108 -30.89 -23.89 -43.90
CA ILE A 108 -31.21 -25.25 -44.31
C ILE A 108 -31.29 -25.52 -45.82
N LYS A 109 -30.82 -26.70 -46.20
CA LYS A 109 -30.79 -27.11 -47.60
C LYS A 109 -31.93 -28.00 -48.04
N ARG A 110 -32.90 -27.43 -48.75
CA ARG A 110 -34.06 -28.16 -49.26
C ARG A 110 -33.96 -28.28 -50.81
N THR A 111 -34.99 -28.91 -51.39
CA THR A 111 -35.12 -29.14 -52.84
C THR A 111 -35.10 -27.85 -53.64
N VAL A 112 -34.61 -27.90 -54.87
CA VAL A 112 -34.59 -26.69 -55.69
C VAL A 112 -36.02 -26.21 -55.88
N ALA A 113 -36.21 -24.90 -55.88
CA ALA A 113 -37.56 -24.36 -56.07
C ALA A 113 -37.56 -23.40 -57.24
N ALA A 114 -38.72 -22.79 -57.49
CA ALA A 114 -38.90 -21.84 -58.58
C ALA A 114 -39.44 -20.50 -58.07
N PRO A 115 -38.81 -19.37 -58.50
CA PRO A 115 -39.31 -18.07 -58.01
C PRO A 115 -40.88 -17.79 -58.46
N SER A 116 -41.95 -17.84 -57.49
CA SER A 116 -43.49 -17.55 -57.67
C SER A 116 -43.64 -16.05 -57.75
N VAL A 117 -43.72 -15.60 -58.98
CA VAL A 117 -43.76 -14.20 -59.33
C VAL A 117 -45.11 -13.46 -59.25
N PHE A 118 -45.03 -12.17 -58.99
CA PHE A 118 -46.18 -11.30 -58.90
C PHE A 118 -45.61 -9.95 -59.23
N ILE A 119 -46.36 -9.10 -59.90
CA ILE A 119 -45.80 -7.79 -60.16
C ILE A 119 -46.73 -6.76 -59.54
N PHE A 120 -46.22 -5.55 -59.35
CA PHE A 120 -47.00 -4.48 -58.75
C PHE A 120 -46.74 -3.19 -59.52
N PRO A 121 -47.81 -2.57 -60.05
CA PRO A 121 -47.70 -1.33 -60.83
C PRO A 121 -47.45 -0.19 -59.87
N PRO A 122 -46.81 0.89 -60.34
CA PRO A 122 -46.54 2.02 -59.44
C PRO A 122 -47.84 2.56 -58.83
N SER A 123 -47.88 2.78 -57.53
CA SER A 123 -49.09 3.30 -56.90
C SER A 123 -49.41 4.62 -57.57
N ASP A 124 -50.68 4.98 -57.56
CA ASP A 124 -51.17 6.19 -58.19
C ASP A 124 -50.67 7.47 -57.50
N GLU A 125 -50.69 7.45 -56.18
CA GLU A 125 -50.29 8.60 -55.39
C GLU A 125 -48.79 8.69 -55.32
N GLN A 126 -48.12 7.66 -55.83
CA GLN A 126 -46.67 7.64 -55.82
C GLN A 126 -46.26 8.31 -57.11
N LEU A 127 -47.25 8.54 -57.96
CA LEU A 127 -47.01 9.23 -59.21
C LEU A 127 -47.62 10.59 -59.03
N LYS A 128 -48.00 10.88 -57.78
CA LYS A 128 -48.56 12.18 -57.46
C LYS A 128 -47.43 12.99 -56.86
N SER A 129 -46.31 12.31 -56.70
CA SER A 129 -45.09 12.93 -56.21
C SER A 129 -44.28 12.86 -57.50
N GLY A 130 -42.97 12.99 -57.42
CA GLY A 130 -42.21 12.95 -58.66
C GLY A 130 -41.71 11.66 -59.28
N THR A 131 -41.83 10.52 -58.61
CA THR A 131 -41.28 9.29 -59.18
C THR A 131 -42.23 8.10 -59.12
N ALA A 132 -42.10 7.18 -60.09
CA ALA A 132 -42.92 5.97 -60.15
C ALA A 132 -42.05 4.73 -59.89
N SER A 133 -42.60 3.74 -59.18
CA SER A 133 -41.84 2.54 -58.82
C SER A 133 -42.54 1.20 -59.05
N VAL A 134 -42.07 0.47 -60.06
CA VAL A 134 -42.61 -0.86 -60.37
C VAL A 134 -41.90 -1.84 -59.46
N VAL A 135 -42.55 -2.95 -59.12
CA VAL A 135 -41.91 -3.88 -58.21
C VAL A 135 -42.30 -5.34 -58.34
N CYS A 136 -41.30 -6.17 -58.67
CA CYS A 136 -41.53 -7.60 -58.82
C CYS A 136 -41.39 -8.27 -57.44
N LEU A 137 -41.99 -9.44 -57.28
CA LEU A 137 -41.90 -10.16 -56.03
C LEU A 137 -41.84 -11.62 -56.36
N LEU A 138 -40.87 -12.33 -55.78
CA LEU A 138 -40.71 -13.78 -55.96
C LEU A 138 -41.20 -14.14 -54.57
N ASN A 139 -42.01 -15.16 -54.39
CA ASN A 139 -42.50 -15.30 -53.04
C ASN A 139 -41.95 -16.24 -52.00
N ASN A 140 -41.85 -17.53 -52.28
CA ASN A 140 -41.29 -18.43 -51.28
C ASN A 140 -40.53 -19.43 -52.07
N PHE A 141 -39.24 -19.22 -52.23
CA PHE A 141 -38.51 -20.16 -53.06
C PHE A 141 -37.26 -20.74 -52.54
N TYR A 142 -36.70 -21.72 -53.21
CA TYR A 142 -35.43 -22.18 -52.55
C TYR A 142 -34.37 -22.89 -53.45
N PRO A 143 -33.09 -22.22 -53.45
CA PRO A 143 -31.75 -21.80 -53.70
C PRO A 143 -32.04 -20.31 -53.80
N ARG A 144 -31.30 -19.58 -53.01
CA ARG A 144 -31.51 -18.18 -53.06
C ARG A 144 -30.94 -17.65 -54.40
N GLU A 145 -30.76 -18.53 -55.37
CA GLU A 145 -30.21 -18.10 -56.65
C GLU A 145 -31.38 -17.70 -57.52
N ALA A 146 -31.48 -16.42 -57.82
CA ALA A 146 -32.54 -15.92 -58.66
C ALA A 146 -32.05 -14.70 -59.41
N LYS A 147 -32.40 -14.63 -60.68
CA LYS A 147 -32.03 -13.52 -61.54
C LYS A 147 -33.28 -12.90 -62.16
N VAL A 148 -33.74 -11.81 -61.55
CA VAL A 148 -34.90 -11.11 -62.02
C VAL A 148 -34.44 -9.89 -62.83
N GLN A 149 -34.74 -9.90 -64.14
CA GLN A 149 -34.38 -8.82 -65.06
C GLN A 149 -35.64 -8.08 -65.49
N TRP A 150 -35.51 -6.79 -65.76
CA TRP A 150 -36.71 -6.07 -66.14
C TRP A 150 -36.72 -5.75 -67.62
N LYS A 151 -37.89 -5.32 -68.10
CA LYS A 151 -38.11 -4.96 -69.50
C LYS A 151 -39.24 -3.95 -69.68
N VAL A 152 -38.90 -2.76 -70.16
CA VAL A 152 -39.88 -1.71 -70.43
C VAL A 152 -40.13 -1.74 -71.94
N ASP A 153 -41.26 -2.34 -72.31
CA ASP A 153 -41.60 -2.49 -73.71
C ASP A 153 -40.57 -3.44 -74.30
N ASN A 154 -40.43 -4.58 -73.61
CA ASN A 154 -39.53 -5.66 -73.97
C ASN A 154 -38.06 -5.27 -74.18
N ALA A 155 -37.69 -4.09 -73.69
CA ALA A 155 -36.32 -3.59 -73.78
C ALA A 155 -35.75 -3.70 -72.37
N LEU A 156 -34.61 -4.36 -72.25
CA LEU A 156 -33.96 -4.57 -70.94
C LEU A 156 -33.54 -3.29 -70.23
N GLN A 157 -33.82 -3.23 -68.93
CA GLN A 157 -33.44 -2.09 -68.14
C GLN A 157 -32.21 -2.46 -67.31
N SER A 158 -31.31 -1.48 -67.12
CA SER A 158 -30.06 -1.69 -66.39
C SER A 158 -29.73 -0.75 -65.21
N GLY A 159 -29.22 -1.35 -64.14
CA GLY A 159 -28.82 -0.59 -62.96
C GLY A 159 -29.82 0.31 -62.24
N ASN A 160 -31.12 0.08 -62.38
CA ASN A 160 -32.11 0.91 -61.69
C ASN A 160 -32.95 0.09 -60.72
N SER A 161 -32.75 -1.22 -60.77
CA SER A 161 -33.48 -2.13 -59.89
C SER A 161 -32.61 -2.57 -58.71
N GLN A 162 -33.18 -2.49 -57.51
CA GLN A 162 -32.47 -2.91 -56.29
C GLN A 162 -33.17 -4.16 -55.76
N GLU A 163 -32.39 -5.16 -55.36
CA GLU A 163 -32.97 -6.40 -54.83
C GLU A 163 -32.65 -6.65 -53.35
N SER A 164 -33.55 -7.36 -52.68
CA SER A 164 -33.35 -7.68 -51.27
C SER A 164 -34.17 -8.92 -50.96
N VAL A 165 -33.51 -9.91 -50.36
CA VAL A 165 -34.14 -11.18 -50.04
C VAL A 165 -34.46 -11.38 -48.58
N THR A 166 -35.58 -12.04 -48.29
CA THR A 166 -35.95 -12.33 -46.91
C THR A 166 -34.87 -13.28 -46.36
N GLU A 167 -34.96 -13.61 -45.07
CA GLU A 167 -33.99 -14.53 -44.49
C GLU A 167 -34.72 -15.85 -44.51
N GLN A 168 -33.99 -16.94 -44.69
CA GLN A 168 -34.62 -18.25 -44.75
C GLN A 168 -35.71 -18.37 -43.67
N ASP A 169 -36.87 -18.88 -44.05
CA ASP A 169 -38.01 -19.04 -43.14
C ASP A 169 -37.87 -20.15 -42.07
N SER A 170 -38.52 -19.93 -40.94
CA SER A 170 -38.48 -20.86 -39.81
C SER A 170 -39.25 -22.16 -40.09
N LYS A 171 -40.17 -22.14 -41.04
CA LYS A 171 -40.94 -23.33 -41.38
C LYS A 171 -40.73 -23.76 -42.84
N ASP A 172 -40.97 -22.84 -43.77
CA ASP A 172 -40.82 -23.06 -45.22
C ASP A 172 -39.37 -23.19 -45.63
N SER A 173 -38.50 -22.44 -44.96
CA SER A 173 -37.07 -22.44 -45.25
C SER A 173 -36.88 -21.92 -46.66
N THR A 174 -37.80 -21.05 -47.08
CA THR A 174 -37.77 -20.49 -48.40
C THR A 174 -37.39 -19.02 -48.45
N TYR A 175 -36.50 -18.73 -49.39
CA TYR A 175 -36.00 -17.39 -49.63
C TYR A 175 -36.96 -16.63 -50.54
N SER A 176 -37.17 -15.36 -50.26
CA SER A 176 -38.07 -14.56 -51.07
C SER A 176 -37.33 -13.34 -51.58
N LEU A 177 -37.16 -13.26 -52.88
CA LEU A 177 -36.46 -12.13 -53.47
C LEU A 177 -37.47 -11.02 -53.79
N SER A 178 -36.98 -9.80 -53.88
CA SER A 178 -37.78 -8.64 -54.21
C SER A 178 -36.96 -7.78 -55.14
N SER A 179 -37.57 -7.34 -56.23
CA SER A 179 -36.87 -6.51 -57.20
C SER A 179 -37.71 -5.23 -57.30
N THR A 180 -37.05 -4.07 -57.29
CA THR A 180 -37.74 -2.79 -57.37
C THR A 180 -37.25 -1.94 -58.53
N LEU A 181 -38.13 -1.73 -59.51
CA LEU A 181 -37.82 -0.97 -60.70
C LEU A 181 -38.34 0.46 -60.57
N THR A 182 -37.46 1.40 -60.28
CA THR A 182 -37.86 2.79 -60.10
C THR A 182 -37.50 3.63 -61.32
N LEU A 183 -38.38 4.58 -61.65
CA LEU A 183 -38.16 5.48 -62.77
C LEU A 183 -39.03 6.70 -62.58
N SER A 184 -38.48 7.87 -62.90
CA SER A 184 -39.23 9.12 -62.76
C SER A 184 -40.51 9.00 -63.58
N LYS A 185 -41.64 9.44 -63.02
CA LYS A 185 -42.93 9.36 -63.71
C LYS A 185 -42.78 9.61 -65.20
N ALA A 186 -42.13 10.73 -65.54
CA ALA A 186 -41.88 11.12 -66.92
C ALA A 186 -41.47 9.92 -67.79
N ASP A 187 -40.38 9.25 -67.42
CA ASP A 187 -39.87 8.09 -68.16
C ASP A 187 -40.71 6.83 -67.95
N TYR A 188 -41.63 6.89 -66.99
CA TYR A 188 -42.51 5.77 -66.71
C TYR A 188 -43.69 5.78 -67.67
N GLU A 189 -44.07 6.99 -68.10
CA GLU A 189 -45.18 7.19 -69.04
C GLU A 189 -44.66 7.17 -70.47
N LYS A 190 -43.34 7.36 -70.61
CA LYS A 190 -42.64 7.37 -71.89
C LYS A 190 -42.66 5.97 -72.53
N HIS A 191 -43.16 4.99 -71.78
CA HIS A 191 -43.25 3.61 -72.26
C HIS A 191 -44.61 3.04 -71.84
N LYS A 192 -44.92 1.81 -72.25
CA LYS A 192 -46.24 1.25 -71.92
C LYS A 192 -46.36 -0.23 -71.50
N VAL A 193 -45.30 -1.00 -71.71
CA VAL A 193 -45.32 -2.43 -71.36
C VAL A 193 -44.26 -2.86 -70.34
N TYR A 194 -44.60 -2.82 -69.05
CA TYR A 194 -43.66 -3.18 -67.99
C TYR A 194 -43.68 -4.65 -67.60
N ALA A 195 -42.61 -5.38 -67.93
CA ALA A 195 -42.49 -6.81 -67.63
C ALA A 195 -41.34 -7.17 -66.68
N CYS A 196 -41.54 -8.24 -65.91
CA CYS A 196 -40.53 -8.70 -64.94
C CYS A 196 -39.99 -10.10 -65.21
N GLU A 197 -38.81 -10.18 -65.84
CA GLU A 197 -38.14 -11.46 -66.17
C GLU A 197 -37.59 -12.21 -64.96
N VAL A 198 -38.01 -13.46 -64.76
CA VAL A 198 -37.54 -14.26 -63.63
C VAL A 198 -36.94 -15.60 -64.03
N THR A 199 -35.65 -15.77 -63.82
CA THR A 199 -35.01 -17.04 -64.13
C THR A 199 -34.80 -17.71 -62.79
N HIS A 200 -34.37 -18.98 -62.78
CA HIS A 200 -34.16 -19.65 -61.51
C HIS A 200 -33.76 -21.09 -61.65
N GLN A 201 -33.33 -21.65 -60.53
CA GLN A 201 -32.89 -23.03 -60.40
C GLN A 201 -33.98 -24.08 -60.67
N GLY A 202 -35.23 -23.76 -60.33
CA GLY A 202 -36.33 -24.69 -60.54
C GLY A 202 -37.40 -24.20 -61.49
N LEU A 203 -36.99 -23.45 -62.51
CA LEU A 203 -37.95 -22.93 -63.46
C LEU A 203 -37.74 -23.41 -64.88
N SER A 204 -38.60 -24.32 -65.32
CA SER A 204 -38.55 -24.82 -66.69
C SER A 204 -38.58 -23.58 -67.58
N SER A 205 -39.72 -22.90 -67.55
CA SER A 205 -39.90 -21.71 -68.35
C SER A 205 -39.77 -20.49 -67.46
N PRO A 206 -38.82 -19.60 -67.77
CA PRO A 206 -38.62 -18.37 -66.97
C PRO A 206 -39.93 -17.58 -66.76
N VAL A 207 -40.61 -17.79 -65.63
CA VAL A 207 -41.88 -17.09 -65.35
C VAL A 207 -41.76 -15.58 -65.60
N THR A 208 -42.59 -15.05 -66.48
CA THR A 208 -42.52 -13.63 -66.79
C THR A 208 -43.80 -12.86 -66.56
N LYS A 209 -43.97 -12.38 -65.33
CA LYS A 209 -45.15 -11.61 -65.01
C LYS A 209 -45.00 -10.20 -65.60
N SER A 210 -46.12 -9.51 -65.76
CA SER A 210 -46.14 -8.15 -66.29
C SER A 210 -47.58 -7.56 -66.35
N PHE A 211 -47.71 -6.24 -66.41
CA PHE A 211 -49.04 -5.61 -66.44
C PHE A 211 -49.17 -4.60 -67.61
N ASN A 212 -50.38 -4.08 -67.83
CA ASN A 212 -50.66 -3.12 -68.91
C ASN A 212 -51.12 -1.80 -68.31
N ARG A 213 -50.22 -0.83 -68.29
CA ARG A 213 -50.49 0.47 -67.70
C ARG A 213 -51.87 1.11 -67.89
N GLY A 214 -52.44 1.59 -66.77
CA GLY A 214 -53.74 2.24 -66.75
C GLY A 214 -54.93 1.34 -66.99
N GLU A 215 -54.66 0.12 -67.48
CA GLU A 215 -55.71 -0.85 -67.81
C GLU A 215 -55.61 -2.19 -67.07
N GLU B 1 -37.63 -12.02 -11.03
CA GLU B 1 -37.53 -12.49 -12.44
C GLU B 1 -36.60 -11.62 -13.29
N VAL B 2 -35.34 -12.05 -13.46
CA VAL B 2 -34.31 -11.31 -14.21
C VAL B 2 -34.57 -10.91 -15.65
N GLN B 3 -33.93 -9.82 -16.05
CA GLN B 3 -33.96 -9.27 -17.41
C GLN B 3 -33.16 -7.95 -17.48
N LEU B 4 -32.72 -7.55 -18.66
CA LEU B 4 -31.95 -6.31 -18.84
C LEU B 4 -32.63 -5.36 -19.79
N VAL B 5 -32.28 -4.08 -19.72
CA VAL B 5 -32.97 -3.10 -20.56
C VAL B 5 -32.11 -1.98 -21.13
N GLU B 6 -31.53 -2.18 -22.30
CA GLU B 6 -30.71 -1.13 -22.90
C GLU B 6 -31.62 0.04 -23.25
N SER B 7 -31.10 1.26 -23.17
CA SER B 7 -31.88 2.45 -23.49
C SER B 7 -30.99 3.62 -23.82
N GLY B 8 -31.40 4.47 -24.75
CA GLY B 8 -30.59 5.63 -25.06
C GLY B 8 -30.04 5.69 -26.47
N GLY B 9 -30.00 4.54 -27.11
CA GLY B 9 -29.51 4.55 -28.46
C GLY B 9 -30.32 5.58 -29.22
N GLY B 10 -29.76 6.11 -30.29
CA GLY B 10 -30.47 7.10 -31.10
C GLY B 10 -29.76 7.44 -32.40
N LEU B 11 -29.87 8.70 -32.79
CA LEU B 11 -29.24 9.18 -34.00
C LEU B 11 -28.29 10.32 -33.66
N VAL B 12 -27.05 10.21 -34.09
CA VAL B 12 -26.06 11.23 -33.80
C VAL B 12 -25.08 11.46 -34.93
N GLN B 13 -24.93 12.71 -35.35
CA GLN B 13 -23.98 13.06 -36.41
C GLN B 13 -22.60 12.59 -35.92
N PRO B 14 -21.71 12.21 -36.83
CA PRO B 14 -20.37 11.75 -36.46
C PRO B 14 -19.63 12.62 -35.45
N GLY B 15 -18.81 11.95 -34.61
CA GLY B 15 -18.03 12.62 -33.57
C GLY B 15 -18.85 13.34 -32.53
N GLY B 16 -20.00 12.76 -32.23
CA GLY B 16 -20.92 13.34 -31.27
C GLY B 16 -20.83 12.66 -29.93
N SER B 17 -21.94 12.54 -29.22
CA SER B 17 -21.92 11.90 -27.90
C SER B 17 -23.20 11.15 -27.63
N LEU B 18 -23.12 10.09 -26.83
CA LEU B 18 -24.27 9.28 -26.50
C LEU B 18 -24.07 8.55 -25.18
N ARG B 19 -25.16 8.25 -24.50
CA ARG B 19 -25.07 7.55 -23.22
C ARG B 19 -26.10 6.44 -23.21
N LEU B 20 -25.65 5.20 -23.20
CA LEU B 20 -26.61 4.12 -23.17
C LEU B 20 -26.76 3.73 -21.72
N SER B 21 -27.90 3.18 -21.33
CA SER B 21 -28.11 2.80 -19.94
C SER B 21 -28.63 1.38 -19.89
N CYS B 22 -27.94 0.51 -19.20
CA CYS B 22 -28.37 -0.87 -19.16
C CYS B 22 -29.14 -1.16 -17.90
N ALA B 23 -30.36 -0.66 -17.79
CA ALA B 23 -31.18 -0.91 -16.59
C ALA B 23 -31.35 -2.42 -16.24
N ALA B 24 -30.80 -2.84 -15.11
CA ALA B 24 -30.89 -4.25 -14.71
C ALA B 24 -32.10 -4.49 -13.86
N SER B 25 -32.59 -5.73 -13.85
CA SER B 25 -33.80 -5.98 -13.09
C SER B 25 -34.06 -7.38 -12.57
N GLY B 26 -33.14 -7.96 -11.83
CA GLY B 26 -33.42 -9.28 -11.30
C GLY B 26 -32.35 -9.62 -10.31
N PHE B 27 -31.29 -8.84 -10.33
CA PHE B 27 -30.14 -9.05 -9.49
C PHE B 27 -29.56 -7.72 -9.08
N ASN B 28 -28.60 -7.73 -8.16
CA ASN B 28 -27.97 -6.46 -7.83
C ASN B 28 -26.73 -6.45 -8.68
N ILE B 29 -26.58 -5.42 -9.50
CA ILE B 29 -25.42 -5.34 -10.35
C ILE B 29 -24.28 -5.19 -9.39
N SER B 30 -24.60 -5.17 -8.10
CA SER B 30 -23.55 -4.93 -7.12
C SER B 30 -22.53 -6.00 -7.18
N SER B 31 -22.99 -7.22 -7.35
CA SER B 31 -22.09 -8.34 -7.37
C SER B 31 -22.05 -9.00 -8.70
N TYR B 32 -22.30 -8.25 -9.76
CA TYR B 32 -22.22 -8.88 -11.05
C TYR B 32 -21.43 -7.99 -11.95
N SER B 33 -21.17 -8.46 -13.15
CA SER B 33 -20.42 -7.67 -14.10
C SER B 33 -21.27 -7.42 -15.35
N ILE B 34 -21.32 -6.19 -15.86
CA ILE B 34 -22.12 -5.84 -17.06
C ILE B 34 -21.32 -5.62 -18.35
N HIS B 35 -21.67 -6.35 -19.39
CA HIS B 35 -20.95 -6.20 -20.62
C HIS B 35 -21.72 -5.38 -21.58
N TRP B 36 -21.03 -4.79 -22.52
CA TRP B 36 -21.69 -4.05 -23.56
C TRP B 36 -21.18 -4.69 -24.84
N VAL B 37 -22.06 -5.38 -25.54
CA VAL B 37 -21.68 -6.03 -26.77
C VAL B 37 -22.54 -5.52 -27.91
N ARG B 38 -21.90 -4.80 -28.83
CA ARG B 38 -22.57 -4.20 -29.98
C ARG B 38 -22.31 -5.00 -31.22
N GLN B 39 -23.40 -5.30 -31.93
CA GLN B 39 -23.34 -6.01 -33.18
C GLN B 39 -23.43 -4.87 -34.14
N ALA B 40 -22.76 -4.96 -35.28
CA ALA B 40 -22.82 -3.90 -36.25
C ALA B 40 -24.15 -4.08 -36.89
N PRO B 41 -24.41 -3.34 -37.98
CA PRO B 41 -25.71 -3.53 -38.63
C PRO B 41 -25.42 -4.58 -39.69
N GLY B 42 -25.97 -5.77 -39.53
CA GLY B 42 -25.75 -6.79 -40.53
C GLY B 42 -24.36 -7.37 -40.59
N LYS B 43 -23.55 -7.13 -39.58
CA LYS B 43 -22.21 -7.71 -39.53
C LYS B 43 -22.20 -8.57 -38.27
N GLY B 44 -21.05 -9.15 -37.90
CA GLY B 44 -21.01 -10.00 -36.72
C GLY B 44 -20.91 -9.36 -35.34
N LEU B 45 -21.07 -10.20 -34.31
CA LEU B 45 -21.01 -9.83 -32.89
C LEU B 45 -19.72 -9.20 -32.36
N GLU B 46 -19.78 -8.01 -31.76
CA GLU B 46 -18.59 -7.35 -31.22
C GLU B 46 -18.71 -6.88 -29.76
N TRP B 47 -17.69 -7.13 -28.95
CA TRP B 47 -17.72 -6.67 -27.57
C TRP B 47 -17.07 -5.30 -27.46
N VAL B 48 -17.67 -4.41 -26.69
CA VAL B 48 -17.12 -3.07 -26.53
C VAL B 48 -16.41 -2.77 -25.25
N ALA B 49 -17.10 -2.86 -24.13
CA ALA B 49 -16.44 -2.57 -22.86
C ALA B 49 -17.22 -3.30 -21.81
N SER B 50 -16.69 -3.47 -20.62
CA SER B 50 -17.48 -4.16 -19.61
C SER B 50 -17.08 -3.61 -18.28
N ILE B 51 -17.86 -3.88 -17.24
CA ILE B 51 -17.54 -3.35 -15.94
C ILE B 51 -17.92 -4.29 -14.84
N SER B 52 -17.01 -4.58 -13.92
CA SER B 52 -17.28 -5.44 -12.76
C SER B 52 -17.39 -4.42 -11.65
N SER B 53 -18.61 -4.06 -11.29
CA SER B 53 -18.81 -3.07 -10.26
C SER B 53 -18.48 -3.56 -8.86
N TYR B 54 -18.20 -4.85 -8.74
CA TYR B 54 -17.92 -5.44 -7.43
C TYR B 54 -16.44 -5.23 -7.10
N TYR B 55 -15.57 -5.49 -8.06
CA TYR B 55 -14.17 -5.22 -7.87
C TYR B 55 -14.32 -3.84 -8.38
N SER B 56 -13.39 -2.92 -8.24
CA SER B 56 -13.71 -1.57 -8.68
C SER B 56 -13.29 -1.39 -10.12
N SER B 57 -13.35 -2.49 -10.86
CA SER B 57 -12.89 -2.56 -12.26
C SER B 57 -13.73 -2.34 -13.55
N THR B 58 -13.01 -1.97 -14.62
CA THR B 58 -13.58 -1.72 -15.93
C THR B 58 -12.67 -2.35 -17.00
N TYR B 59 -13.18 -2.51 -18.22
CA TYR B 59 -12.43 -3.07 -19.35
C TYR B 59 -13.00 -2.56 -20.66
N TYR B 60 -12.18 -2.05 -21.56
CA TYR B 60 -12.73 -1.61 -22.82
C TYR B 60 -12.06 -2.40 -23.92
N ALA B 61 -12.68 -2.49 -25.10
CA ALA B 61 -12.12 -3.23 -26.23
C ALA B 61 -11.01 -2.40 -26.88
N ASP B 62 -10.11 -3.06 -27.59
CA ASP B 62 -9.02 -2.31 -28.18
C ASP B 62 -9.58 -1.50 -29.32
N SER B 63 -10.83 -1.76 -29.67
CA SER B 63 -11.48 -1.06 -30.76
C SER B 63 -11.80 0.36 -30.36
N VAL B 64 -12.00 0.56 -29.07
CA VAL B 64 -12.33 1.89 -28.60
C VAL B 64 -11.51 2.26 -27.42
N LYS B 65 -10.83 3.38 -27.46
CA LYS B 65 -10.07 3.65 -26.28
C LYS B 65 -10.37 4.95 -25.60
N GLY B 66 -9.98 6.07 -26.18
CA GLY B 66 -10.23 7.33 -25.50
C GLY B 66 -11.63 7.83 -25.65
N ARG B 67 -12.47 7.00 -26.27
CA ARG B 67 -13.83 7.41 -26.58
C ARG B 67 -14.98 6.87 -25.77
N PHE B 68 -14.86 5.63 -25.29
CA PHE B 68 -15.92 5.05 -24.52
C PHE B 68 -15.55 5.05 -23.04
N THR B 69 -16.59 5.00 -22.21
CA THR B 69 -16.45 5.04 -20.76
C THR B 69 -17.59 4.29 -20.02
N ILE B 70 -17.44 2.97 -19.90
CA ILE B 70 -18.45 2.18 -19.22
C ILE B 70 -18.31 2.53 -17.77
N SER B 71 -19.41 2.78 -17.10
CA SER B 71 -19.35 3.12 -15.71
C SER B 71 -20.65 2.64 -15.10
N ALA B 72 -20.72 2.63 -13.78
CA ALA B 72 -21.93 2.21 -13.15
C ALA B 72 -22.15 2.76 -11.79
N ASP B 73 -23.45 2.95 -11.53
CA ASP B 73 -23.99 3.46 -10.28
C ASP B 73 -24.75 2.28 -9.68
N THR B 74 -24.49 1.94 -8.43
CA THR B 74 -25.19 0.81 -7.84
C THR B 74 -26.38 1.25 -7.00
N SER B 75 -26.39 2.54 -6.59
CA SER B 75 -27.49 3.12 -5.80
C SER B 75 -28.77 2.89 -6.60
N LYS B 76 -28.73 3.25 -7.88
CA LYS B 76 -29.83 3.00 -8.81
C LYS B 76 -29.30 1.68 -9.29
N ASN B 77 -29.88 1.09 -10.29
CA ASN B 77 -29.29 -0.19 -10.68
C ASN B 77 -28.98 -0.23 -12.16
N THR B 78 -28.01 0.55 -12.62
CA THR B 78 -27.74 0.52 -14.04
C THR B 78 -26.31 0.72 -14.43
N ALA B 79 -26.00 0.26 -15.63
CA ALA B 79 -24.66 0.45 -16.13
C ALA B 79 -24.88 1.45 -17.21
N TYR B 80 -23.83 2.16 -17.54
CA TYR B 80 -23.91 3.13 -18.60
C TYR B 80 -22.69 3.03 -19.54
N LEU B 81 -22.90 2.87 -20.83
CA LEU B 81 -21.74 2.84 -21.68
C LEU B 81 -21.79 4.25 -22.19
N GLN B 82 -20.67 4.96 -22.15
CA GLN B 82 -20.61 6.37 -22.58
C GLN B 82 -19.89 6.54 -23.90
N MET B 83 -20.54 7.04 -24.92
CA MET B 83 -19.86 7.19 -26.20
C MET B 83 -19.51 8.65 -26.44
N ASN B 84 -18.27 8.91 -26.83
CA ASN B 84 -17.89 10.31 -27.01
C ASN B 84 -17.47 10.81 -28.36
N SER B 85 -16.55 10.13 -29.01
CA SER B 85 -16.18 10.64 -30.30
C SER B 85 -16.72 9.63 -31.21
N LEU B 86 -18.02 9.65 -31.42
CA LEU B 86 -18.64 8.64 -32.28
C LEU B 86 -18.23 8.72 -33.72
N ARG B 87 -17.67 7.63 -34.23
CA ARG B 87 -17.21 7.60 -35.60
C ARG B 87 -18.30 6.93 -36.36
N ALA B 88 -18.28 7.10 -37.66
CA ALA B 88 -19.31 6.50 -38.49
C ALA B 88 -19.44 4.95 -38.40
N GLU B 89 -18.46 4.28 -37.79
CA GLU B 89 -18.52 2.81 -37.71
C GLU B 89 -19.17 2.33 -36.44
N ASP B 90 -19.38 3.26 -35.53
CA ASP B 90 -20.00 2.93 -34.25
C ASP B 90 -21.50 2.66 -34.35
N THR B 91 -22.04 2.62 -35.56
CA THR B 91 -23.47 2.38 -35.71
C THR B 91 -23.73 0.92 -35.54
N ALA B 92 -24.66 0.59 -34.65
CA ALA B 92 -24.94 -0.82 -34.40
C ALA B 92 -26.04 -1.12 -33.40
N VAL B 93 -26.15 -2.40 -33.09
CA VAL B 93 -27.13 -2.87 -32.13
C VAL B 93 -26.37 -3.03 -30.85
N TYR B 94 -26.63 -2.17 -29.88
CA TYR B 94 -25.91 -2.27 -28.63
C TYR B 94 -26.62 -3.09 -27.59
N TYR B 95 -26.04 -4.20 -27.22
CA TYR B 95 -26.66 -5.04 -26.22
C TYR B 95 -25.85 -4.89 -24.96
N CYS B 96 -26.32 -5.52 -23.90
CA CYS B 96 -25.60 -5.51 -22.66
C CYS B 96 -26.03 -6.80 -22.02
N ALA B 97 -25.08 -7.44 -21.37
CA ALA B 97 -25.35 -8.71 -20.72
C ALA B 97 -24.55 -8.82 -19.43
N ARG B 98 -24.76 -9.90 -18.71
CA ARG B 98 -24.08 -10.11 -17.46
C ARG B 98 -23.31 -11.42 -17.54
N GLN B 99 -22.50 -11.63 -16.53
CA GLN B 99 -21.73 -12.83 -16.35
C GLN B 99 -21.52 -12.72 -14.84
N PRO B 100 -21.58 -13.82 -14.10
CA PRO B 100 -21.39 -13.58 -12.67
C PRO B 100 -19.97 -13.07 -12.53
N SER B 101 -19.53 -12.55 -11.40
CA SER B 101 -18.12 -12.11 -11.36
C SER B 101 -17.30 -13.31 -10.99
N TYR B 102 -16.09 -13.07 -10.50
CA TYR B 102 -15.25 -14.21 -10.11
C TYR B 102 -15.65 -14.79 -8.77
N HIS B 103 -16.89 -15.18 -8.57
CA HIS B 103 -17.05 -15.68 -7.28
C HIS B 103 -17.16 -17.05 -6.81
N MET B 104 -18.12 -17.81 -7.31
CA MET B 104 -18.04 -19.18 -6.92
C MET B 104 -17.80 -20.08 -8.06
N TYR B 105 -18.83 -20.38 -8.84
CA TYR B 105 -18.56 -21.21 -9.96
C TYR B 105 -19.49 -20.55 -10.95
N SER B 106 -20.05 -19.42 -10.61
CA SER B 106 -20.95 -18.84 -11.56
C SER B 106 -20.25 -18.14 -12.70
N TRP B 107 -18.99 -17.77 -12.50
CA TRP B 107 -18.26 -17.04 -13.50
C TRP B 107 -18.02 -17.91 -14.67
N TRP B 108 -18.18 -19.20 -14.48
CA TRP B 108 -17.97 -20.10 -15.59
C TRP B 108 -19.12 -20.18 -16.57
N VAL B 109 -20.29 -19.64 -16.27
CA VAL B 109 -21.30 -19.64 -17.31
C VAL B 109 -20.71 -18.41 -18.03
N ALA B 110 -21.01 -18.18 -19.29
CA ALA B 110 -20.43 -17.00 -19.89
C ALA B 110 -21.57 -16.12 -19.78
N LEU B 111 -21.65 -15.05 -20.57
CA LEU B 111 -22.80 -14.16 -20.59
C LEU B 111 -24.00 -15.01 -20.45
N ASP B 112 -24.67 -14.85 -19.35
CA ASP B 112 -25.80 -15.66 -19.07
C ASP B 112 -27.13 -15.11 -19.57
N TYR B 113 -27.30 -13.78 -19.51
CA TYR B 113 -28.55 -13.14 -19.95
C TYR B 113 -28.31 -11.80 -20.61
N TRP B 114 -28.75 -11.66 -21.85
CA TRP B 114 -28.60 -10.39 -22.55
C TRP B 114 -29.91 -9.62 -22.56
N GLY B 115 -29.86 -8.36 -22.97
CA GLY B 115 -31.07 -7.57 -23.08
C GLY B 115 -31.37 -7.51 -24.57
N GLN B 116 -32.37 -6.72 -25.03
CA GLN B 116 -32.66 -6.67 -26.48
C GLN B 116 -31.83 -5.69 -27.33
N GLY B 117 -31.19 -4.71 -26.68
CA GLY B 117 -30.33 -3.77 -27.38
C GLY B 117 -31.02 -2.55 -27.91
N THR B 118 -30.26 -1.47 -28.06
CA THR B 118 -30.80 -0.22 -28.58
C THR B 118 -29.98 0.03 -29.83
N LEU B 119 -30.53 0.74 -30.81
CA LEU B 119 -29.77 1.00 -32.03
C LEU B 119 -29.08 2.31 -32.02
N VAL B 120 -27.79 2.29 -32.31
CA VAL B 120 -27.06 3.54 -32.35
C VAL B 120 -26.76 3.83 -33.81
N THR B 121 -27.20 4.99 -34.29
CA THR B 121 -26.98 5.37 -35.67
C THR B 121 -26.13 6.60 -35.73
N VAL B 122 -24.88 6.43 -36.15
CA VAL B 122 -23.96 7.54 -36.26
C VAL B 122 -23.87 7.87 -37.74
N SER B 123 -24.30 9.07 -38.11
CA SER B 123 -24.31 9.51 -39.51
C SER B 123 -24.67 10.99 -39.58
N SER B 124 -24.10 11.72 -40.53
CA SER B 124 -24.39 13.14 -40.64
C SER B 124 -25.74 13.32 -41.27
N ALA B 125 -26.27 12.25 -41.83
CA ALA B 125 -27.56 12.26 -42.48
C ALA B 125 -28.65 12.63 -41.50
N SER B 126 -29.62 13.46 -41.91
CA SER B 126 -30.71 13.87 -40.99
C SER B 126 -31.98 13.03 -41.09
N THR B 127 -32.88 13.20 -40.13
CA THR B 127 -34.11 12.43 -40.12
C THR B 127 -35.08 12.75 -41.24
N LYS B 128 -35.69 11.71 -41.81
CA LYS B 128 -36.65 11.88 -42.91
C LYS B 128 -37.84 10.96 -42.74
N GLY B 129 -38.99 11.39 -43.26
CA GLY B 129 -40.20 10.60 -43.19
C GLY B 129 -40.76 10.36 -44.58
N PRO B 130 -40.72 9.10 -45.02
CA PRO B 130 -41.22 8.73 -46.34
C PRO B 130 -42.71 8.41 -46.26
N SER B 131 -43.31 8.08 -47.40
CA SER B 131 -44.73 7.75 -47.45
C SER B 131 -45.07 6.36 -47.97
N VAL B 132 -45.96 5.67 -47.27
CA VAL B 132 -46.36 4.32 -47.67
C VAL B 132 -47.37 4.26 -48.80
N PHE B 133 -47.08 3.46 -49.81
CA PHE B 133 -47.97 3.31 -50.95
C PHE B 133 -48.59 1.91 -51.02
N PRO B 134 -49.86 1.84 -51.47
CA PRO B 134 -50.57 0.56 -51.57
C PRO B 134 -50.16 -0.29 -52.76
N LEU B 135 -49.91 -1.57 -52.48
CA LEU B 135 -49.54 -2.50 -53.54
C LEU B 135 -50.77 -3.36 -53.81
N ALA B 136 -51.60 -2.87 -54.74
CA ALA B 136 -52.85 -3.52 -55.13
C ALA B 136 -52.64 -4.82 -55.91
N PRO B 137 -53.41 -5.87 -55.53
CA PRO B 137 -53.38 -7.21 -56.14
C PRO B 137 -54.37 -7.32 -57.32
N SER B 138 -54.27 -8.42 -58.07
CA SER B 138 -55.15 -8.68 -59.22
C SER B 138 -55.19 -10.17 -59.54
N SER B 139 -56.07 -10.56 -60.47
CA SER B 139 -56.19 -11.95 -60.88
C SER B 139 -56.53 -12.08 -62.37
N GLY B 145 -58.09 -17.99 -55.23
CA GLY B 145 -57.78 -18.52 -53.91
C GLY B 145 -56.44 -18.04 -53.36
N THR B 146 -55.53 -17.69 -54.25
CA THR B 146 -54.21 -17.21 -53.82
C THR B 146 -53.96 -15.80 -54.39
N ALA B 147 -54.03 -14.81 -53.52
CA ALA B 147 -53.80 -13.44 -53.91
C ALA B 147 -52.59 -12.92 -53.15
N ALA B 148 -51.89 -11.97 -53.75
CA ALA B 148 -50.71 -11.40 -53.11
C ALA B 148 -50.83 -9.88 -53.14
N LEU B 149 -50.88 -9.26 -51.97
CA LEU B 149 -50.99 -7.80 -51.85
C LEU B 149 -50.12 -7.29 -50.69
N GLY B 150 -49.77 -6.00 -50.70
CA GLY B 150 -48.97 -5.47 -49.61
C GLY B 150 -48.79 -3.97 -49.62
N CYS B 151 -47.88 -3.46 -48.77
CA CYS B 151 -47.57 -2.01 -48.69
C CYS B 151 -46.17 -1.70 -49.17
N LEU B 152 -45.74 -0.46 -49.03
CA LEU B 152 -44.40 -0.14 -49.45
C LEU B 152 -44.14 1.07 -48.57
N VAL B 153 -43.11 0.98 -47.72
CA VAL B 153 -42.78 2.11 -46.85
C VAL B 153 -41.55 2.45 -47.70
N LYS B 154 -41.62 3.53 -48.49
CA LYS B 154 -40.51 3.83 -49.33
C LYS B 154 -39.45 4.92 -49.15
N ASP B 155 -39.53 6.11 -48.63
CA ASP B 155 -38.27 6.91 -48.70
C ASP B 155 -38.25 7.19 -47.17
N TYR B 156 -37.35 6.56 -46.38
CA TYR B 156 -37.38 6.76 -44.92
C TYR B 156 -36.03 6.63 -44.29
N PHE B 157 -35.80 7.43 -43.24
CA PHE B 157 -34.54 7.44 -42.49
C PHE B 157 -34.63 7.92 -41.03
N PRO B 158 -33.92 7.24 -40.13
CA PRO B 158 -33.06 6.06 -40.35
C PRO B 158 -33.79 4.78 -40.01
N GLU B 159 -33.04 3.68 -39.96
CA GLU B 159 -33.65 2.41 -39.63
C GLU B 159 -34.17 2.58 -38.22
N PRO B 160 -35.26 1.89 -37.85
CA PRO B 160 -36.03 0.95 -38.66
C PRO B 160 -37.53 1.29 -38.62
N VAL B 161 -38.34 0.43 -39.24
CA VAL B 161 -39.80 0.59 -39.26
C VAL B 161 -40.51 -0.72 -38.98
N THR B 162 -41.72 -0.61 -38.47
CA THR B 162 -42.49 -1.78 -38.14
C THR B 162 -43.64 -1.84 -39.12
N VAL B 163 -44.02 -3.05 -39.52
CA VAL B 163 -45.14 -3.22 -40.44
C VAL B 163 -45.97 -4.41 -40.02
N SER B 164 -47.10 -4.09 -39.40
CA SER B 164 -48.09 -5.06 -38.93
C SER B 164 -49.33 -4.75 -39.71
N TRP B 165 -50.18 -5.75 -39.83
CA TRP B 165 -51.39 -5.53 -40.60
C TRP B 165 -52.53 -4.71 -40.13
N ASN B 166 -53.15 -5.13 -39.05
CA ASN B 166 -54.24 -4.34 -38.57
C ASN B 166 -54.32 -4.62 -37.11
N SER B 167 -53.55 -4.11 -36.22
CA SER B 167 -53.84 -4.48 -34.84
C SER B 167 -53.87 -5.93 -34.60
N GLY B 168 -52.85 -6.61 -35.11
CA GLY B 168 -52.77 -8.05 -35.00
C GLY B 168 -53.80 -8.81 -35.80
N ALA B 169 -54.26 -8.23 -36.90
CA ALA B 169 -55.27 -8.91 -37.70
C ALA B 169 -54.74 -9.95 -38.68
N LEU B 170 -53.80 -9.56 -39.54
CA LEU B 170 -53.32 -10.56 -40.48
C LEU B 170 -51.87 -10.84 -40.06
N THR B 171 -51.70 -12.04 -39.52
CA THR B 171 -50.44 -12.53 -38.99
C THR B 171 -49.69 -13.50 -39.92
N SER B 172 -50.42 -14.40 -40.57
CA SER B 172 -49.82 -15.38 -41.48
C SER B 172 -49.87 -14.89 -42.93
N GLY B 173 -48.94 -15.38 -43.73
CA GLY B 173 -48.88 -14.99 -45.13
C GLY B 173 -48.19 -13.65 -45.24
N VAL B 174 -47.69 -13.16 -44.12
CA VAL B 174 -47.02 -11.87 -44.07
C VAL B 174 -45.51 -11.94 -44.15
N HIS B 175 -44.99 -11.44 -45.26
CA HIS B 175 -43.57 -11.42 -45.49
C HIS B 175 -43.04 -9.99 -45.58
N THR B 176 -42.67 -9.42 -44.44
CA THR B 176 -42.13 -8.06 -44.46
C THR B 176 -40.65 -8.21 -44.69
N PHE B 177 -40.19 -7.72 -45.84
CA PHE B 177 -38.79 -7.85 -46.22
C PHE B 177 -37.83 -6.96 -45.48
N PRO B 178 -36.53 -7.25 -45.61
CA PRO B 178 -35.46 -6.50 -44.97
C PRO B 178 -35.22 -5.18 -45.68
N ALA B 179 -35.16 -4.10 -44.91
CA ALA B 179 -34.94 -2.79 -45.50
C ALA B 179 -33.67 -2.81 -46.34
N VAL B 180 -33.71 -2.08 -47.45
CA VAL B 180 -32.58 -1.99 -48.36
C VAL B 180 -32.30 -0.53 -48.71
N LEU B 181 -31.13 -0.06 -48.30
CA LEU B 181 -30.73 1.31 -48.54
C LEU B 181 -30.64 1.61 -50.01
N GLN B 182 -31.03 2.83 -50.40
CA GLN B 182 -30.98 3.28 -51.81
C GLN B 182 -29.84 4.25 -52.02
N SER B 183 -29.54 4.52 -53.27
CA SER B 183 -28.46 5.43 -53.59
C SER B 183 -28.83 6.83 -53.14
N SER B 184 -30.05 6.98 -52.67
CA SER B 184 -30.53 8.27 -52.23
C SER B 184 -29.98 8.62 -50.85
N GLY B 185 -30.11 7.69 -49.93
CA GLY B 185 -29.63 7.92 -48.58
C GLY B 185 -30.71 7.53 -47.59
N LEU B 186 -31.81 7.00 -48.11
CA LEU B 186 -32.95 6.59 -47.30
C LEU B 186 -33.19 5.11 -47.47
N TYR B 187 -33.96 4.54 -46.56
CA TYR B 187 -34.23 3.12 -46.64
C TYR B 187 -35.57 2.90 -47.24
N SER B 188 -35.76 1.74 -47.86
CA SER B 188 -37.02 1.37 -48.47
C SER B 188 -37.33 -0.08 -48.18
N LEU B 189 -38.60 -0.43 -48.05
CA LEU B 189 -38.96 -1.81 -47.79
C LEU B 189 -40.44 -2.03 -48.05
N SER B 190 -40.76 -3.22 -48.55
CA SER B 190 -42.13 -3.59 -48.86
C SER B 190 -42.55 -4.81 -48.07
N SER B 191 -43.79 -4.81 -47.63
CA SER B 191 -44.31 -5.94 -46.89
C SER B 191 -45.43 -6.50 -47.73
N VAL B 192 -45.33 -7.77 -48.07
CA VAL B 192 -46.35 -8.41 -48.89
C VAL B 192 -47.00 -9.52 -48.08
N VAL B 193 -48.23 -9.87 -48.43
CA VAL B 193 -48.95 -10.92 -47.75
C VAL B 193 -49.89 -11.65 -48.70
N THR B 194 -49.77 -12.97 -48.73
CA THR B 194 -50.62 -13.77 -49.58
C THR B 194 -51.91 -14.10 -48.84
N VAL B 195 -53.02 -13.85 -49.51
CA VAL B 195 -54.34 -14.10 -48.94
C VAL B 195 -55.25 -14.76 -49.98
N PRO B 196 -56.33 -15.41 -49.53
CA PRO B 196 -57.25 -16.04 -50.49
C PRO B 196 -57.91 -14.96 -51.38
N SER B 197 -58.38 -15.33 -52.57
CA SER B 197 -58.98 -14.34 -53.47
C SER B 197 -60.41 -13.92 -53.15
N SER B 198 -61.00 -14.56 -52.14
CA SER B 198 -62.38 -14.25 -51.74
C SER B 198 -62.40 -13.23 -50.61
N SER B 199 -61.21 -12.90 -50.11
CA SER B 199 -61.10 -11.96 -49.02
C SER B 199 -60.82 -10.55 -49.54
N LEU B 200 -60.62 -10.42 -50.84
CA LEU B 200 -60.33 -9.10 -51.40
C LEU B 200 -61.55 -8.19 -51.34
N GLY B 201 -62.73 -8.80 -51.46
CA GLY B 201 -63.95 -8.02 -51.40
C GLY B 201 -64.70 -8.27 -50.13
N THR B 202 -64.28 -9.30 -49.38
CA THR B 202 -64.95 -9.63 -48.14
C THR B 202 -64.21 -9.14 -46.91
N GLN B 203 -62.91 -9.36 -46.90
CA GLN B 203 -62.07 -8.95 -45.78
C GLN B 203 -61.27 -7.70 -46.15
N THR B 204 -61.11 -6.80 -45.18
CA THR B 204 -60.37 -5.57 -45.42
C THR B 204 -58.90 -5.74 -44.99
N TYR B 205 -57.98 -5.19 -45.78
CA TYR B 205 -56.54 -5.28 -45.50
C TYR B 205 -55.85 -3.94 -45.36
N ILE B 206 -55.28 -3.69 -44.19
CA ILE B 206 -54.57 -2.44 -43.93
C ILE B 206 -53.20 -2.77 -43.42
N CYS B 207 -52.23 -1.91 -43.65
CA CYS B 207 -50.91 -2.17 -43.11
C CYS B 207 -50.60 -1.04 -42.15
N ASN B 208 -50.25 -1.38 -40.93
CA ASN B 208 -49.93 -0.39 -39.93
C ASN B 208 -48.45 -0.16 -40.07
N VAL B 209 -48.05 1.10 -40.12
CA VAL B 209 -46.64 1.45 -40.25
C VAL B 209 -46.18 2.50 -39.23
N ASN B 210 -45.14 2.17 -38.48
CA ASN B 210 -44.65 3.12 -37.53
C ASN B 210 -43.16 3.28 -37.71
N HIS B 211 -42.77 4.46 -38.15
CA HIS B 211 -41.37 4.80 -38.29
C HIS B 211 -41.33 5.62 -37.02
N LYS B 212 -40.68 5.16 -35.97
CA LYS B 212 -40.69 5.95 -34.74
C LYS B 212 -39.55 6.94 -34.63
N PRO B 213 -38.47 6.71 -35.38
CA PRO B 213 -37.31 7.61 -35.36
C PRO B 213 -37.74 8.98 -35.88
N SER B 214 -38.59 8.97 -36.90
CA SER B 214 -39.18 10.21 -37.43
C SER B 214 -40.52 9.86 -36.84
N ASN B 215 -41.37 10.81 -36.51
CA ASN B 215 -42.59 10.35 -35.86
C ASN B 215 -43.78 10.28 -36.80
N THR B 216 -43.86 9.16 -37.51
CA THR B 216 -44.93 8.92 -38.48
C THR B 216 -45.76 7.67 -38.19
N LYS B 217 -47.06 7.86 -37.96
CA LYS B 217 -47.96 6.73 -37.70
C LYS B 217 -48.83 6.65 -38.93
N VAL B 218 -48.92 5.46 -39.51
CA VAL B 218 -49.69 5.33 -40.72
C VAL B 218 -50.35 3.94 -40.95
N ASP B 219 -51.69 3.95 -41.04
CA ASP B 219 -52.46 2.75 -41.33
C ASP B 219 -52.76 2.95 -42.80
N LYS B 220 -53.01 1.88 -43.55
CA LYS B 220 -53.34 2.02 -44.97
C LYS B 220 -54.19 0.90 -45.48
N LYS B 221 -55.45 1.24 -45.71
CA LYS B 221 -56.41 0.30 -46.24
C LYS B 221 -55.82 -0.21 -47.58
N VAL B 222 -56.18 -1.44 -47.94
CA VAL B 222 -55.70 -2.05 -49.19
C VAL B 222 -56.79 -2.84 -49.90
N GLU B 223 -57.23 -2.27 -51.02
CA GLU B 223 -58.29 -2.81 -51.88
C GLU B 223 -57.75 -3.31 -53.23
N PRO B 224 -58.58 -4.04 -54.01
CA PRO B 224 -58.20 -4.57 -55.33
C PRO B 224 -58.24 -3.49 -56.41
N ASP C 1 -0.82 -25.23 12.73
CA ASP C 1 0.54 -25.66 13.19
C ASP C 1 0.72 -27.20 13.28
N ILE C 2 1.00 -27.83 12.13
CA ILE C 2 1.20 -29.30 11.99
C ILE C 2 1.94 -30.03 13.11
N GLN C 3 1.46 -31.26 13.38
CA GLN C 3 1.99 -32.17 14.41
C GLN C 3 2.53 -33.43 13.74
N MET C 4 3.31 -34.27 14.41
CA MET C 4 3.83 -35.51 13.78
C MET C 4 3.92 -36.71 14.71
N THR C 5 3.48 -37.86 14.21
CA THR C 5 3.51 -39.08 15.02
C THR C 5 4.23 -40.20 14.31
N GLN C 6 5.47 -40.43 14.72
CA GLN C 6 6.32 -41.46 14.14
C GLN C 6 5.94 -42.78 14.74
N SER C 7 6.46 -43.86 14.17
CA SER C 7 6.16 -45.20 14.65
C SER C 7 7.11 -46.31 14.20
N PRO C 8 7.65 -47.06 15.17
CA PRO C 8 7.35 -46.82 16.58
C PRO C 8 8.56 -46.20 17.31
N SER C 9 8.49 -46.12 18.63
CA SER C 9 9.59 -45.52 19.39
C SER C 9 10.90 -46.14 18.98
N SER C 10 10.98 -47.46 19.05
CA SER C 10 12.18 -48.17 18.68
C SER C 10 11.75 -49.53 18.16
N LEU C 11 12.71 -50.35 17.76
CA LEU C 11 12.38 -51.65 17.23
C LEU C 11 13.58 -52.55 17.31
N SER C 12 13.37 -53.82 17.04
CA SER C 12 14.46 -54.77 17.08
C SER C 12 14.42 -55.56 15.79
N ALA C 13 15.58 -55.97 15.31
CA ALA C 13 15.65 -56.75 14.09
C ALA C 13 17.09 -57.10 13.80
N SER C 14 17.30 -58.13 12.98
CA SER C 14 18.65 -58.55 12.63
C SER C 14 19.01 -57.91 11.31
N VAL C 15 20.26 -58.06 10.89
CA VAL C 15 20.70 -57.48 9.63
C VAL C 15 20.09 -58.26 8.46
N GLY C 16 20.01 -57.66 7.29
CA GLY C 16 19.42 -58.35 6.17
C GLY C 16 17.89 -58.32 6.19
N ASP C 17 17.30 -57.78 7.27
CA ASP C 17 15.85 -57.71 7.40
C ASP C 17 15.22 -56.57 6.60
N ARG C 18 13.91 -56.45 6.66
CA ARG C 18 13.22 -55.40 5.95
C ARG C 18 12.52 -54.56 7.02
N VAL C 19 13.00 -53.33 7.23
CA VAL C 19 12.41 -52.45 8.25
C VAL C 19 11.58 -51.34 7.62
N THR C 20 10.40 -51.09 8.17
CA THR C 20 9.54 -50.04 7.66
C THR C 20 9.04 -49.18 8.81
N ILE C 21 9.28 -47.87 8.75
CA ILE C 21 8.84 -46.95 9.80
C ILE C 21 7.74 -46.05 9.26
N THR C 22 6.61 -45.99 9.96
CA THR C 22 5.51 -45.15 9.54
C THR C 22 5.61 -43.82 10.28
N CYS C 23 4.82 -42.83 9.88
CA CYS C 23 4.84 -41.53 10.52
C CYS C 23 3.44 -41.26 10.03
N ARG C 24 2.73 -40.36 10.72
CA ARG C 24 1.36 -40.04 10.35
C ARG C 24 1.36 -38.53 10.74
N ALA C 25 0.71 -37.71 9.92
CA ALA C 25 0.63 -36.27 10.16
C ALA C 25 -0.73 -35.84 10.70
N SER C 26 -0.78 -34.69 11.34
CA SER C 26 -2.00 -34.12 11.93
C SER C 26 -2.78 -33.28 10.92
N GLN C 27 -2.21 -33.05 9.76
CA GLN C 27 -2.89 -32.26 8.78
C GLN C 27 -2.32 -32.57 7.41
N ASP C 28 -2.75 -31.80 6.41
CA ASP C 28 -2.28 -31.98 5.04
C ASP C 28 -0.88 -31.41 4.85
N VAL C 29 0.04 -32.27 4.42
CA VAL C 29 1.42 -31.86 4.20
C VAL C 29 0.99 -32.49 2.87
N ASN C 30 1.82 -32.34 1.85
CA ASN C 30 1.53 -32.89 0.53
C ASN C 30 2.72 -33.85 0.55
N THR C 31 3.89 -33.33 0.23
CA THR C 31 5.11 -34.13 0.21
C THR C 31 6.31 -33.37 0.76
N ALA C 32 6.09 -32.65 1.84
CA ALA C 32 7.15 -31.87 2.47
C ALA C 32 7.71 -32.61 3.68
N VAL C 33 7.68 -33.94 3.63
CA VAL C 33 8.19 -34.76 4.72
C VAL C 33 9.60 -35.20 4.34
N ALA C 34 10.48 -35.23 5.33
CA ALA C 34 11.87 -35.63 5.11
C ALA C 34 12.31 -36.64 6.16
N TRP C 35 13.24 -37.51 5.79
CA TRP C 35 13.74 -38.53 6.70
C TRP C 35 15.22 -38.34 7.02
N TYR C 36 15.57 -38.47 8.29
CA TYR C 36 16.94 -38.30 8.72
C TYR C 36 17.35 -39.47 9.59
N GLN C 37 18.60 -39.91 9.42
CA GLN C 37 19.15 -41.01 10.20
C GLN C 37 20.24 -40.39 11.06
N GLN C 38 20.11 -40.49 12.37
CA GLN C 38 21.13 -39.87 13.20
C GLN C 38 21.92 -40.93 13.94
N LYS C 39 23.23 -40.87 13.86
CA LYS C 39 24.05 -41.85 14.58
C LYS C 39 24.55 -41.25 15.89
N PRO C 40 24.00 -41.69 17.04
CA PRO C 40 24.39 -41.19 18.36
C PRO C 40 25.72 -40.49 18.38
N GLY C 41 25.69 -39.20 18.70
CA GLY C 41 26.91 -38.41 18.74
C GLY C 41 26.96 -37.28 17.74
N LYS C 42 26.93 -37.64 16.45
CA LYS C 42 26.99 -36.68 15.36
C LYS C 42 25.61 -36.13 15.02
N ALA C 43 25.55 -35.25 14.01
CA ALA C 43 24.28 -34.64 13.63
C ALA C 43 23.48 -35.54 12.70
N PRO C 44 22.22 -35.20 12.45
CA PRO C 44 21.35 -36.00 11.57
C PRO C 44 21.82 -36.04 10.12
N LYS C 45 21.47 -37.08 9.39
CA LYS C 45 21.87 -37.18 7.98
C LYS C 45 20.58 -37.26 7.16
N LEU C 46 20.60 -36.60 6.00
CA LEU C 46 19.41 -36.55 5.15
C LEU C 46 19.26 -37.76 4.30
N LEU C 47 18.07 -38.35 4.36
CA LEU C 47 17.74 -39.56 3.61
C LEU C 47 16.76 -39.36 2.48
N ILE C 48 15.58 -38.89 2.78
CA ILE C 48 14.63 -38.72 1.71
C ILE C 48 14.05 -37.36 1.85
N TYR C 49 13.88 -36.62 0.76
CA TYR C 49 13.36 -35.26 0.89
C TYR C 49 11.95 -34.96 0.38
N SER C 50 11.66 -35.25 -0.87
CA SER C 50 10.28 -35.05 -1.29
C SER C 50 10.02 -36.33 -0.56
N ALA C 51 8.88 -36.54 0.06
CA ALA C 51 8.79 -37.81 0.77
C ALA C 51 9.05 -38.97 -0.18
N SER C 52 9.19 -38.58 -1.44
CA SER C 52 9.40 -39.49 -2.55
C SER C 52 10.86 -39.89 -2.86
N PHE C 53 11.72 -38.94 -3.31
CA PHE C 53 13.12 -39.20 -3.70
C PHE C 53 14.16 -39.05 -2.59
N LEU C 54 15.28 -39.76 -2.75
CA LEU C 54 16.34 -39.74 -1.75
C LEU C 54 17.55 -38.80 -2.01
N GLU C 55 18.24 -38.37 -0.96
CA GLU C 55 19.40 -37.47 -1.09
C GLU C 55 20.38 -38.01 -2.11
N SER C 56 21.29 -37.15 -2.56
CA SER C 56 22.27 -37.55 -3.55
C SER C 56 23.47 -38.33 -3.02
N GLY C 57 23.25 -39.28 -2.11
CA GLY C 57 24.37 -40.06 -1.63
C GLY C 57 23.90 -41.04 -0.60
N VAL C 58 22.70 -41.57 -0.83
CA VAL C 58 22.11 -42.48 0.12
C VAL C 58 22.03 -43.90 -0.40
N PRO C 59 22.19 -44.91 0.50
CA PRO C 59 22.10 -46.33 0.12
C PRO C 59 20.77 -46.54 -0.62
N SER C 60 20.81 -47.28 -1.71
CA SER C 60 19.60 -47.53 -2.48
C SER C 60 18.56 -48.33 -1.71
N ARG C 61 18.94 -48.84 -0.53
CA ARG C 61 18.05 -49.64 0.30
C ARG C 61 17.06 -48.84 1.14
N PHE C 62 17.00 -47.53 0.91
CA PHE C 62 16.11 -46.63 1.64
C PHE C 62 14.99 -46.11 0.76
N SER C 63 13.75 -46.47 1.10
CA SER C 63 12.61 -46.09 0.27
C SER C 63 11.55 -45.28 0.97
N GLY C 64 11.01 -44.31 0.25
CA GLY C 64 9.97 -43.46 0.80
C GLY C 64 8.62 -43.67 0.17
N SER C 65 7.58 -43.65 1.00
CA SER C 65 6.21 -43.85 0.55
C SER C 65 5.26 -42.80 1.09
N ARG C 66 4.09 -42.72 0.49
CA ARG C 66 3.11 -41.77 0.95
C ARG C 66 1.67 -42.12 0.71
N SER C 67 0.85 -41.90 1.72
CA SER C 67 -0.58 -42.16 1.67
C SER C 67 -1.33 -40.86 1.98
N GLY C 68 -0.89 -39.77 1.36
CA GLY C 68 -1.50 -38.46 1.58
C GLY C 68 -1.14 -37.81 2.90
N THR C 69 -1.39 -38.56 3.98
CA THR C 69 -1.13 -38.12 5.36
C THR C 69 -0.10 -39.00 6.08
N ASP C 70 -0.06 -40.27 5.69
CA ASP C 70 0.85 -41.23 6.28
C ASP C 70 2.08 -41.47 5.40
N PHE C 71 3.27 -41.35 5.96
CA PHE C 71 4.50 -41.57 5.22
C PHE C 71 5.21 -42.74 5.83
N THR C 72 6.01 -43.47 5.07
CA THR C 72 6.68 -44.62 5.65
C THR C 72 8.06 -44.89 5.07
N LEU C 73 9.08 -44.76 5.91
CA LEU C 73 10.42 -45.03 5.44
C LEU C 73 10.61 -46.52 5.48
N THR C 74 11.25 -47.08 4.46
CA THR C 74 11.51 -48.52 4.39
C THR C 74 12.93 -48.91 3.96
N ILE C 75 13.53 -49.82 4.71
CA ILE C 75 14.87 -50.29 4.44
C ILE C 75 14.87 -51.78 4.06
N SER C 76 14.97 -52.08 2.77
CA SER C 76 15.02 -53.46 2.38
C SER C 76 16.47 -53.83 2.59
N SER C 77 16.74 -55.08 2.94
CA SER C 77 18.13 -55.52 3.13
C SER C 77 18.91 -54.63 4.12
N LEU C 78 18.37 -54.51 5.33
CA LEU C 78 19.00 -53.75 6.39
C LEU C 78 20.43 -54.22 6.55
N GLN C 79 21.36 -53.28 6.45
CA GLN C 79 22.78 -53.57 6.60
C GLN C 79 23.28 -53.61 8.06
N PRO C 80 24.58 -53.81 8.26
CA PRO C 80 25.09 -53.85 9.62
C PRO C 80 25.49 -52.48 10.15
N GLU C 81 25.37 -51.45 9.32
CA GLU C 81 25.74 -50.11 9.76
C GLU C 81 24.56 -49.16 9.76
N ASP C 82 23.35 -49.69 9.69
CA ASP C 82 22.16 -48.87 9.70
C ASP C 82 21.56 -48.80 11.08
N PHE C 83 22.41 -48.78 12.07
CA PHE C 83 21.92 -48.73 13.42
C PHE C 83 21.95 -47.34 13.98
N ALA C 84 20.83 -46.67 13.81
CA ALA C 84 20.78 -45.33 14.31
C ALA C 84 19.38 -45.01 14.70
N THR C 85 19.19 -43.74 15.01
CA THR C 85 17.90 -43.23 15.40
C THR C 85 17.40 -42.58 14.11
N TYR C 86 16.10 -42.67 13.87
CA TYR C 86 15.52 -42.13 12.66
C TYR C 86 14.48 -41.08 12.92
N TYR C 87 14.64 -39.92 12.28
CA TYR C 87 13.70 -38.83 12.46
C TYR C 87 12.96 -38.50 11.20
N CYS C 88 11.65 -38.40 11.37
CA CYS C 88 10.71 -38.11 10.32
C CYS C 88 10.37 -36.66 10.53
N GLN C 89 10.67 -35.80 9.55
CA GLN C 89 10.38 -34.37 9.67
C GLN C 89 9.49 -33.91 8.53
N GLN C 90 8.80 -32.81 8.67
CA GLN C 90 7.96 -32.32 7.58
C GLN C 90 8.35 -30.86 7.27
N TYR C 91 8.16 -30.32 6.06
CA TYR C 91 8.49 -28.90 5.80
C TYR C 91 7.51 -28.12 4.98
N TYR C 92 6.25 -28.52 5.12
CA TYR C 92 5.08 -27.99 4.45
C TYR C 92 4.46 -26.85 5.21
N SER C 93 4.31 -27.00 6.50
CA SER C 93 3.69 -25.94 7.25
C SER C 93 4.22 -24.49 7.09
N TYR C 94 3.40 -23.50 7.41
CA TYR C 94 3.86 -22.14 7.36
C TYR C 94 4.22 -21.60 8.76
N SER C 95 4.40 -22.50 9.73
CA SER C 95 5.02 -22.10 11.03
C SER C 95 6.40 -21.77 10.47
N ALA C 96 7.10 -22.80 10.02
CA ALA C 96 8.42 -22.65 9.43
C ALA C 96 8.12 -23.95 8.70
N PRO C 97 9.18 -24.67 8.35
CA PRO C 97 9.03 -25.95 7.63
C PRO C 97 9.44 -27.13 8.50
N VAL C 98 10.03 -26.86 9.66
CA VAL C 98 10.47 -27.93 10.57
C VAL C 98 9.50 -28.37 11.62
N THR C 99 9.48 -29.68 11.76
CA THR C 99 8.69 -30.43 12.71
C THR C 99 9.24 -31.82 12.47
N PHE C 100 9.64 -32.47 13.55
CA PHE C 100 10.21 -33.79 13.45
C PHE C 100 9.27 -34.63 14.28
N GLY C 101 9.40 -35.95 14.26
CA GLY C 101 8.53 -36.75 15.08
C GLY C 101 9.29 -37.32 16.28
N GLN C 102 8.58 -38.08 17.10
CA GLN C 102 9.22 -38.73 18.21
C GLN C 102 10.01 -39.65 17.32
N GLY C 103 11.32 -39.76 17.44
CA GLY C 103 12.01 -40.66 16.51
C GLY C 103 11.97 -42.18 16.73
N THR C 104 12.42 -42.95 15.74
CA THR C 104 12.50 -44.42 15.86
C THR C 104 13.97 -44.78 16.02
N LYS C 105 14.29 -45.63 16.99
CA LYS C 105 15.68 -46.01 17.20
C LYS C 105 15.81 -47.47 16.86
N VAL C 106 16.52 -47.74 15.77
CA VAL C 106 16.72 -49.10 15.26
C VAL C 106 17.97 -49.76 15.82
N GLU C 107 17.78 -50.59 16.85
CA GLU C 107 18.89 -51.31 17.47
C GLU C 107 18.86 -52.73 16.91
N ILE C 108 19.97 -53.46 16.97
CA ILE C 108 19.93 -54.82 16.43
C ILE C 108 19.75 -55.98 17.38
N LYS C 109 18.96 -56.95 16.94
CA LYS C 109 18.64 -58.11 17.75
C LYS C 109 19.45 -59.34 17.51
N ARG C 110 20.42 -59.61 18.40
CA ARG C 110 21.27 -60.77 18.29
C ARG C 110 20.92 -61.82 19.38
N THR C 111 21.70 -62.91 19.39
CA THR C 111 21.56 -64.03 20.32
C THR C 111 21.72 -63.56 21.74
N VAL C 112 21.07 -64.23 22.67
CA VAL C 112 21.21 -63.83 24.05
C VAL C 112 22.67 -64.01 24.45
N ALA C 113 23.13 -63.15 25.34
CA ALA C 113 24.51 -63.20 25.82
C ALA C 113 24.57 -63.19 27.35
N ALA C 114 25.76 -63.40 27.90
CA ALA C 114 25.95 -63.40 29.34
C ALA C 114 26.56 -62.06 29.71
N PRO C 115 26.19 -61.57 30.88
CA PRO C 115 26.68 -60.29 31.42
C PRO C 115 26.86 -60.44 32.92
N SER C 116 28.06 -60.20 33.41
CA SER C 116 28.41 -60.55 34.78
C SER C 116 28.21 -59.42 35.78
N VAL C 117 27.90 -59.78 37.03
CA VAL C 117 27.68 -58.79 38.08
C VAL C 117 29.00 -58.66 38.83
N PHE C 118 29.29 -57.45 39.28
CA PHE C 118 30.53 -57.18 40.02
C PHE C 118 30.16 -56.08 40.95
N ILE C 119 30.68 -56.04 42.16
CA ILE C 119 30.30 -54.93 43.03
C ILE C 119 31.56 -54.15 43.37
N PHE C 120 31.40 -52.95 43.87
CA PHE C 120 32.53 -52.12 44.22
C PHE C 120 32.20 -51.39 45.51
N PRO C 121 33.02 -51.56 46.55
CA PRO C 121 32.81 -50.90 47.85
C PRO C 121 33.21 -49.45 47.73
N PRO C 122 32.64 -48.58 48.55
CA PRO C 122 33.00 -47.16 48.47
C PRO C 122 34.50 -46.93 48.64
N SER C 123 35.13 -46.11 47.78
CA SER C 123 36.56 -45.85 47.90
C SER C 123 36.79 -45.26 49.26
N ASP C 124 37.99 -45.45 49.76
CA ASP C 124 38.35 -45.00 51.09
C ASP C 124 38.43 -43.50 51.19
N GLU C 125 38.97 -42.90 50.15
CA GLU C 125 39.15 -41.45 50.13
C GLU C 125 37.86 -40.76 49.79
N GLN C 126 36.88 -41.56 49.39
CA GLN C 126 35.61 -41.00 49.03
C GLN C 126 34.83 -40.94 50.33
N LEU C 127 35.40 -41.56 51.36
CA LEU C 127 34.78 -41.53 52.68
C LEU C 127 35.63 -40.60 53.49
N LYS C 128 36.53 -39.91 52.79
CA LYS C 128 37.38 -38.95 53.46
C LYS C 128 36.76 -37.61 53.23
N SER C 129 35.71 -37.63 52.42
CA SER C 129 34.95 -36.45 52.12
C SER C 129 33.69 -36.81 52.87
N GLY C 130 32.55 -36.22 52.55
CA GLY C 130 31.36 -36.57 53.31
C GLY C 130 30.42 -37.70 52.90
N THR C 131 30.59 -38.29 51.73
CA THR C 131 29.64 -39.32 51.31
C THR C 131 30.29 -40.56 50.77
N ALA C 132 29.64 -41.71 50.93
CA ALA C 132 30.17 -42.99 50.45
C ALA C 132 29.30 -43.50 49.32
N SER C 133 29.92 -44.15 48.32
CA SER C 133 29.18 -44.64 47.14
C SER C 133 29.46 -46.07 46.68
N VAL C 134 28.50 -46.96 46.91
CA VAL C 134 28.59 -48.37 46.51
C VAL C 134 28.16 -48.42 45.06
N VAL C 135 28.65 -49.37 44.29
CA VAL C 135 28.29 -49.40 42.88
C VAL C 135 28.26 -50.75 42.19
N CYS C 136 27.10 -51.19 41.77
CA CYS C 136 26.99 -52.46 41.08
C CYS C 136 27.37 -52.29 39.61
N LEU C 137 27.74 -53.36 38.92
CA LEU C 137 28.08 -53.27 37.51
C LEU C 137 27.62 -54.56 36.87
N LEU C 138 26.91 -54.44 35.77
CA LEU C 138 26.44 -55.58 35.00
C LEU C 138 27.39 -55.39 33.85
N ASN C 139 28.00 -56.43 33.28
CA ASN C 139 28.98 -56.05 32.29
C ASN C 139 28.75 -56.08 30.79
N ASN C 140 28.28 -57.19 30.24
CA ASN C 140 28.05 -57.18 28.79
C ASN C 140 26.87 -58.07 28.63
N PHE C 141 25.67 -57.53 28.55
CA PHE C 141 24.51 -58.40 28.43
C PHE C 141 23.58 -57.99 27.38
N TYR C 142 22.61 -58.83 27.10
CA TYR C 142 21.64 -58.43 26.10
C TYR C 142 20.42 -59.17 26.31
N PRO C 143 19.25 -58.55 26.34
CA PRO C 143 18.31 -57.52 26.32
C PRO C 143 18.67 -56.42 27.32
N ARG C 144 18.36 -55.14 27.01
CA ARG C 144 18.66 -54.14 28.00
C ARG C 144 17.68 -54.17 29.18
N GLU C 145 16.93 -55.25 29.35
CA GLU C 145 15.99 -55.32 30.46
C GLU C 145 16.72 -55.87 31.65
N ALA C 146 16.94 -55.05 32.67
CA ALA C 146 17.65 -55.48 33.85
C ALA C 146 17.14 -54.73 35.03
N LYS C 147 16.96 -55.45 36.13
CA LYS C 147 16.47 -54.85 37.35
C LYS C 147 17.43 -55.13 38.50
N VAL C 148 18.29 -54.16 38.76
CA VAL C 148 19.23 -54.28 39.85
C VAL C 148 18.72 -53.54 41.09
N GLN C 149 18.40 -54.29 42.14
CA GLN C 149 17.89 -53.75 43.39
C GLN C 149 18.96 -53.80 44.45
N TRP C 150 18.98 -52.90 45.40
CA TRP C 150 20.02 -52.98 46.41
C TRP C 150 19.48 -53.50 47.74
N LYS C 151 20.39 -53.86 48.66
CA LYS C 151 20.03 -54.34 50.00
C LYS C 151 21.14 -54.08 51.01
N VAL C 152 20.85 -53.23 52.00
CA VAL C 152 21.80 -52.91 53.07
C VAL C 152 21.38 -53.75 54.26
N ASP C 153 22.13 -54.82 54.49
CA ASP C 153 21.81 -55.74 55.56
C ASP C 153 20.48 -56.38 55.19
N ASN C 154 20.46 -56.90 53.96
CA ASN C 154 19.32 -57.58 53.38
C ASN C 154 18.00 -56.82 53.43
N ALA C 155 18.09 -55.51 53.63
CA ALA C 155 16.91 -54.64 53.68
C ALA C 155 16.95 -53.82 52.41
N LEU C 156 15.84 -53.81 51.67
CA LEU C 156 15.79 -53.09 50.39
C LEU C 156 15.95 -51.58 50.47
N GLN C 157 16.77 -51.02 49.60
CA GLN C 157 16.98 -49.60 49.58
C GLN C 157 16.12 -49.04 48.45
N SER C 158 15.60 -47.81 48.60
CA SER C 158 14.74 -47.16 47.59
C SER C 158 15.09 -45.73 47.16
N GLY C 159 14.96 -45.49 45.88
CA GLY C 159 15.23 -44.16 45.36
C GLY C 159 16.58 -43.50 45.59
N ASN C 160 17.64 -44.23 45.90
CA ASN C 160 18.96 -43.61 46.07
C ASN C 160 19.98 -44.10 45.04
N SER C 161 19.56 -45.06 44.23
CA SER C 161 20.41 -45.61 43.21
C SER C 161 20.07 -45.04 41.83
N GLN C 162 21.07 -44.58 41.10
CA GLN C 162 20.85 -44.08 39.77
C GLN C 162 21.47 -45.08 38.76
N GLU C 163 20.77 -45.41 37.67
CA GLU C 163 21.30 -46.35 36.68
C GLU C 163 21.61 -45.70 35.33
N SER C 164 22.57 -46.24 34.61
CA SER C 164 22.90 -45.73 33.30
C SER C 164 23.50 -46.85 32.50
N VAL C 165 22.99 -47.08 31.30
CA VAL C 165 23.47 -48.16 30.46
C VAL C 165 24.33 -47.73 29.28
N THR C 166 25.32 -48.55 28.91
CA THR C 166 26.18 -48.27 27.76
C THR C 166 25.30 -48.35 26.50
N GLU C 167 25.84 -47.96 25.36
CA GLU C 167 25.06 -48.03 24.13
C GLU C 167 25.47 -49.37 23.54
N GLN C 168 24.55 -50.02 22.83
CA GLN C 168 24.85 -51.34 22.26
C GLN C 168 26.24 -51.36 21.62
N ASP C 169 27.04 -52.39 21.91
CA ASP C 169 28.42 -52.50 21.38
C ASP C 169 28.55 -52.78 19.88
N SER C 170 29.64 -52.28 19.29
CA SER C 170 29.91 -52.45 17.87
C SER C 170 30.26 -53.89 17.50
N LYS C 171 30.70 -54.68 18.47
CA LYS C 171 31.04 -56.07 18.20
C LYS C 171 30.17 -57.04 19.00
N ASP C 172 30.16 -56.87 20.33
CA ASP C 172 29.37 -57.69 21.27
C ASP C 172 27.86 -57.46 21.16
N SER C 173 27.50 -56.20 20.91
CA SER C 173 26.11 -55.78 20.79
C SER C 173 25.45 -56.03 22.13
N THR C 174 26.25 -55.87 23.17
CA THR C 174 25.75 -56.07 24.51
C THR C 174 25.67 -54.82 25.34
N TYR C 175 24.54 -54.70 26.00
CA TYR C 175 24.22 -53.58 26.87
C TYR C 175 24.84 -53.80 28.24
N SER C 176 25.36 -52.73 28.83
CA SER C 176 25.98 -52.85 30.13
C SER C 176 25.33 -51.86 31.08
N LEU C 177 24.64 -52.37 32.10
CA LEU C 177 23.97 -51.50 33.08
C LEU C 177 24.84 -51.24 34.30
N SER C 178 24.74 -50.05 34.84
CA SER C 178 25.46 -49.66 36.05
C SER C 178 24.59 -49.00 37.09
N SER C 179 24.61 -49.52 38.30
CA SER C 179 23.77 -49.00 39.36
C SER C 179 24.71 -48.37 40.35
N THR C 180 24.31 -47.27 40.94
CA THR C 180 25.14 -46.55 41.88
C THR C 180 24.33 -46.26 43.16
N LEU C 181 24.74 -46.90 44.25
CA LEU C 181 24.10 -46.77 45.57
C LEU C 181 24.87 -45.78 46.43
N THR C 182 24.40 -44.55 46.54
CA THR C 182 25.10 -43.52 47.33
C THR C 182 24.43 -43.29 48.68
N LEU C 183 25.22 -43.06 49.73
CA LEU C 183 24.68 -42.82 51.09
C LEU C 183 25.76 -42.11 51.87
N SER C 184 25.36 -41.17 52.71
CA SER C 184 26.32 -40.40 53.49
C SER C 184 27.10 -41.36 54.35
N LYS C 185 28.41 -41.14 54.48
CA LYS C 185 29.25 -42.03 55.28
C LYS C 185 28.55 -42.51 56.52
N ALA C 186 28.03 -41.56 57.28
CA ALA C 186 27.32 -41.84 58.50
C ALA C 186 26.40 -43.06 58.33
N ASP C 187 25.44 -42.96 57.41
CA ASP C 187 24.51 -44.06 57.17
C ASP C 187 25.15 -45.27 56.50
N TYR C 188 26.36 -45.11 55.99
CA TYR C 188 27.03 -46.19 55.33
C TYR C 188 27.67 -47.07 56.35
N GLU C 189 28.06 -46.49 57.48
CA GLU C 189 28.70 -47.20 58.58
C GLU C 189 27.63 -47.74 59.54
N LYS C 190 26.42 -47.18 59.43
CA LYS C 190 25.26 -47.54 60.24
C LYS C 190 24.77 -48.95 59.91
N HIS C 191 25.34 -49.54 58.87
CA HIS C 191 25.00 -50.88 58.46
C HIS C 191 26.28 -51.65 58.13
N LYS C 192 26.20 -52.95 57.82
CA LYS C 192 27.40 -53.74 57.55
C LYS C 192 27.42 -54.73 56.38
N VAL C 193 26.27 -55.04 55.79
CA VAL C 193 26.19 -55.98 54.68
C VAL C 193 25.59 -55.41 53.38
N TYR C 194 26.43 -54.86 52.50
CA TYR C 194 25.97 -54.24 51.23
C TYR C 194 25.85 -55.18 50.03
N ALA C 195 24.63 -55.51 49.63
CA ALA C 195 24.43 -56.43 48.52
C ALA C 195 23.76 -55.81 47.30
N CYS C 196 24.02 -56.37 46.12
CA CYS C 196 23.43 -55.89 44.87
C CYS C 196 22.56 -56.93 44.10
N GLU C 197 21.24 -56.88 44.28
CA GLU C 197 20.31 -57.82 43.61
C GLU C 197 20.18 -57.61 42.11
N VAL C 198 20.40 -58.66 41.32
CA VAL C 198 20.31 -58.55 39.86
C VAL C 198 19.37 -59.57 39.23
N THR C 199 18.28 -59.10 38.65
CA THR C 199 17.38 -60.02 37.99
C THR C 199 17.63 -59.80 36.50
N HIS C 200 17.05 -60.62 35.63
CA HIS C 200 17.32 -60.45 34.20
C HIS C 200 16.64 -61.49 33.34
N GLN C 201 16.60 -61.20 32.04
CA GLN C 201 16.00 -62.06 31.05
C GLN C 201 16.67 -63.42 30.93
N GLY C 202 17.97 -63.45 31.18
CA GLY C 202 18.69 -64.71 31.06
C GLY C 202 19.34 -65.19 32.33
N LEU C 203 18.66 -64.98 33.44
CA LEU C 203 19.24 -65.44 34.67
C LEU C 203 18.37 -66.41 35.43
N SER C 204 18.81 -67.67 35.44
CA SER C 204 18.10 -68.70 36.17
C SER C 204 17.97 -68.16 37.59
N SER C 205 19.11 -68.06 38.26
CA SER C 205 19.17 -67.57 39.62
C SER C 205 19.65 -66.12 39.62
N PRO C 206 18.83 -65.20 40.15
CA PRO C 206 19.19 -63.78 40.20
C PRO C 206 20.58 -63.55 40.83
N VAL C 207 21.61 -63.42 40.01
CA VAL C 207 22.98 -63.22 40.53
C VAL C 207 23.04 -62.12 41.59
N THR C 208 23.53 -62.46 42.78
CA THR C 208 23.60 -61.47 43.85
C THR C 208 24.96 -61.23 44.47
N LYS C 209 25.74 -60.38 43.82
CA LYS C 209 27.06 -60.03 44.31
C LYS C 209 26.90 -59.18 45.57
N SER C 210 27.97 -59.08 46.35
CA SER C 210 27.96 -58.30 47.57
C SER C 210 29.23 -58.41 48.41
N PHE C 211 29.22 -57.60 49.46
CA PHE C 211 30.33 -57.50 50.40
C PHE C 211 29.96 -56.93 51.76
N ASN C 212 30.84 -57.09 52.74
CA ASN C 212 30.61 -56.57 54.10
C ASN C 212 31.58 -55.42 54.29
N ARG C 213 31.14 -54.31 54.87
CA ARG C 213 32.04 -53.18 55.01
C ARG C 213 33.29 -53.33 55.85
N GLY C 214 34.45 -53.27 55.22
CA GLY C 214 35.70 -53.40 55.93
C GLY C 214 36.18 -54.83 56.06
N GLU C 215 36.26 -55.53 54.92
CA GLU C 215 36.71 -56.93 54.86
C GLU C 215 37.47 -57.36 53.59
N GLU D 1 33.50 -25.42 -0.83
CA GLU D 1 33.13 -26.67 -0.11
C GLU D 1 32.31 -26.36 1.12
N VAL D 2 30.99 -26.49 1.02
CA VAL D 2 30.06 -26.18 2.13
C VAL D 2 30.22 -26.85 3.47
N GLN D 3 29.76 -26.14 4.50
CA GLN D 3 29.74 -26.61 5.90
C GLN D 3 29.26 -25.48 6.81
N LEU D 4 28.79 -25.82 8.01
CA LEU D 4 28.28 -24.85 8.97
C LEU D 4 29.03 -24.89 10.30
N VAL D 5 29.00 -23.80 11.05
CA VAL D 5 29.75 -23.78 12.29
C VAL D 5 29.07 -23.10 13.49
N GLU D 6 28.36 -23.88 14.32
CA GLU D 6 27.70 -23.31 15.51
C GLU D 6 28.77 -22.91 16.50
N SER D 7 28.55 -21.80 17.20
CA SER D 7 29.51 -21.33 18.18
C SER D 7 28.89 -20.44 19.23
N GLY D 8 29.36 -20.56 20.47
CA GLY D 8 28.80 -19.70 21.49
C GLY D 8 28.11 -20.43 22.61
N GLY D 9 27.75 -21.69 22.38
CA GLY D 9 27.08 -22.42 23.45
C GLY D 9 27.98 -22.36 24.65
N GLY D 10 27.39 -22.48 25.83
CA GLY D 10 28.20 -22.44 27.02
C GLY D 10 27.45 -22.82 28.27
N LEU D 11 27.78 -22.17 29.40
CA LEU D 11 27.13 -22.44 30.66
C LEU D 11 26.49 -21.14 31.16
N VAL D 12 25.21 -21.20 31.52
CA VAL D 12 24.51 -20.01 32.00
C VAL D 12 23.46 -20.33 33.05
N GLN D 13 23.53 -19.65 34.18
CA GLN D 13 22.56 -19.84 35.25
C GLN D 13 21.20 -19.54 34.63
N PRO D 14 20.12 -20.19 35.10
CA PRO D 14 18.77 -19.98 34.58
C PRO D 14 18.39 -18.51 34.40
N GLY D 15 17.53 -18.27 33.40
CA GLY D 15 17.04 -16.94 33.07
C GLY D 15 18.13 -15.95 32.73
N GLY D 16 19.17 -16.47 32.06
CA GLY D 16 20.31 -15.67 31.65
C GLY D 16 20.23 -15.26 30.20
N SER D 17 21.36 -15.16 29.51
CA SER D 17 21.35 -14.75 28.09
C SER D 17 22.46 -15.44 27.36
N LEU D 18 22.25 -15.74 26.08
CA LEU D 18 23.25 -16.40 25.26
C LEU D 18 23.10 -16.05 23.80
N ARG D 19 24.18 -16.10 23.04
CA ARG D 19 24.09 -15.77 21.63
C ARG D 19 24.81 -16.84 20.87
N LEU D 20 24.11 -17.60 20.05
CA LEU D 20 24.79 -18.61 19.28
C LEU D 20 25.03 -18.02 17.89
N SER D 21 26.06 -18.48 17.20
CA SER D 21 26.37 -17.95 15.89
C SER D 21 26.58 -19.11 14.96
N CYS D 22 25.80 -19.15 13.89
CA CYS D 22 25.93 -20.24 12.92
C CYS D 22 26.78 -19.83 11.74
N ALA D 23 28.11 -19.72 11.90
CA ALA D 23 28.99 -19.31 10.80
C ALA D 23 28.88 -20.23 9.57
N ALA D 24 28.37 -19.70 8.45
CA ALA D 24 28.19 -20.47 7.22
C ALA D 24 29.39 -20.43 6.31
N SER D 25 29.61 -21.46 5.54
CA SER D 25 30.81 -21.42 4.73
C SER D 25 30.84 -22.15 3.42
N GLY D 26 29.91 -21.89 2.53
CA GLY D 26 30.00 -22.55 1.25
C GLY D 26 29.01 -21.90 0.33
N PHE D 27 28.15 -21.10 0.91
CA PHE D 27 27.10 -20.45 0.19
C PHE D 27 26.86 -19.08 0.76
N ASN D 28 26.06 -18.28 0.09
CA ASN D 28 25.78 -17.00 0.69
C ASN D 28 24.48 -17.25 1.41
N ILE D 29 24.44 -16.92 2.68
CA ILE D 29 23.22 -17.11 3.45
C ILE D 29 22.25 -16.10 2.87
N SER D 30 22.71 -15.36 1.88
CA SER D 30 21.89 -14.33 1.32
C SER D 30 20.67 -14.91 0.72
N SER D 31 20.83 -16.03 0.05
CA SER D 31 19.73 -16.63 -0.61
C SER D 31 19.39 -17.94 -0.02
N TYR D 32 19.65 -18.12 1.25
CA TYR D 32 19.28 -19.40 1.85
C TYR D 32 18.57 -19.11 3.12
N SER D 33 18.07 -20.15 3.77
CA SER D 33 17.40 -19.96 5.04
C SER D 33 18.12 -20.78 6.09
N ILE D 34 18.39 -20.21 7.28
CA ILE D 34 19.07 -20.93 8.39
C ILE D 34 18.14 -21.44 9.52
N HIS D 35 18.26 -22.69 9.87
CA HIS D 35 17.40 -23.19 10.91
C HIS D 35 18.22 -23.38 12.11
N TRP D 36 17.57 -23.42 13.26
CA TRP D 36 18.25 -23.70 14.49
C TRP D 36 17.47 -24.85 15.07
N VAL D 37 18.12 -25.99 15.17
CA VAL D 37 17.44 -27.15 15.71
C VAL D 37 18.24 -27.73 16.84
N ARG D 38 17.67 -27.65 18.06
CA ARG D 38 18.29 -28.12 19.32
C ARG D 38 17.73 -29.42 19.78
N GLN D 39 18.62 -30.36 20.04
CA GLN D 39 18.22 -31.63 20.51
C GLN D 39 18.47 -31.46 21.95
N ALA D 40 17.62 -32.04 22.78
CA ALA D 40 17.80 -31.92 24.22
C ALA D 40 19.00 -32.78 24.55
N PRO D 41 19.27 -32.99 25.84
CA PRO D 41 20.42 -33.83 26.14
C PRO D 41 19.81 -35.21 26.31
N GLY D 42 20.05 -36.13 25.39
CA GLY D 42 19.47 -37.48 25.51
C GLY D 42 17.97 -37.61 25.23
N LYS D 43 17.37 -36.61 24.62
CA LYS D 43 15.96 -36.67 24.28
C LYS D 43 15.92 -36.48 22.78
N GLY D 44 14.75 -36.35 22.18
CA GLY D 44 14.69 -36.20 20.74
C GLY D 44 14.93 -34.84 20.12
N LEU D 45 14.97 -34.81 18.78
CA LEU D 45 15.19 -33.61 17.94
C LEU D 45 14.14 -32.53 17.99
N GLU D 46 14.51 -31.28 18.27
CA GLU D 46 13.55 -30.17 18.34
C GLU D 46 13.95 -28.96 17.55
N TRP D 47 12.99 -28.36 16.84
CA TRP D 47 13.32 -27.16 16.07
C TRP D 47 13.02 -25.92 16.91
N VAL D 48 13.88 -24.91 16.83
CA VAL D 48 13.66 -23.71 17.60
C VAL D 48 13.21 -22.51 16.85
N ALA D 49 14.02 -22.01 15.93
CA ALA D 49 13.62 -20.83 15.19
C ALA D 49 14.34 -20.87 13.90
N SER D 50 13.93 -20.14 12.88
CA SER D 50 14.65 -20.21 11.63
C SER D 50 14.56 -18.86 10.99
N ILE D 51 15.35 -18.60 9.98
CA ILE D 51 15.28 -17.28 9.36
C ILE D 51 15.60 -17.36 7.89
N SER D 52 14.77 -16.76 7.03
CA SER D 52 15.02 -16.75 5.58
C SER D 52 15.49 -15.34 5.41
N SER D 53 16.77 -15.13 5.27
CA SER D 53 17.30 -13.80 5.13
C SER D 53 17.03 -13.20 3.77
N TYR D 54 16.53 -14.02 2.86
CA TYR D 54 16.28 -13.54 1.50
C TYR D 54 14.97 -12.76 1.49
N TYR D 55 13.92 -13.37 2.04
CA TYR D 55 12.66 -12.69 2.14
C TYR D 55 13.07 -12.03 3.41
N SER D 56 12.35 -11.07 3.96
CA SER D 56 12.88 -10.43 5.16
C SER D 56 12.32 -11.11 6.41
N SER D 57 12.08 -12.41 6.27
CA SER D 57 11.45 -13.20 7.32
C SER D 57 12.14 -14.08 8.37
N THR D 58 11.40 -14.33 9.46
CA THR D 58 11.83 -15.15 10.59
C THR D 58 10.68 -16.06 11.06
N TYR D 59 10.98 -17.08 11.85
CA TYR D 59 9.98 -18.00 12.38
C TYR D 59 10.49 -18.60 13.67
N TYR D 60 9.72 -18.60 14.75
CA TYR D 60 10.21 -19.23 15.99
C TYR D 60 9.26 -20.33 16.32
N ALA D 61 9.69 -21.27 17.16
CA ALA D 61 8.82 -22.38 17.52
C ALA D 61 7.84 -21.95 18.61
N ASP D 62 6.73 -22.67 18.77
CA ASP D 62 5.75 -22.27 19.75
C ASP D 62 6.31 -22.55 21.12
N SER D 63 7.44 -23.24 21.17
CA SER D 63 8.10 -23.57 22.42
C SER D 63 8.81 -22.36 22.97
N VAL D 64 9.17 -21.43 22.12
CA VAL D 64 9.85 -20.27 22.64
C VAL D 64 9.27 -19.03 21.99
N LYS D 65 8.85 -18.05 22.77
CA LYS D 65 8.32 -16.91 22.08
C LYS D 65 9.00 -15.60 22.39
N GLY D 66 8.75 -15.04 23.56
CA GLY D 66 9.36 -13.75 23.84
C GLY D 66 10.82 -13.85 24.22
N ARG D 67 11.35 -15.07 24.12
CA ARG D 67 12.72 -15.30 24.57
C ARG D 67 13.83 -15.43 23.55
N PHE D 68 13.53 -16.04 22.40
CA PHE D 68 14.55 -16.24 21.38
C PHE D 68 14.37 -15.25 20.29
N THR D 69 15.47 -14.95 19.61
CA THR D 69 15.52 -13.95 18.52
C THR D 69 16.53 -14.31 17.41
N ILE D 70 16.13 -15.13 16.45
CA ILE D 70 17.01 -15.53 15.35
C ILE D 70 17.11 -14.34 14.47
N SER D 71 18.30 -14.00 14.07
CA SER D 71 18.49 -12.83 13.24
C SER D 71 19.73 -13.10 12.43
N ALA D 72 19.94 -12.32 11.39
CA ALA D 72 21.15 -12.54 10.63
C ALA D 72 21.64 -11.33 9.92
N ASP D 73 22.98 -11.34 9.79
CA ASP D 73 23.76 -10.30 9.14
C ASP D 73 24.33 -10.95 7.90
N THR D 74 24.14 -10.33 6.74
CA THR D 74 24.64 -10.92 5.52
C THR D 74 25.98 -10.37 5.12
N SER D 75 26.31 -9.17 5.61
CA SER D 75 27.60 -8.55 5.34
C SER D 75 28.68 -9.54 5.76
N LYS D 76 28.57 -10.08 6.97
CA LYS D 76 29.48 -11.12 7.44
C LYS D 76 28.61 -12.26 7.00
N ASN D 77 28.90 -13.49 7.35
CA ASN D 77 28.00 -14.51 6.84
C ASN D 77 27.52 -15.39 7.93
N THR D 78 26.68 -14.88 8.80
CA THR D 78 26.24 -15.73 9.88
C THR D 78 24.84 -15.50 10.39
N ALA D 79 24.29 -16.52 11.02
CA ALA D 79 22.99 -16.37 11.59
C ALA D 79 23.28 -16.38 13.07
N TYR D 80 22.38 -15.83 13.84
CA TYR D 80 22.55 -15.82 15.26
C TYR D 80 21.23 -16.19 15.96
N LEU D 81 21.24 -17.14 16.86
CA LEU D 81 20.02 -17.44 17.54
C LEU D 81 20.31 -16.75 18.85
N GLN D 82 19.39 -15.94 19.32
CA GLN D 82 19.59 -15.17 20.56
C GLN D 82 18.73 -15.71 21.69
N MET D 83 19.35 -16.12 22.77
CA MET D 83 18.59 -16.65 23.85
C MET D 83 18.55 -15.66 25.01
N ASN D 84 17.35 -15.37 25.51
CA ASN D 84 17.26 -14.38 26.58
C ASN D 84 16.82 -14.75 27.97
N SER D 85 15.71 -15.46 28.09
CA SER D 85 15.26 -15.84 29.43
C SER D 85 15.45 -17.29 29.43
N LEU D 86 16.69 -17.75 29.55
CA LEU D 86 16.95 -19.18 29.47
C LEU D 86 16.37 -19.93 30.63
N ARG D 87 15.52 -20.89 30.34
CA ARG D 87 14.90 -21.67 31.39
C ARG D 87 15.76 -22.91 31.51
N ALA D 88 15.61 -23.64 32.62
CA ALA D 88 16.36 -24.85 32.84
C ALA D 88 16.14 -25.97 31.77
N GLU D 89 15.15 -25.84 30.91
CA GLU D 89 14.90 -26.86 29.89
C GLU D 89 15.57 -26.55 28.59
N ASP D 90 16.09 -25.34 28.47
CA ASP D 90 16.78 -24.92 27.26
C ASP D 90 18.14 -25.54 27.10
N THR D 91 18.51 -26.51 27.94
CA THR D 91 19.84 -27.14 27.83
C THR D 91 19.83 -28.16 26.75
N ALA D 92 20.78 -28.06 25.83
CA ALA D 92 20.77 -28.98 24.74
C ALA D 92 21.90 -28.83 23.75
N VAL D 93 21.82 -29.60 22.68
CA VAL D 93 22.78 -29.58 21.59
C VAL D 93 22.15 -28.70 20.51
N TYR D 94 22.68 -27.54 20.30
CA TYR D 94 22.06 -26.68 19.33
C TYR D 94 22.72 -26.80 18.01
N TYR D 95 21.95 -27.20 17.00
CA TYR D 95 22.52 -27.30 15.66
C TYR D 95 21.94 -26.18 14.86
N CYS D 96 22.38 -26.08 13.63
CA CYS D 96 21.82 -25.12 12.72
C CYS D 96 22.00 -25.74 11.39
N ALA D 97 21.03 -25.57 10.52
CA ALA D 97 21.11 -26.17 9.23
C ALA D 97 20.53 -25.24 8.18
N ARG D 98 20.58 -25.64 6.91
CA ARG D 98 20.03 -24.84 5.84
C ARG D 98 19.01 -25.66 5.11
N GLN D 99 18.29 -24.99 4.22
CA GLN D 99 17.30 -25.56 3.33
C GLN D 99 17.30 -24.47 2.25
N PRO D 100 17.17 -24.81 0.97
CA PRO D 100 17.21 -23.68 0.04
C PRO D 100 15.97 -22.89 0.33
N SER D 101 15.81 -21.65 -0.16
CA SER D 101 14.57 -20.95 0.16
C SER D 101 13.55 -21.38 -0.82
N TYR D 102 12.50 -20.61 -0.96
CA TYR D 102 11.52 -20.98 -1.93
C TYR D 102 11.97 -20.60 -3.33
N HIS D 103 13.00 -21.21 -3.87
CA HIS D 103 13.21 -20.73 -5.18
C HIS D 103 13.05 -21.49 -6.40
N MET D 104 13.88 -22.50 -6.59
CA MET D 104 13.53 -23.30 -7.72
C MET D 104 12.95 -24.64 -7.45
N TYR D 105 13.75 -25.56 -6.98
CA TYR D 105 13.18 -26.84 -6.76
C TYR D 105 13.99 -27.11 -5.55
N SER D 106 15.01 -26.31 -5.31
CA SER D 106 15.78 -26.66 -4.15
C SER D 106 15.18 -26.73 -2.78
N TRP D 107 14.05 -26.05 -2.64
CA TRP D 107 13.34 -25.96 -1.38
C TRP D 107 12.80 -27.30 -1.04
N TRP D 108 12.71 -28.16 -2.02
CA TRP D 108 12.16 -29.45 -1.73
C TRP D 108 13.12 -30.40 -1.08
N VAL D 109 14.37 -29.99 -0.92
CA VAL D 109 15.36 -30.79 -0.21
C VAL D 109 14.99 -29.77 0.88
N ALA D 110 15.10 -30.20 2.13
CA ALA D 110 14.75 -29.34 3.27
C ALA D 110 15.74 -28.87 4.34
N LEU D 111 16.56 -29.80 4.83
CA LEU D 111 17.53 -29.48 5.87
C LEU D 111 18.58 -30.30 5.14
N ASP D 112 19.30 -29.65 4.23
CA ASP D 112 20.25 -30.35 3.40
C ASP D 112 21.56 -30.59 4.13
N TYR D 113 22.10 -29.57 4.80
CA TYR D 113 23.35 -29.69 5.57
C TYR D 113 23.34 -29.08 6.96
N TRP D 114 23.62 -29.87 7.99
CA TRP D 114 23.66 -29.36 9.35
C TRP D 114 25.11 -29.14 9.79
N GLY D 115 25.30 -28.46 10.92
CA GLY D 115 26.64 -28.23 11.46
C GLY D 115 26.76 -29.19 12.62
N GLN D 116 27.82 -29.15 13.42
CA GLN D 116 27.92 -30.11 14.53
C GLN D 116 27.22 -29.74 15.86
N GLY D 117 26.91 -28.46 16.03
CA GLY D 117 26.20 -28.01 17.22
C GLY D 117 27.08 -27.63 18.38
N THR D 118 26.59 -26.74 19.25
CA THR D 118 27.31 -26.31 20.43
C THR D 118 26.44 -26.72 21.58
N LEU D 119 27.01 -26.91 22.75
CA LEU D 119 26.15 -27.31 23.83
C LEU D 119 25.75 -26.15 24.71
N VAL D 120 24.46 -26.05 25.01
CA VAL D 120 23.99 -24.99 25.88
C VAL D 120 23.57 -25.65 27.18
N THR D 121 24.18 -25.22 28.28
CA THR D 121 23.88 -25.76 29.59
C THR D 121 23.32 -24.66 30.48
N VAL D 122 22.04 -24.72 30.74
CA VAL D 122 21.39 -23.75 31.58
C VAL D 122 21.19 -24.48 32.94
N SER D 123 21.81 -23.95 33.98
CA SER D 123 21.72 -24.53 35.31
C SER D 123 22.36 -23.58 36.30
N SER D 124 21.83 -23.48 37.51
CA SER D 124 22.41 -22.58 38.48
C SER D 124 23.72 -23.15 38.97
N ALA D 125 23.92 -24.44 38.74
CA ALA D 125 25.13 -25.13 39.19
C ALA D 125 26.38 -24.46 38.64
N SER D 126 27.43 -24.34 39.46
CA SER D 126 28.67 -23.73 38.97
C SER D 126 29.70 -24.73 38.45
N THR D 127 30.75 -24.26 37.77
CA THR D 127 31.77 -25.15 37.21
C THR D 127 32.63 -25.87 38.25
N LYS D 128 32.93 -27.15 38.01
CA LYS D 128 33.78 -27.87 38.95
C LYS D 128 34.63 -28.95 38.33
N GLY D 129 35.87 -29.00 38.78
CA GLY D 129 36.77 -30.00 38.28
C GLY D 129 36.26 -31.28 38.89
N PRO D 130 36.48 -32.39 38.21
CA PRO D 130 36.04 -33.68 38.71
C PRO D 130 37.04 -34.22 39.68
N SER D 131 36.48 -34.99 40.66
CA SER D 131 37.34 -35.70 41.61
C SER D 131 37.12 -37.14 41.22
N VAL D 132 38.18 -37.89 40.96
CA VAL D 132 38.02 -39.27 40.55
C VAL D 132 38.43 -40.19 41.68
N PHE D 133 37.72 -41.32 41.82
CA PHE D 133 38.02 -42.29 42.86
C PHE D 133 38.25 -43.66 42.23
N PRO D 134 39.19 -44.44 42.79
CA PRO D 134 39.50 -45.75 42.26
C PRO D 134 38.50 -46.82 42.60
N LEU D 135 38.09 -47.60 41.59
CA LEU D 135 37.17 -48.70 41.81
C LEU D 135 38.00 -49.97 41.76
N ALA D 136 38.50 -50.38 42.93
CA ALA D 136 39.34 -51.57 43.08
C ALA D 136 38.58 -52.89 42.91
N PRO D 137 39.18 -53.82 42.15
CA PRO D 137 38.62 -55.14 41.86
C PRO D 137 39.04 -56.19 42.89
N SER D 138 38.42 -57.37 42.82
CA SER D 138 38.73 -58.48 43.73
C SER D 138 38.32 -59.82 43.12
N SER D 139 38.66 -60.92 43.80
CA SER D 139 38.30 -62.25 43.33
C SER D 139 38.03 -63.20 44.49
N GLY D 145 40.75 -64.97 35.70
CA GLY D 145 40.86 -64.62 34.30
C GLY D 145 39.98 -63.46 33.89
N THR D 146 38.89 -63.25 34.62
CA THR D 146 37.99 -62.16 34.31
C THR D 146 37.87 -61.25 35.51
N ALA D 147 38.49 -60.08 35.41
CA ALA D 147 38.44 -59.12 36.50
C ALA D 147 37.74 -57.87 36.00
N ALA D 148 37.11 -57.14 36.91
CA ALA D 148 36.42 -55.92 36.53
C ALA D 148 36.87 -54.81 37.45
N LEU D 149 37.48 -53.77 36.87
CA LEU D 149 37.94 -52.62 37.65
C LEU D 149 37.71 -51.31 36.88
N GLY D 150 37.70 -50.17 37.56
CA GLY D 150 37.48 -48.90 36.88
C GLY D 150 37.65 -47.66 37.75
N CYS D 151 37.25 -46.50 37.22
CA CYS D 151 37.32 -45.20 37.91
C CYS D 151 35.94 -44.64 38.20
N LEU D 152 35.90 -43.43 38.72
CA LEU D 152 34.63 -42.84 39.01
C LEU D 152 34.69 -41.32 39.11
N VAL D 153 34.58 -40.66 37.96
CA VAL D 153 34.62 -39.20 37.91
C VAL D 153 33.23 -38.87 38.43
N LYS D 154 33.15 -38.51 39.70
CA LYS D 154 31.88 -38.17 40.32
C LYS D 154 31.04 -37.02 40.90
N ASP D 155 31.54 -35.80 40.74
CA ASP D 155 30.85 -34.62 41.24
C ASP D 155 31.66 -33.87 40.19
N TYR D 156 30.96 -33.36 39.18
CA TYR D 156 31.61 -32.62 38.10
C TYR D 156 30.56 -31.90 37.26
N PHE D 157 30.92 -30.71 36.77
CA PHE D 157 30.01 -29.92 35.94
C PHE D 157 30.74 -28.79 35.26
N PRO D 158 30.32 -28.45 34.04
CA PRO D 158 29.19 -29.15 33.41
C PRO D 158 29.66 -30.29 32.51
N GLU D 159 28.76 -30.84 31.69
CA GLU D 159 29.15 -31.90 30.78
C GLU D 159 30.19 -31.27 29.87
N PRO D 160 31.16 -32.06 29.36
CA PRO D 160 31.35 -33.49 29.58
C PRO D 160 32.79 -33.75 29.96
N VAL D 161 33.10 -35.04 30.14
CA VAL D 161 34.44 -35.52 30.50
C VAL D 161 34.87 -36.69 29.64
N THR D 162 36.17 -36.85 29.52
CA THR D 162 36.73 -37.92 28.74
C THR D 162 37.41 -38.89 29.67
N VAL D 163 37.27 -40.17 29.38
CA VAL D 163 37.91 -41.17 30.20
C VAL D 163 38.56 -42.21 29.33
N SER D 164 39.89 -42.14 29.27
CA SER D 164 40.74 -43.04 28.51
C SER D 164 41.64 -43.70 29.53
N TRP D 165 42.15 -44.86 29.22
CA TRP D 165 42.97 -45.55 30.18
C TRP D 165 44.39 -45.16 30.42
N ASN D 166 45.19 -45.16 29.35
CA ASN D 166 46.59 -44.79 29.43
C ASN D 166 46.85 -44.28 28.02
N SER D 167 46.37 -43.08 27.72
CA SER D 167 46.52 -42.50 26.40
C SER D 167 46.27 -43.44 25.23
N GLY D 168 45.08 -44.04 25.22
CA GLY D 168 44.73 -45.00 24.19
C GLY D 168 45.31 -46.39 24.35
N ALA D 169 45.70 -46.73 25.57
CA ALA D 169 46.31 -48.02 25.85
C ALA D 169 45.37 -49.20 26.10
N LEU D 170 44.55 -49.09 27.14
CA LEU D 170 43.64 -50.18 27.49
C LEU D 170 42.48 -49.64 26.69
N THR D 171 42.23 -50.26 25.54
CA THR D 171 41.19 -49.85 24.62
C THR D 171 39.96 -50.78 24.64
N SER D 172 40.18 -52.08 24.77
CA SER D 172 39.06 -53.03 24.80
C SER D 172 38.69 -53.38 26.24
N GLY D 173 37.44 -53.77 26.42
CA GLY D 173 36.95 -54.11 27.75
C GLY D 173 36.56 -52.85 28.51
N VAL D 174 36.65 -51.72 27.82
CA VAL D 174 36.34 -50.42 28.40
C VAL D 174 34.95 -49.91 28.15
N HIS D 175 34.18 -49.87 29.21
CA HIS D 175 32.81 -49.40 29.15
C HIS D 175 32.65 -48.12 29.96
N THR D 176 32.85 -46.97 29.33
CA THR D 176 32.67 -45.71 30.03
C THR D 176 31.19 -45.36 29.87
N PHE D 177 30.47 -45.36 30.97
CA PHE D 177 29.04 -45.09 30.93
C PHE D 177 28.66 -43.65 30.67
N PRO D 178 27.38 -43.43 30.38
CA PRO D 178 26.84 -42.10 30.11
C PRO D 178 26.67 -41.31 31.40
N ALA D 179 27.13 -40.06 31.41
CA ALA D 179 27.00 -39.23 32.59
C ALA D 179 25.55 -39.14 33.04
N VAL D 180 25.35 -39.13 34.34
CA VAL D 180 24.00 -39.06 34.92
C VAL D 180 23.96 -38.00 36.01
N LEU D 181 23.16 -36.96 35.77
CA LEU D 181 23.02 -35.86 36.70
C LEU D 181 22.44 -36.31 38.01
N GLN D 182 22.93 -35.71 39.10
CA GLN D 182 22.45 -36.03 40.43
C GLN D 182 21.57 -34.91 40.95
N SER D 183 20.89 -35.17 42.06
CA SER D 183 19.99 -34.20 42.67
C SER D 183 20.79 -33.03 43.23
N SER D 184 22.10 -33.15 43.14
CA SER D 184 23.00 -32.13 43.62
C SER D 184 23.08 -31.00 42.62
N GLY D 185 23.31 -31.36 41.36
CA GLY D 185 23.42 -30.37 40.31
C GLY D 185 24.70 -30.58 39.52
N LEU D 186 25.40 -31.67 39.85
CA LEU D 186 26.64 -32.06 39.21
C LEU D 186 26.48 -33.40 38.54
N TYR D 187 27.34 -33.68 37.59
CA TYR D 187 27.24 -34.93 36.86
C TYR D 187 28.19 -35.92 37.45
N SER D 188 27.88 -37.18 37.28
CA SER D 188 28.69 -38.27 37.77
C SER D 188 28.75 -39.40 36.75
N LEU D 189 29.88 -40.08 36.65
CA LEU D 189 29.98 -41.19 35.71
C LEU D 189 31.17 -42.07 36.04
N SER D 190 31.01 -43.36 35.81
CA SER D 190 32.04 -44.32 36.10
C SER D 190 32.41 -45.05 34.84
N SER D 191 33.70 -45.37 34.73
CA SER D 191 34.19 -46.11 33.58
C SER D 191 34.77 -47.40 34.14
N VAL D 192 34.28 -48.53 33.65
CA VAL D 192 34.74 -49.82 34.12
C VAL D 192 35.37 -50.53 32.96
N VAL D 193 36.25 -51.47 33.24
CA VAL D 193 36.92 -52.24 32.20
C VAL D 193 37.24 -53.64 32.68
N THR D 194 36.84 -54.64 31.91
CA THR D 194 37.11 -56.01 32.29
C THR D 194 38.48 -56.42 31.75
N VAL D 195 39.28 -57.00 32.63
CA VAL D 195 40.62 -57.44 32.27
C VAL D 195 40.90 -58.81 32.87
N PRO D 196 41.91 -59.52 32.35
CA PRO D 196 42.23 -60.84 32.90
C PRO D 196 42.75 -60.68 34.34
N SER D 197 42.63 -61.72 35.16
CA SER D 197 43.05 -61.64 36.55
C SER D 197 44.56 -61.69 36.79
N SER D 198 45.32 -61.95 35.75
CA SER D 198 46.76 -62.07 35.89
C SER D 198 47.42 -60.73 35.60
N SER D 199 46.61 -59.78 35.18
CA SER D 199 47.14 -58.47 34.84
C SER D 199 47.02 -57.53 36.01
N LEU D 200 46.39 -57.99 37.07
CA LEU D 200 46.22 -57.13 38.20
C LEU D 200 47.54 -56.87 38.90
N GLY D 201 48.42 -57.86 38.88
CA GLY D 201 49.70 -57.68 39.52
C GLY D 201 50.79 -57.52 38.50
N THR D 202 50.47 -57.80 37.24
CA THR D 202 51.46 -57.72 36.18
C THR D 202 51.37 -56.44 35.37
N GLN D 203 50.15 -56.09 34.97
CA GLN D 203 49.93 -54.90 34.17
C GLN D 203 49.35 -53.82 35.04
N THR D 204 49.76 -52.58 34.78
CA THR D 204 49.27 -51.44 35.56
C THR D 204 48.09 -50.78 34.85
N TYR D 205 47.11 -50.35 35.63
CA TYR D 205 45.90 -49.74 35.09
C TYR D 205 45.65 -48.35 35.64
N ILE D 206 45.60 -47.37 34.76
CA ILE D 206 45.35 -45.99 35.14
C ILE D 206 44.22 -45.44 34.31
N CYS D 207 43.45 -44.48 34.84
CA CYS D 207 42.40 -43.91 34.00
C CYS D 207 42.75 -42.43 33.86
N ASN D 208 42.78 -41.97 32.62
CA ASN D 208 43.08 -40.59 32.33
C ASN D 208 41.74 -39.89 32.26
N VAL D 209 41.61 -38.77 32.97
CA VAL D 209 40.36 -38.02 33.02
C VAL D 209 40.58 -36.56 32.77
N ASN D 210 39.88 -36.04 31.80
CA ASN D 210 40.00 -34.63 31.51
C ASN D 210 38.63 -33.99 31.42
N HIS D 211 38.34 -33.10 32.34
CA HIS D 211 37.08 -32.41 32.30
C HIS D 211 37.68 -31.25 31.61
N LYS D 212 37.01 -30.67 30.65
CA LYS D 212 37.64 -29.57 29.97
C LYS D 212 37.11 -28.23 30.38
N PRO D 213 35.85 -28.17 30.82
CA PRO D 213 35.19 -26.93 31.26
C PRO D 213 35.88 -26.42 32.52
N SER D 214 36.34 -27.38 33.29
CA SER D 214 37.13 -27.15 34.48
C SER D 214 38.31 -27.38 33.61
N ASN D 215 39.24 -26.47 33.62
CA ASN D 215 40.40 -26.60 32.76
C ASN D 215 41.31 -27.73 33.26
N THR D 216 40.75 -28.56 34.13
CA THR D 216 41.45 -29.67 34.77
C THR D 216 41.30 -31.11 34.27
N LYS D 217 42.43 -31.78 34.16
CA LYS D 217 42.48 -33.18 33.77
C LYS D 217 43.23 -33.89 34.90
N VAL D 218 43.12 -35.21 34.94
CA VAL D 218 43.80 -35.99 35.97
C VAL D 218 43.74 -37.48 35.70
N ASP D 219 44.75 -38.19 36.18
CA ASP D 219 44.83 -39.63 35.99
C ASP D 219 44.95 -40.33 37.33
N LYS D 220 44.46 -41.56 37.42
CA LYS D 220 44.56 -42.30 38.67
C LYS D 220 44.86 -43.77 38.43
N LYS D 221 45.76 -44.33 39.25
CA LYS D 221 46.14 -45.72 39.10
C LYS D 221 45.22 -46.58 39.93
N VAL D 222 44.82 -47.72 39.37
CA VAL D 222 43.93 -48.66 40.05
C VAL D 222 44.68 -49.70 40.91
N GLU D 223 45.08 -49.29 42.11
CA GLU D 223 45.79 -50.19 43.04
C GLU D 223 44.80 -50.92 43.91
N PRO D 224 44.76 -52.25 43.78
CA PRO D 224 43.85 -53.10 44.55
C PRO D 224 44.10 -53.08 46.05
N SER E 28 27.30 30.06 -1.57
CA SER E 28 27.30 31.50 -1.22
C SER E 28 26.01 31.86 -0.51
N ALA E 29 26.13 32.53 0.63
CA ALA E 29 24.95 32.96 1.38
C ALA E 29 24.12 33.90 0.48
N LEU E 30 22.79 33.74 0.46
CA LEU E 30 21.93 34.62 -0.33
C LEU E 30 21.03 35.28 0.71
N GLN E 31 21.45 35.08 1.96
CA GLN E 31 20.78 35.61 3.15
C GLN E 31 21.56 36.87 3.58
N TRP E 32 22.83 36.93 3.19
CA TRP E 32 23.74 38.04 3.50
C TRP E 32 23.88 38.92 2.25
N ARG E 33 23.24 38.47 1.17
CA ARG E 33 23.21 39.20 -0.08
C ARG E 33 21.77 39.70 -0.23
N ALA E 34 21.01 39.55 0.87
CA ALA E 34 19.62 39.97 0.99
C ALA E 34 19.46 40.87 2.24
N ALA E 35 20.10 40.48 3.34
CA ALA E 35 20.09 41.21 4.63
C ALA E 35 21.25 42.22 4.69
N GLY E 36 22.48 41.76 4.46
CA GLY E 36 23.62 42.66 4.46
C GLY E 36 23.71 43.39 3.12
N ALA E 37 22.63 43.35 2.34
CA ALA E 37 22.57 44.02 1.04
C ALA E 37 21.47 45.09 1.00
N ALA E 38 20.53 45.03 1.95
CA ALA E 38 19.46 46.01 2.05
C ALA E 38 19.70 46.86 3.31
N THR E 39 20.78 46.53 4.03
CA THR E 39 21.23 47.23 5.25
C THR E 39 22.33 48.19 4.80
N VAL E 40 22.81 47.98 3.57
CA VAL E 40 23.84 48.82 2.94
C VAL E 40 23.06 49.78 2.03
N LEU E 41 21.83 49.38 1.67
CA LEU E 41 20.94 50.21 0.85
C LEU E 41 20.14 51.07 1.82
N LEU E 42 20.26 50.74 3.11
CA LEU E 42 19.62 51.45 4.21
C LEU E 42 20.48 52.67 4.52
N VAL E 43 21.81 52.49 4.36
CA VAL E 43 22.80 53.54 4.59
C VAL E 43 22.69 54.60 3.47
N ILE E 44 22.10 54.22 2.33
CA ILE E 44 21.92 55.15 1.20
C ILE E 44 20.68 56.03 1.47
N VAL E 45 19.99 55.74 2.58
CA VAL E 45 18.80 56.49 3.02
C VAL E 45 19.17 57.25 4.31
N LEU E 46 20.38 57.00 4.79
CA LEU E 46 20.94 57.64 5.98
C LEU E 46 21.97 58.65 5.47
N LEU E 47 22.36 58.48 4.20
CA LEU E 47 23.34 59.34 3.52
C LEU E 47 22.64 60.23 2.47
N ALA E 48 21.32 60.05 2.34
CA ALA E 48 20.49 60.83 1.43
C ALA E 48 19.43 61.56 2.30
N GLY E 49 19.63 61.48 3.62
CA GLY E 49 18.76 62.12 4.61
C GLY E 49 19.46 63.23 5.37
N SER E 50 20.76 63.08 5.65
CA SER E 50 21.51 64.12 6.35
C SER E 50 22.34 64.89 5.31
N TYR E 51 21.98 64.65 4.04
CA TYR E 51 22.65 65.20 2.85
C TYR E 51 21.78 66.05 1.89
N LEU E 52 20.49 65.76 1.82
CA LEU E 52 19.58 66.50 0.92
C LEU E 52 18.48 67.28 1.67
N ALA E 53 18.34 67.03 2.97
CA ALA E 53 17.37 67.72 3.82
C ALA E 53 18.11 68.63 4.81
N VAL E 54 19.45 68.61 4.70
CA VAL E 54 20.38 69.40 5.52
C VAL E 54 20.94 70.52 4.64
N LEU E 55 20.91 70.30 3.34
CA LEU E 55 21.35 71.29 2.34
C LEU E 55 20.18 72.23 2.09
N ALA E 56 18.97 71.64 2.03
CA ALA E 56 17.72 72.38 1.83
C ALA E 56 17.26 72.91 3.19
N GLU E 57 18.20 72.95 4.15
CA GLU E 57 17.96 73.44 5.52
C GLU E 57 19.04 74.43 5.99
N ARG E 58 19.72 75.05 5.03
CA ARG E 58 20.78 76.05 5.27
C ARG E 58 20.30 77.46 4.92
N GLY E 59 19.17 77.86 5.49
CA GLY E 59 18.63 79.18 5.21
C GLY E 59 17.12 79.26 5.36
N ALA E 60 16.56 78.29 6.09
CA ALA E 60 15.12 78.25 6.33
C ALA E 60 14.86 78.85 7.73
N PRO E 61 13.72 79.56 7.92
CA PRO E 61 13.38 80.17 9.22
C PRO E 61 13.40 79.15 10.39
N GLY E 62 14.57 78.99 11.01
CA GLY E 62 14.73 78.03 12.09
C GLY E 62 15.51 76.82 11.56
N ALA E 63 16.69 77.10 11.00
CA ALA E 63 17.54 76.07 10.41
C ALA E 63 18.87 75.82 11.13
N GLN E 64 18.94 74.70 11.84
CA GLN E 64 20.15 74.27 12.54
C GLN E 64 20.55 72.93 11.89
N LEU E 65 19.69 72.48 10.97
CA LEU E 65 19.90 71.25 10.19
C LEU E 65 20.73 71.67 8.99
N ILE E 66 21.43 72.80 9.16
CA ILE E 66 22.27 73.39 8.13
C ILE E 66 23.47 72.53 7.72
N THR E 67 24.44 72.38 8.61
CA THR E 67 25.64 71.59 8.30
C THR E 67 25.35 70.08 8.23
N TYR E 68 26.10 69.37 7.37
CA TYR E 68 25.97 67.91 7.14
C TYR E 68 26.54 67.09 8.30
N PRO E 69 27.77 67.42 8.75
CA PRO E 69 28.41 66.70 9.86
C PRO E 69 27.61 66.78 11.18
N ARG E 70 26.87 67.90 11.36
CA ARG E 70 26.03 68.17 12.56
C ARG E 70 24.58 67.69 12.40
N ALA E 71 24.08 67.65 11.16
CA ALA E 71 22.73 67.20 10.85
C ALA E 71 22.70 65.70 10.49
N LEU E 72 23.72 64.96 10.97
CA LEU E 72 23.88 63.51 10.77
C LEU E 72 23.02 62.77 11.83
N TRP E 73 22.76 63.45 12.94
CA TRP E 73 21.93 62.94 14.04
C TRP E 73 20.46 63.11 13.64
N TRP E 74 20.25 63.55 12.40
CA TRP E 74 18.90 63.75 11.88
C TRP E 74 18.28 62.46 11.34
N SER E 75 18.89 61.86 10.31
CA SER E 75 18.38 60.62 9.69
C SER E 75 18.56 59.33 10.54
N VAL E 76 19.02 59.51 11.79
CA VAL E 76 19.24 58.43 12.78
C VAL E 76 17.97 58.33 13.65
N GLU E 77 17.40 59.49 13.97
CA GLU E 77 16.17 59.61 14.77
C GLU E 77 14.93 59.56 13.85
N THR E 78 15.18 59.45 12.54
CA THR E 78 14.13 59.38 11.52
C THR E 78 13.81 57.91 11.16
N ALA E 79 14.85 57.18 10.75
CA ALA E 79 14.73 55.76 10.40
C ALA E 79 14.06 55.01 11.55
N THR E 80 14.81 54.78 12.64
CA THR E 80 14.27 54.09 13.81
C THR E 80 13.15 54.92 14.44
N THR E 81 12.82 56.06 13.82
CA THR E 81 11.79 56.97 14.29
C THR E 81 11.88 57.26 15.79
N VAL E 82 13.12 57.50 16.24
CA VAL E 82 13.39 57.84 17.63
C VAL E 82 12.79 59.24 17.77
N GLY E 83 13.24 60.15 16.91
CA GLY E 83 12.74 61.51 16.91
C GLY E 83 13.03 62.37 18.13
N TYR E 84 14.25 62.89 18.21
CA TYR E 84 14.64 63.75 19.33
C TYR E 84 14.08 65.16 19.11
N GLY E 85 14.72 65.92 18.21
CA GLY E 85 14.28 67.27 17.93
C GLY E 85 15.38 68.31 17.79
N ASP E 86 16.63 67.91 18.05
CA ASP E 86 17.76 68.84 17.96
C ASP E 86 18.21 69.06 16.52
N LEU E 87 17.61 68.30 15.60
CA LEU E 87 17.92 68.43 14.19
C LEU E 87 16.71 68.07 13.34
N TYR E 88 16.19 69.07 12.62
CA TYR E 88 15.06 68.87 11.72
C TYR E 88 14.72 70.08 10.82
N PRO E 89 14.16 69.80 9.64
CA PRO E 89 13.77 70.81 8.65
C PRO E 89 12.40 71.46 8.86
N VAL E 90 12.17 72.52 8.08
CA VAL E 90 10.95 73.32 8.10
C VAL E 90 10.64 73.78 6.65
N THR E 91 11.47 73.33 5.71
CA THR E 91 11.33 73.66 4.28
C THR E 91 10.32 72.75 3.55
N LEU E 92 10.23 72.87 2.23
CA LEU E 92 9.31 72.06 1.42
C LEU E 92 9.93 70.76 0.90
N TRP E 93 11.04 70.92 0.16
CA TRP E 93 11.77 69.80 -0.44
C TRP E 93 12.84 69.27 0.53
N GLY E 94 12.64 69.53 1.81
CA GLY E 94 13.53 69.05 2.86
C GLY E 94 12.73 68.10 3.73
N ARG E 95 11.43 68.00 3.42
CA ARG E 95 10.45 67.13 4.11
C ARG E 95 10.15 65.87 3.30
N LEU E 96 10.13 66.02 1.97
CA LEU E 96 9.89 64.90 1.06
C LEU E 96 11.17 64.05 0.95
N VAL E 97 12.30 64.66 1.30
CA VAL E 97 13.60 63.98 1.30
C VAL E 97 13.92 63.60 2.77
N ALA E 98 12.84 63.42 3.55
CA ALA E 98 12.87 63.03 4.97
C ALA E 98 11.96 61.81 5.22
N VAL E 99 10.79 61.81 4.57
CA VAL E 99 9.80 60.73 4.66
C VAL E 99 10.36 59.47 3.99
N VAL E 100 11.35 59.67 3.12
CA VAL E 100 12.01 58.57 2.42
C VAL E 100 12.99 57.89 3.39
N VAL E 101 13.40 58.61 4.45
CA VAL E 101 14.33 58.10 5.47
C VAL E 101 13.65 57.18 6.50
N MET E 102 12.46 57.55 6.96
CA MET E 102 11.74 56.73 7.95
C MET E 102 11.09 55.47 7.33
N VAL E 103 11.04 55.43 6.00
CA VAL E 103 10.49 54.30 5.26
C VAL E 103 11.54 53.15 5.25
N ALA E 104 12.81 53.51 5.04
CA ALA E 104 13.93 52.54 5.02
C ALA E 104 14.21 51.95 6.41
N GLY E 105 13.98 52.75 7.45
CA GLY E 105 14.18 52.27 8.80
C GLY E 105 13.32 51.04 9.02
N ILE E 106 12.06 51.10 8.61
CA ILE E 106 11.13 49.97 8.73
C ILE E 106 11.47 48.87 7.72
N THR E 107 12.00 49.27 6.56
CA THR E 107 12.39 48.31 5.52
C THR E 107 13.58 47.47 5.95
N SER E 108 14.39 48.00 6.87
CA SER E 108 15.56 47.30 7.38
C SER E 108 15.22 46.38 8.59
N PHE E 109 14.11 46.68 9.27
CA PHE E 109 13.64 45.90 10.45
C PHE E 109 12.97 44.60 10.02
N GLY E 110 12.23 44.66 8.90
CA GLY E 110 11.56 43.49 8.37
C GLY E 110 12.60 42.58 7.71
N LEU E 111 13.68 43.17 7.23
CA LEU E 111 14.79 42.46 6.57
C LEU E 111 15.65 41.69 7.60
N VAL E 112 15.93 42.33 8.74
CA VAL E 112 16.70 41.73 9.83
C VAL E 112 15.86 40.57 10.38
N THR E 113 14.55 40.78 10.41
CA THR E 113 13.57 39.78 10.87
C THR E 113 13.65 38.56 9.92
N ALA E 114 13.81 38.84 8.62
CA ALA E 114 13.90 37.82 7.56
C ALA E 114 15.19 37.02 7.51
N ALA E 115 16.17 37.43 8.32
CA ALA E 115 17.47 36.74 8.40
C ALA E 115 17.70 36.05 9.79
N LEU E 116 16.70 36.15 10.69
CA LEU E 116 16.74 35.49 12.01
C LEU E 116 15.64 34.41 11.96
N ALA E 117 14.93 34.39 10.84
CA ALA E 117 13.86 33.44 10.55
C ALA E 117 14.34 32.65 9.34
N THR E 118 15.59 32.92 8.95
CA THR E 118 16.30 32.28 7.82
C THR E 118 17.23 31.20 8.39
N TRP E 119 17.74 31.47 9.60
CA TRP E 119 18.67 30.60 10.32
C TRP E 119 18.04 29.91 11.55
N PHE E 120 16.85 30.37 11.95
CA PHE E 120 16.10 29.81 13.08
C PHE E 120 15.14 28.76 12.52
N VAL E 121 14.82 28.94 11.25
CA VAL E 121 13.94 28.06 10.48
C VAL E 121 14.79 27.15 9.56
N GLY E 122 16.10 27.41 9.52
CA GLY E 122 17.04 26.59 8.74
C GLY E 122 17.42 25.45 9.68
N GLN E 123 17.13 25.69 10.96
CA GLN E 123 17.33 24.75 12.07
C GLN E 123 16.03 23.94 12.13
N GLU E 124 14.91 24.65 11.89
CA GLU E 124 13.55 24.11 11.85
C GLU E 124 13.41 23.34 10.52
N GLN E 125 14.36 23.61 9.63
CA GLN E 125 14.46 22.99 8.30
C GLN E 125 15.29 21.70 8.43
N GLN E 126 16.17 21.68 9.43
CA GLN E 126 16.99 20.51 9.72
C GLN E 126 16.00 19.52 10.31
N GLN E 127 15.04 20.06 11.07
CA GLN E 127 13.95 19.32 11.72
C GLN E 127 13.05 18.59 10.72
N GLN E 128 12.48 19.39 9.81
CA GLN E 128 11.58 18.92 8.76
C GLN E 128 12.19 17.81 7.89
N GLN E 129 13.44 18.02 7.44
CA GLN E 129 14.14 17.04 6.62
C GLN E 129 14.49 15.74 7.38
N GLN E 130 14.92 15.86 8.64
CA GLN E 130 15.25 14.69 9.45
C GLN E 130 14.00 13.89 9.83
N PHE E 131 12.89 14.60 10.09
CA PHE E 131 11.61 13.98 10.47
C PHE E 131 10.89 13.25 9.33
N VAL E 132 10.55 13.98 8.28
CA VAL E 132 9.85 13.41 7.13
C VAL E 132 10.68 12.37 6.35
N ARG E 133 12.01 12.54 6.30
CA ARG E 133 12.94 11.62 5.60
C ARG E 133 13.06 10.31 6.42
N HIS E 134 12.85 10.44 7.72
CA HIS E 134 12.89 9.31 8.65
C HIS E 134 11.55 8.52 8.58
N SER E 135 10.43 9.22 8.77
CA SER E 135 9.08 8.62 8.74
C SER E 135 8.68 8.03 7.37
N GLU E 136 9.09 8.72 6.30
CA GLU E 136 8.82 8.32 4.91
C GLU E 136 9.67 7.10 4.48
N LYS E 137 11.00 7.20 4.58
CA LYS E 137 11.88 6.07 4.20
C LYS E 137 11.54 4.84 5.04
N ALA E 138 11.12 5.09 6.28
CA ALA E 138 10.72 4.07 7.25
C ALA E 138 9.37 3.45 6.83
N ALA E 139 8.39 4.29 6.59
CA ALA E 139 7.09 3.81 6.17
C ALA E 139 7.19 3.11 4.81
N GLU E 140 7.84 3.74 3.82
CA GLU E 140 7.98 3.14 2.49
C GLU E 140 8.47 1.70 2.61
N GLU E 141 9.51 1.51 3.40
CA GLU E 141 10.07 0.19 3.58
C GLU E 141 9.12 -0.74 4.36
N ALA E 142 8.18 -0.15 5.11
CA ALA E 142 7.18 -0.92 5.85
C ALA E 142 6.24 -1.48 4.78
N TYR E 143 5.97 -0.67 3.76
CA TYR E 143 5.15 -1.11 2.63
C TYR E 143 5.97 -2.25 2.04
N THR E 144 7.23 -1.93 1.73
CA THR E 144 8.16 -2.88 1.18
C THR E 144 8.03 -4.24 1.85
N ARG E 145 8.36 -4.31 3.13
CA ARG E 145 8.26 -5.58 3.84
C ARG E 145 6.94 -6.27 3.51
N THR E 146 5.84 -5.55 3.56
CA THR E 146 4.56 -6.15 3.21
C THR E 146 4.69 -6.84 1.85
N THR E 147 5.32 -6.17 0.87
CA THR E 147 5.51 -6.73 -0.48
C THR E 147 6.26 -8.04 -0.40
N ARG E 148 7.43 -8.01 0.25
CA ARG E 148 8.24 -9.19 0.41
C ARG E 148 7.34 -10.27 1.00
N ALA E 149 6.44 -9.87 1.88
CA ALA E 149 5.54 -10.86 2.46
C ALA E 149 4.93 -11.61 1.29
N LEU E 150 4.66 -10.85 0.23
CA LEU E 150 4.07 -11.42 -0.96
C LEU E 150 5.08 -12.31 -1.64
N HIS E 151 6.16 -11.73 -2.15
CA HIS E 151 7.13 -12.56 -2.82
C HIS E 151 7.24 -13.91 -2.12
N GLU E 152 7.73 -13.89 -0.89
CA GLU E 152 7.92 -15.13 -0.13
C GLU E 152 6.73 -16.06 -0.26
N ARG E 153 5.57 -15.48 -0.46
CA ARG E 153 4.35 -16.24 -0.56
C ARG E 153 4.06 -16.81 -1.94
N PHE E 154 4.34 -16.01 -2.97
CA PHE E 154 4.15 -16.39 -4.35
C PHE E 154 5.09 -17.51 -4.64
N ASP E 155 6.35 -17.27 -4.36
CA ASP E 155 7.37 -18.27 -4.58
C ASP E 155 6.93 -19.55 -3.86
N ARG E 156 6.44 -19.40 -2.65
CA ARG E 156 5.99 -20.54 -1.87
C ARG E 156 4.97 -21.30 -2.65
N LEU E 157 3.91 -20.61 -3.07
CA LEU E 157 2.86 -21.28 -3.81
C LEU E 157 3.40 -21.94 -5.07
N GLU E 158 4.31 -21.24 -5.75
CA GLU E 158 4.87 -21.80 -6.96
C GLU E 158 5.36 -23.18 -6.65
N ARG E 159 6.15 -23.30 -5.57
CA ARG E 159 6.71 -24.60 -5.12
C ARG E 159 5.68 -25.66 -4.85
N MET E 160 4.50 -25.23 -4.44
CA MET E 160 3.46 -26.18 -4.17
C MET E 160 3.01 -26.61 -5.54
N LEU E 161 3.29 -25.83 -6.58
CA LEU E 161 2.67 -25.99 -7.90
C LEU E 161 2.91 -27.20 -8.87
N ASP E 162 4.13 -27.31 -9.39
CA ASP E 162 4.50 -27.72 -10.73
C ASP E 162 5.49 -28.71 -10.24
N ASP E 163 6.08 -28.32 -9.13
CA ASP E 163 7.11 -29.10 -8.52
C ASP E 163 6.49 -30.20 -7.67
N ASN E 164 5.16 -30.29 -7.73
CA ASN E 164 4.46 -31.32 -6.98
C ASN E 164 3.71 -32.23 -7.95
N ARG E 165 3.39 -31.67 -9.10
CA ARG E 165 2.70 -32.43 -10.11
C ARG E 165 3.75 -33.07 -11.04
N ARG E 166 4.96 -32.51 -11.03
CA ARG E 166 6.07 -33.03 -11.84
C ARG E 166 7.45 -32.76 -11.22
N SER F 28 13.27 26.08 28.15
CA SER F 28 14.66 25.64 28.47
C SER F 28 15.27 24.80 27.35
N ALA F 29 15.76 25.48 26.33
CA ALA F 29 16.41 24.88 25.16
C ALA F 29 17.17 26.09 24.68
N LEU F 30 17.52 26.15 23.39
CA LEU F 30 18.17 27.35 22.89
C LEU F 30 17.01 28.29 22.50
N GLN F 31 16.37 28.84 23.53
CA GLN F 31 15.23 29.78 23.44
C GLN F 31 15.58 30.92 24.40
N TRP F 32 15.99 30.51 25.62
CA TRP F 32 16.40 31.40 26.73
C TRP F 32 17.89 31.69 26.62
N ARG F 33 18.57 30.94 25.75
CA ARG F 33 19.98 31.10 25.47
C ARG F 33 20.06 31.81 24.13
N ALA F 34 18.88 32.17 23.63
CA ALA F 34 18.71 32.89 22.37
C ALA F 34 18.02 34.20 22.69
N ALA F 35 16.98 34.13 23.52
CA ALA F 35 16.20 35.30 23.92
C ALA F 35 16.82 36.00 25.14
N GLY F 36 17.06 35.25 26.21
CA GLY F 36 17.66 35.82 27.41
C GLY F 36 19.17 35.96 27.26
N ALA F 37 19.64 35.78 26.03
CA ALA F 37 21.06 35.87 25.71
C ALA F 37 21.33 37.06 24.77
N ALA F 38 20.28 37.60 24.15
CA ALA F 38 20.39 38.76 23.25
C ALA F 38 19.68 40.01 23.84
N THR F 39 19.06 39.82 25.02
CA THR F 39 18.36 40.87 25.78
C THR F 39 19.36 41.32 26.86
N VAL F 40 20.39 40.47 27.05
CA VAL F 40 21.49 40.71 27.98
C VAL F 40 22.60 41.37 27.15
N LEU F 41 22.53 41.15 25.82
CA LEU F 41 23.47 41.73 24.84
C LEU F 41 22.81 43.06 24.45
N LEU F 42 21.58 43.23 24.90
CA LEU F 42 20.80 44.45 24.67
C LEU F 42 21.25 45.46 25.73
N VAL F 43 21.49 44.95 26.94
CA VAL F 43 21.95 45.76 28.07
C VAL F 43 23.37 46.31 27.83
N ILE F 44 24.09 45.69 26.89
CA ILE F 44 25.45 46.09 26.52
C ILE F 44 25.41 47.24 25.49
N VAL F 45 24.19 47.60 25.08
CA VAL F 45 23.97 48.69 24.13
C VAL F 45 23.29 49.85 24.88
N LEU F 46 22.84 49.54 26.11
CA LEU F 46 22.18 50.47 27.03
C LEU F 46 23.24 51.00 28.02
N LEU F 47 24.30 50.21 28.18
CA LEU F 47 25.45 50.50 29.04
C LEU F 47 26.68 51.01 28.21
N ALA F 48 26.51 51.09 26.89
CA ALA F 48 27.55 51.58 25.98
C ALA F 48 26.88 52.76 25.28
N GLY F 49 25.73 53.14 25.83
CA GLY F 49 24.94 54.23 25.31
C GLY F 49 24.70 55.35 26.32
N SER F 50 24.99 55.17 27.60
CA SER F 50 24.79 56.28 28.54
C SER F 50 26.16 56.43 29.19
N TYR F 51 27.08 55.66 28.60
CA TYR F 51 28.45 55.55 29.04
C TYR F 51 29.50 56.17 28.10
N LEU F 52 29.30 56.05 26.79
CA LEU F 52 30.25 56.59 25.83
C LEU F 52 29.78 57.89 25.17
N ALA F 53 28.46 58.03 25.01
CA ALA F 53 27.87 59.23 24.43
C ALA F 53 27.48 60.24 25.53
N VAL F 54 27.82 59.91 26.78
CA VAL F 54 27.56 60.75 27.97
C VAL F 54 28.90 61.32 28.50
N LEU F 55 29.99 60.67 28.11
CA LEU F 55 31.36 61.08 28.44
C LEU F 55 31.79 62.08 27.36
N ALA F 56 31.45 61.76 26.10
CA ALA F 56 31.75 62.60 24.93
C ALA F 56 30.74 63.76 24.86
N GLU F 57 30.00 63.93 25.96
CA GLU F 57 28.97 64.98 26.13
C GLU F 57 29.15 65.81 27.41
N ARG F 58 30.40 65.84 27.91
CA ARG F 58 30.77 66.58 29.12
C ARG F 58 31.60 67.84 28.77
N GLY F 59 31.07 68.65 27.85
CA GLY F 59 31.75 69.86 27.40
C GLY F 59 31.42 70.29 25.98
N ALA F 60 30.27 69.84 25.46
CA ALA F 60 29.82 70.20 24.10
C ALA F 60 28.83 71.34 24.26
N PRO F 61 28.80 72.28 23.29
CA PRO F 61 27.86 73.42 23.38
C PRO F 61 26.39 72.94 23.55
N GLY F 62 25.97 72.83 24.80
CA GLY F 62 24.64 72.36 25.14
C GLY F 62 24.74 70.92 25.64
N ALA F 63 25.48 70.73 26.74
CA ALA F 63 25.70 69.40 27.33
C ALA F 63 25.16 69.16 28.75
N GLN F 64 24.09 68.38 28.82
CA GLN F 64 23.43 67.95 30.06
C GLN F 64 23.49 66.42 30.04
N LEU F 65 23.95 65.89 28.91
CA LEU F 65 24.11 64.45 28.77
C LEU F 65 25.50 64.19 29.37
N ILE F 66 25.97 65.18 30.13
CA ILE F 66 27.27 65.15 30.82
C ILE F 66 27.29 64.06 31.89
N THR F 67 26.46 64.25 32.92
CA THR F 67 26.34 63.33 34.06
C THR F 67 25.69 62.03 33.60
N TYR F 68 26.20 60.91 34.10
CA TYR F 68 25.71 59.57 33.76
C TYR F 68 24.33 59.28 34.39
N PRO F 69 24.16 59.55 35.71
CA PRO F 69 22.89 59.32 36.41
C PRO F 69 21.70 60.15 35.87
N ARG F 70 22.00 61.30 35.24
CA ARG F 70 20.98 62.17 34.65
C ARG F 70 20.79 61.89 33.13
N ALA F 71 21.88 61.44 32.48
CA ALA F 71 21.91 61.08 31.03
C ALA F 71 21.55 59.60 30.79
N LEU F 72 20.82 59.02 31.75
CA LEU F 72 20.32 57.64 31.70
C LEU F 72 18.98 57.59 30.96
N TRP F 73 18.24 58.72 30.97
CA TRP F 73 16.95 58.84 30.30
C TRP F 73 17.23 59.10 28.81
N TRP F 74 18.51 59.01 28.45
CA TRP F 74 18.96 59.19 27.08
C TRP F 74 18.81 57.89 26.26
N SER F 75 19.48 56.81 26.69
CA SER F 75 19.43 55.51 26.00
C SER F 75 18.09 54.77 26.12
N VAL F 76 17.11 55.40 26.77
CA VAL F 76 15.76 54.85 26.97
C VAL F 76 14.85 55.29 25.81
N GLU F 77 15.01 56.55 25.42
CA GLU F 77 14.27 57.18 24.34
C GLU F 77 14.95 56.90 22.98
N THR F 78 16.11 56.25 23.01
CA THR F 78 16.88 55.92 21.81
C THR F 78 16.51 54.53 21.26
N ALA F 79 16.64 53.52 22.12
CA ALA F 79 16.33 52.12 21.80
C ALA F 79 14.92 52.04 21.24
N THR F 80 13.93 52.23 22.13
CA THR F 80 12.51 52.20 21.78
C THR F 80 12.20 53.33 20.79
N THR F 81 13.20 54.16 20.55
CA THR F 81 13.08 55.28 19.64
C THR F 81 11.90 56.19 20.03
N VAL F 82 11.77 56.45 21.34
CA VAL F 82 10.73 57.34 21.88
C VAL F 82 11.20 58.74 21.49
N GLY F 83 12.44 59.07 21.85
CA GLY F 83 13.01 60.35 21.51
C GLY F 83 12.33 61.58 22.07
N TYR F 84 12.52 61.84 23.36
CA TYR F 84 11.92 63.01 23.97
C TYR F 84 12.71 64.27 23.60
N GLY F 85 13.91 64.40 24.16
CA GLY F 85 14.73 65.56 23.85
C GLY F 85 15.40 66.25 25.01
N ASP F 86 15.08 65.87 26.26
CA ASP F 86 15.69 66.50 27.43
C ASP F 86 17.11 66.01 27.68
N LEU F 87 17.53 65.02 26.89
CA LEU F 87 18.87 64.44 26.99
C LEU F 87 19.36 63.97 25.62
N TYR F 88 20.42 64.60 25.11
CA TYR F 88 21.00 64.19 23.82
C TYR F 88 22.27 64.93 23.46
N PRO F 89 23.13 64.29 22.64
CA PRO F 89 24.41 64.85 22.19
C PRO F 89 24.39 65.73 20.92
N VAL F 90 25.52 66.42 20.74
CA VAL F 90 25.77 67.32 19.62
C VAL F 90 27.23 67.09 19.13
N THR F 91 27.93 66.16 19.80
CA THR F 91 29.32 65.83 19.46
C THR F 91 29.46 64.94 18.23
N LEU F 92 30.67 64.46 17.97
CA LEU F 92 30.94 63.58 16.83
C LEU F 92 30.95 62.09 17.24
N TRP F 93 31.79 61.74 18.22
CA TRP F 93 31.92 60.36 18.74
C TRP F 93 30.88 60.08 19.86
N GLY F 94 29.89 60.98 19.96
CA GLY F 94 28.82 60.87 20.93
C GLY F 94 27.54 60.54 20.16
N ARG F 95 27.68 60.45 18.83
CA ARG F 95 26.58 60.14 17.92
C ARG F 95 26.70 58.72 17.34
N LEU F 96 27.94 58.28 17.08
CA LEU F 96 28.20 56.94 16.56
C LEU F 96 28.03 55.89 17.65
N VAL F 97 28.12 56.36 18.90
CA VAL F 97 27.96 55.54 20.11
C VAL F 97 26.49 55.73 20.60
N ALA F 98 25.65 56.24 19.70
CA ALA F 98 24.23 56.49 19.95
C ALA F 98 23.36 55.72 18.96
N VAL F 99 23.82 55.65 17.71
CA VAL F 99 23.10 54.92 16.65
C VAL F 99 23.18 53.42 16.98
N VAL F 100 24.15 53.06 17.83
CA VAL F 100 24.39 51.68 18.28
C VAL F 100 23.29 51.28 19.29
N VAL F 101 22.78 52.28 20.02
CA VAL F 101 21.72 52.07 21.02
C VAL F 101 20.31 51.79 20.43
N MET F 102 19.89 52.58 19.42
CA MET F 102 18.58 52.40 18.77
C MET F 102 18.51 51.16 17.87
N VAL F 103 19.69 50.59 17.58
CA VAL F 103 19.85 49.37 16.78
C VAL F 103 19.48 48.17 17.69
N ALA F 104 19.96 48.22 18.92
CA ALA F 104 19.67 47.18 19.91
C ALA F 104 18.20 47.26 20.33
N GLY F 105 17.61 48.45 20.25
CA GLY F 105 16.21 48.63 20.61
C GLY F 105 15.29 47.76 19.75
N ILE F 106 15.57 47.71 18.45
CA ILE F 106 14.81 46.89 17.51
C ILE F 106 15.19 45.40 17.57
N THR F 107 16.47 45.13 17.84
CA THR F 107 17.02 43.76 17.96
C THR F 107 16.33 42.98 19.09
N SER F 108 15.97 43.69 20.15
CA SER F 108 15.30 43.11 21.32
C SER F 108 13.81 42.94 21.04
N PHE F 109 13.32 43.63 20.01
CA PHE F 109 11.91 43.58 19.58
C PHE F 109 11.68 42.36 18.67
N GLY F 110 12.70 42.04 17.86
CA GLY F 110 12.65 40.90 16.97
C GLY F 110 12.90 39.65 17.80
N LEU F 111 13.54 39.85 18.97
CA LEU F 111 13.87 38.80 19.96
C LEU F 111 12.64 38.38 20.82
N VAL F 112 11.93 39.36 21.38
CA VAL F 112 10.72 39.08 22.16
C VAL F 112 9.67 38.54 21.17
N THR F 113 9.96 38.68 19.87
CA THR F 113 9.14 38.20 18.74
C THR F 113 9.40 36.70 18.53
N ALA F 114 10.67 36.31 18.70
CA ALA F 114 11.16 34.92 18.57
C ALA F 114 10.88 34.08 19.83
N ALA F 115 10.88 34.73 21.00
CA ALA F 115 10.59 34.05 22.28
C ALA F 115 9.13 33.55 22.26
N LEU F 116 8.16 34.43 21.94
CA LEU F 116 6.70 34.11 21.87
C LEU F 116 6.31 33.12 20.76
N ALA F 117 6.90 33.29 19.56
CA ALA F 117 6.66 32.39 18.44
C ALA F 117 7.19 31.00 18.83
N THR F 118 8.14 30.98 19.77
CA THR F 118 8.74 29.74 20.31
C THR F 118 7.70 29.03 21.18
N TRP F 119 7.03 29.82 22.02
CA TRP F 119 5.97 29.34 22.92
C TRP F 119 4.82 28.72 22.13
N PHE F 120 4.11 29.56 21.36
CA PHE F 120 2.94 29.17 20.54
C PHE F 120 3.15 28.20 19.37
N VAL F 121 4.40 28.06 18.91
CA VAL F 121 4.72 27.11 17.86
C VAL F 121 5.26 25.86 18.58
N GLY F 122 5.53 26.02 19.87
CA GLY F 122 5.97 24.91 20.71
C GLY F 122 4.70 24.13 21.06
N GLN F 123 3.56 24.78 20.84
CA GLN F 123 2.22 24.20 21.06
C GLN F 123 1.67 23.72 19.70
N GLU F 124 2.21 24.30 18.61
CA GLU F 124 1.87 23.96 17.22
C GLU F 124 2.61 22.67 16.84
N GLN F 125 3.73 22.43 17.52
CA GLN F 125 4.56 21.25 17.33
C GLN F 125 4.08 20.16 18.30
N GLN F 126 3.17 20.54 19.20
CA GLN F 126 2.54 19.65 20.19
C GLN F 126 1.24 19.13 19.59
N GLN F 127 0.54 20.00 18.87
CA GLN F 127 -0.69 19.62 18.19
C GLN F 127 -0.22 18.78 16.97
N GLN F 128 1.05 18.99 16.58
CA GLN F 128 1.68 18.28 15.45
C GLN F 128 2.04 16.86 15.92
N GLN F 129 2.26 16.71 17.23
CA GLN F 129 2.57 15.42 17.85
C GLN F 129 1.31 14.55 17.88
N GLN F 130 0.18 15.19 18.19
CA GLN F 130 -1.13 14.53 18.25
C GLN F 130 -1.56 14.16 16.83
N PHE F 131 -1.36 15.11 15.92
CA PHE F 131 -1.69 14.93 14.50
C PHE F 131 -0.99 13.69 13.90
N VAL F 132 0.33 13.61 14.07
CA VAL F 132 1.12 12.50 13.55
C VAL F 132 0.80 11.15 14.21
N ARG F 133 0.63 11.13 15.53
CA ARG F 133 0.30 9.89 16.24
C ARG F 133 -1.06 9.31 15.82
N HIS F 134 -2.00 10.17 15.41
CA HIS F 134 -3.34 9.77 14.96
C HIS F 134 -3.32 9.37 13.49
N SER F 135 -2.44 10.01 12.72
CA SER F 135 -2.24 9.74 11.29
C SER F 135 -1.38 8.49 11.11
N GLU F 136 -0.47 8.27 12.07
CA GLU F 136 0.44 7.12 12.08
C GLU F 136 -0.24 5.86 12.62
N LYS F 137 -0.73 5.92 13.87
CA LYS F 137 -1.41 4.77 14.46
C LYS F 137 -2.58 4.28 13.60
N ALA F 138 -3.07 5.13 12.67
CA ALA F 138 -4.18 4.80 11.77
C ALA F 138 -3.65 4.28 10.45
N ALA F 139 -2.34 4.45 10.23
CA ALA F 139 -1.65 3.99 9.01
C ALA F 139 -0.84 2.72 9.37
N GLU F 140 -0.70 2.47 10.67
CA GLU F 140 0.05 1.33 11.24
C GLU F 140 -0.73 0.04 11.48
N GLU F 141 -1.79 0.17 12.28
CA GLU F 141 -2.61 -0.98 12.68
C GLU F 141 -3.72 -1.37 11.74
N ALA F 142 -4.24 -0.40 11.01
CA ALA F 142 -5.32 -0.69 10.07
C ALA F 142 -4.70 -0.96 8.70
N TYR F 143 -3.37 -0.84 8.63
CA TYR F 143 -2.63 -1.09 7.40
C TYR F 143 -2.00 -2.45 7.44
N THR F 144 -1.19 -2.70 8.45
CA THR F 144 -0.57 -4.00 8.56
C THR F 144 -1.70 -5.03 8.60
N ARG F 145 -2.92 -4.57 8.91
CA ARG F 145 -4.10 -5.45 8.95
C ARG F 145 -4.35 -6.08 7.57
N THR F 146 -3.88 -5.41 6.52
CA THR F 146 -4.01 -5.86 5.13
C THR F 146 -3.10 -7.06 4.92
N THR F 147 -1.89 -7.01 5.48
CA THR F 147 -0.95 -8.12 5.36
C THR F 147 -1.61 -9.33 6.00
N ARG F 148 -2.35 -9.09 7.08
CA ARG F 148 -3.02 -10.15 7.81
C ARG F 148 -3.89 -10.91 6.87
N ALA F 149 -4.55 -10.18 5.97
CA ALA F 149 -5.44 -10.79 5.00
C ALA F 149 -4.70 -11.25 3.74
N LEU F 150 -3.55 -10.64 3.47
CA LEU F 150 -2.75 -11.01 2.31
C LEU F 150 -2.42 -12.50 2.47
N HIS F 151 -1.84 -12.84 3.61
CA HIS F 151 -1.51 -14.22 3.89
C HIS F 151 -2.79 -15.00 3.91
N GLU F 152 -3.82 -14.42 4.51
CA GLU F 152 -5.13 -15.05 4.57
C GLU F 152 -5.58 -15.69 3.26
N ARG F 153 -5.55 -14.94 2.16
CA ARG F 153 -6.00 -15.49 0.87
C ARG F 153 -4.97 -16.35 0.21
N PHE F 154 -3.77 -16.31 0.71
CA PHE F 154 -2.73 -17.13 0.16
C PHE F 154 -2.85 -18.52 0.71
N ASP F 155 -3.23 -18.61 1.99
CA ASP F 155 -3.41 -19.87 2.72
C ASP F 155 -4.68 -20.48 2.21
N ARG F 156 -5.35 -19.71 1.40
CA ARG F 156 -6.57 -20.18 0.88
C ARG F 156 -6.26 -21.03 -0.32
N LEU F 157 -5.33 -20.62 -1.16
CA LEU F 157 -5.10 -21.45 -2.33
C LEU F 157 -4.15 -22.55 -1.96
N GLU F 158 -3.28 -22.30 -0.99
CA GLU F 158 -2.31 -23.32 -0.59
C GLU F 158 -3.12 -24.51 -0.21
N ARG F 159 -4.36 -24.20 0.15
CA ARG F 159 -5.35 -25.14 0.60
C ARG F 159 -6.32 -25.52 -0.47
N MET F 160 -6.41 -24.76 -1.55
CA MET F 160 -7.37 -25.17 -2.56
C MET F 160 -6.64 -26.20 -3.37
N LEU F 161 -5.33 -26.09 -3.38
CA LEU F 161 -4.56 -26.98 -4.17
C LEU F 161 -4.35 -28.34 -3.61
N ASP F 162 -3.92 -28.43 -2.36
CA ASP F 162 -3.63 -29.71 -1.79
C ASP F 162 -4.65 -30.16 -0.81
N ASP F 163 -5.86 -29.64 -0.97
CA ASP F 163 -7.05 -29.93 -0.14
C ASP F 163 -7.97 -30.50 -1.22
N ASN F 164 -7.64 -30.17 -2.46
CA ASN F 164 -8.40 -30.61 -3.62
C ASN F 164 -7.59 -31.57 -4.48
N ARG F 165 -6.31 -31.76 -4.14
CA ARG F 165 -5.48 -32.64 -4.96
C ARG F 165 -4.76 -33.79 -4.24
N ARG F 166 -4.31 -33.56 -3.00
CA ARG F 166 -3.58 -34.58 -2.23
C ARG F 166 -3.81 -34.38 -0.73
N SER G 28 -17.27 39.22 23.20
CA SER G 28 -17.54 38.67 21.84
C SER G 28 -16.59 37.53 21.52
N ALA G 29 -16.23 37.37 20.24
CA ALA G 29 -15.29 36.33 19.82
C ALA G 29 -14.02 36.54 20.67
N LEU G 30 -13.41 35.47 21.18
CA LEU G 30 -12.20 35.63 22.02
C LEU G 30 -11.07 36.40 21.35
N GLN G 31 -11.26 36.75 20.08
CA GLN G 31 -10.30 37.54 19.31
C GLN G 31 -10.46 38.98 19.76
N TRP G 32 -11.67 39.30 20.24
CA TRP G 32 -12.07 40.62 20.76
C TRP G 32 -11.94 40.66 22.29
N ARG G 33 -11.77 39.48 22.89
CA ARG G 33 -11.57 39.28 24.34
C ARG G 33 -10.07 38.99 24.53
N ALA G 34 -9.33 39.18 23.43
CA ALA G 34 -7.88 39.00 23.33
C ALA G 34 -7.28 40.33 22.85
N ALA G 35 -7.93 40.94 21.85
CA ALA G 35 -7.49 42.22 21.29
C ALA G 35 -8.22 43.39 21.99
N GLY G 36 -9.55 43.32 22.05
CA GLY G 36 -10.32 44.36 22.71
C GLY G 36 -10.21 44.25 24.22
N ALA G 37 -9.39 43.30 24.68
CA ALA G 37 -9.15 43.05 26.11
C ALA G 37 -7.74 43.46 26.52
N ALA G 38 -6.85 43.60 25.53
CA ALA G 38 -5.46 43.99 25.76
C ALA G 38 -5.27 45.46 25.31
N THR G 39 -6.32 46.01 24.70
CA THR G 39 -6.36 47.40 24.23
C THR G 39 -7.06 48.26 25.30
N VAL G 40 -7.71 47.57 26.23
CA VAL G 40 -8.40 48.17 27.37
C VAL G 40 -7.43 48.10 28.56
N LEU G 41 -6.45 47.19 28.45
CA LEU G 41 -5.38 46.98 29.45
C LEU G 41 -4.23 47.90 29.02
N LEU G 42 -4.37 48.44 27.82
CA LEU G 42 -3.42 49.40 27.23
C LEU G 42 -3.74 50.75 27.87
N VAL G 43 -5.04 51.05 28.00
CA VAL G 43 -5.52 52.29 28.59
C VAL G 43 -5.15 52.36 30.09
N ILE G 44 -4.80 51.21 30.67
CA ILE G 44 -4.40 51.12 32.08
C ILE G 44 -2.90 51.48 32.18
N VAL G 45 -2.27 51.65 31.02
CA VAL G 45 -0.85 52.03 30.91
C VAL G 45 -0.79 53.49 30.41
N LEU G 46 -1.96 54.01 30.03
CA LEU G 46 -2.16 55.38 29.52
C LEU G 46 -2.77 56.24 30.65
N LEU G 47 -3.44 55.56 31.59
CA LEU G 47 -4.08 56.18 32.75
C LEU G 47 -3.22 56.02 34.03
N ALA G 48 -2.06 55.41 33.86
CA ALA G 48 -1.09 55.20 34.94
C ALA G 48 0.16 56.04 34.61
N GLY G 49 0.29 56.44 33.33
CA GLY G 49 1.41 57.24 32.85
C GLY G 49 1.23 58.75 32.91
N SER G 50 -0.02 59.22 32.85
CA SER G 50 -0.27 60.65 32.93
C SER G 50 -0.89 60.90 34.31
N TYR G 51 -0.76 59.87 35.15
CA TYR G 51 -1.31 59.81 36.50
C TYR G 51 -0.29 59.61 37.66
N LEU G 52 0.77 58.83 37.42
CA LEU G 52 1.79 58.56 38.46
C LEU G 52 3.13 59.28 38.22
N ALA G 53 3.44 59.59 36.96
CA ALA G 53 4.65 60.30 36.59
C ALA G 53 4.34 61.80 36.36
N VAL G 54 3.07 62.16 36.59
CA VAL G 54 2.56 63.52 36.46
C VAL G 54 2.40 64.10 37.87
N LEU G 55 2.26 63.19 38.84
CA LEU G 55 2.14 63.50 40.27
C LEU G 55 3.57 63.69 40.81
N ALA G 56 4.46 62.76 40.42
CA ALA G 56 5.87 62.78 40.81
C ALA G 56 6.62 63.81 39.95
N GLU G 57 5.84 64.67 39.29
CA GLU G 57 6.37 65.73 38.45
C GLU G 57 5.76 67.10 38.80
N ARG G 58 5.30 67.24 40.04
CA ARG G 58 4.71 68.48 40.56
C ARG G 58 5.64 69.18 41.57
N GLY G 59 6.83 69.55 41.09
CA GLY G 59 7.80 70.21 41.95
C GLY G 59 9.24 69.78 41.66
N ALA G 60 9.48 69.27 40.46
CA ALA G 60 10.82 68.83 40.06
C ALA G 60 11.48 69.96 39.25
N PRO G 61 12.83 70.11 39.32
CA PRO G 61 13.55 71.17 38.57
C PRO G 61 13.30 71.08 37.05
N GLY G 62 12.15 71.63 36.65
CA GLY G 62 11.72 71.61 35.26
C GLY G 62 10.47 70.72 35.19
N ALA G 63 9.40 71.11 35.90
CA ALA G 63 8.15 70.35 35.94
C ALA G 63 6.89 71.05 35.39
N GLN G 64 6.50 70.65 34.16
CA GLN G 64 5.30 71.13 33.45
C GLN G 64 4.38 69.93 33.27
N LEU G 65 4.93 68.77 33.63
CA LEU G 65 4.23 67.49 33.58
C LEU G 65 3.51 67.42 34.94
N ILE G 66 3.28 68.60 35.53
CA ILE G 66 2.61 68.74 36.84
C ILE G 66 1.14 68.26 36.84
N THR G 67 0.29 68.87 36.03
CA THR G 67 -1.14 68.50 35.96
C THR G 67 -1.35 67.19 35.17
N TYR G 68 -2.34 66.40 35.57
CA TYR G 68 -2.70 65.11 34.93
C TYR G 68 -3.34 65.31 33.56
N PRO G 69 -4.38 66.18 33.45
CA PRO G 69 -5.05 66.45 32.18
C PRO G 69 -4.15 67.03 31.05
N ARG G 70 -3.13 67.80 31.43
CA ARG G 70 -2.20 68.40 30.47
C ARG G 70 -1.06 67.42 30.15
N ALA G 71 -0.66 66.64 31.16
CA ALA G 71 0.42 65.65 31.02
C ALA G 71 -0.06 64.28 30.49
N LEU G 72 -1.23 64.29 29.83
CA LEU G 72 -1.84 63.10 29.21
C LEU G 72 -1.21 62.86 27.84
N TRP G 73 -0.64 63.93 27.27
CA TRP G 73 0.05 63.88 25.98
C TRP G 73 1.47 63.35 26.25
N TRP G 74 1.71 62.90 27.48
CA TRP G 74 3.01 62.35 27.86
C TRP G 74 3.15 60.86 27.54
N SER G 75 2.23 60.04 28.07
CA SER G 75 2.24 58.58 27.85
C SER G 75 1.78 58.14 26.45
N VAL G 76 1.55 59.12 25.57
CA VAL G 76 1.12 58.92 24.16
C VAL G 76 2.36 58.92 23.23
N GLU G 77 3.35 59.77 23.56
CA GLU G 77 4.62 59.93 22.83
C GLU G 77 5.70 58.99 23.41
N THR G 78 5.31 58.22 24.44
CA THR G 78 6.18 57.26 25.14
C THR G 78 6.00 55.84 24.57
N ALA G 79 4.75 55.34 24.66
CA ALA G 79 4.36 54.01 24.16
C ALA G 79 4.80 53.84 22.69
N THR G 80 4.12 54.54 21.77
CA THR G 80 4.44 54.49 20.33
C THR G 80 5.85 55.03 20.08
N THR G 81 6.46 55.57 21.14
CA THR G 81 7.78 56.16 21.11
C THR G 81 7.90 57.26 20.07
N VAL G 82 6.91 58.16 20.09
CA VAL G 82 6.89 59.31 19.19
C VAL G 82 7.86 60.28 19.85
N GLY G 83 7.60 60.60 21.12
CA GLY G 83 8.49 61.50 21.86
C GLY G 83 8.66 62.91 21.33
N TYR G 84 7.69 63.76 21.62
CA TYR G 84 7.74 65.15 21.19
C TYR G 84 8.68 65.97 22.08
N GLY G 85 8.26 66.22 23.32
CA GLY G 85 9.10 66.98 24.23
C GLY G 85 8.38 68.06 25.03
N ASP G 86 7.09 68.28 24.78
CA ASP G 86 6.33 69.29 25.53
C ASP G 86 5.86 68.81 26.91
N LEU G 87 6.09 67.52 27.18
CA LEU G 87 5.71 66.91 28.45
C LEU G 87 6.67 65.79 28.78
N TYR G 88 7.38 65.94 29.89
CA TYR G 88 8.30 64.91 30.36
C TYR G 88 8.91 65.21 31.71
N PRO G 89 9.36 64.14 32.42
CA PRO G 89 9.97 64.25 33.74
C PRO G 89 11.50 64.45 33.78
N VAL G 90 11.97 64.81 34.99
CA VAL G 90 13.37 65.03 35.28
C VAL G 90 13.62 64.47 36.69
N THR G 91 12.59 63.84 37.26
CA THR G 91 12.64 63.24 38.60
C THR G 91 13.28 61.84 38.60
N LEU G 92 13.30 61.20 39.77
CA LEU G 92 13.88 59.86 39.95
C LEU G 92 12.85 58.73 39.75
N TRP G 93 11.80 58.75 40.59
CA TRP G 93 10.71 57.76 40.53
C TRP G 93 9.62 58.22 39.57
N GLY G 94 9.99 59.14 38.68
CA GLY G 94 9.11 59.67 37.64
C GLY G 94 9.65 59.19 36.29
N ARG G 95 10.79 58.49 36.35
CA ARG G 95 11.49 57.90 35.19
C ARG G 95 11.31 56.36 35.15
N LEU G 96 11.24 55.74 36.32
CA LEU G 96 11.03 54.29 36.43
C LEU G 96 9.56 53.94 36.16
N VAL G 97 8.69 54.93 36.34
CA VAL G 97 7.25 54.82 36.10
C VAL G 97 6.95 55.38 34.69
N ALA G 98 8.02 55.48 33.87
CA ALA G 98 7.96 55.99 32.47
C ALA G 98 8.49 54.95 31.47
N VAL G 99 9.46 54.15 31.91
CA VAL G 99 10.07 53.09 31.09
C VAL G 99 9.05 51.94 30.99
N VAL G 100 8.07 51.96 31.89
CA VAL G 100 7.00 50.97 31.94
C VAL G 100 5.93 51.26 30.86
N VAL G 101 5.82 52.53 30.46
CA VAL G 101 4.84 52.96 29.43
C VAL G 101 5.32 52.64 28.00
N MET G 102 6.61 52.84 27.72
CA MET G 102 7.18 52.55 26.39
C MET G 102 7.34 51.04 26.13
N VAL G 103 7.31 50.25 27.22
CA VAL G 103 7.41 48.79 27.15
C VAL G 103 6.06 48.22 26.72
N ALA G 104 4.97 48.84 27.21
CA ALA G 104 3.59 48.44 26.90
C ALA G 104 3.23 48.84 25.45
N GLY G 105 3.84 49.91 24.94
CA GLY G 105 3.60 50.36 23.58
C GLY G 105 3.95 49.30 22.56
N ILE G 106 5.13 48.68 22.72
CA ILE G 106 5.62 47.60 21.84
C ILE G 106 4.88 46.27 22.09
N THR G 107 4.46 46.04 23.35
CA THR G 107 3.70 44.84 23.73
C THR G 107 2.38 44.85 22.95
N SER G 108 1.83 46.05 22.73
CA SER G 108 0.58 46.24 21.98
C SER G 108 0.77 46.00 20.47
N PHE G 109 1.97 46.32 19.95
CA PHE G 109 2.34 46.17 18.53
C PHE G 109 2.55 44.71 18.08
N GLY G 110 3.15 43.90 18.95
CA GLY G 110 3.37 42.49 18.65
C GLY G 110 2.06 41.75 18.79
N LEU G 111 1.20 42.26 19.68
CA LEU G 111 -0.15 41.69 19.92
C LEU G 111 -1.01 41.83 18.65
N VAL G 112 -1.02 43.05 18.06
CA VAL G 112 -1.78 43.33 16.83
C VAL G 112 -1.16 42.60 15.61
N THR G 113 0.17 42.38 15.68
CA THR G 113 0.93 41.68 14.63
C THR G 113 0.74 40.16 14.79
N ALA G 114 0.24 39.75 15.97
CA ALA G 114 -0.02 38.34 16.26
C ALA G 114 -1.48 37.97 15.91
N ALA G 115 -2.36 38.98 15.86
CA ALA G 115 -3.80 38.81 15.55
C ALA G 115 -4.18 39.06 14.07
N LEU G 116 -3.18 39.44 13.27
CA LEU G 116 -3.35 39.68 11.83
C LEU G 116 -2.62 38.52 11.14
N ALA G 117 -2.17 37.57 11.97
CA ALA G 117 -1.46 36.35 11.55
C ALA G 117 -2.18 35.19 12.24
N THR G 118 -3.32 35.53 12.82
CA THR G 118 -4.20 34.63 13.55
C THR G 118 -5.44 34.41 12.69
N TRP G 119 -5.73 35.42 11.88
CA TRP G 119 -6.90 35.42 10.99
C TRP G 119 -6.55 35.33 9.52
N PHE G 120 -5.29 35.60 9.20
CA PHE G 120 -4.82 35.55 7.83
C PHE G 120 -4.25 34.14 7.63
N VAL G 121 -3.76 33.60 8.73
CA VAL G 121 -3.19 32.25 8.75
C VAL G 121 -4.25 31.27 9.31
N GLY G 122 -5.49 31.77 9.37
CA GLY G 122 -6.64 30.98 9.80
C GLY G 122 -7.34 30.66 8.48
N GLN G 123 -7.05 31.52 7.50
CA GLN G 123 -7.53 31.43 6.12
C GLN G 123 -6.56 30.50 5.41
N GLU G 124 -5.27 30.68 5.74
CA GLU G 124 -4.18 29.87 5.21
C GLU G 124 -4.34 28.49 5.88
N GLN G 125 -5.11 28.45 6.98
CA GLN G 125 -5.41 27.24 7.74
C GLN G 125 -6.55 26.49 7.06
N GLN G 126 -7.43 27.27 6.42
CA GLN G 126 -8.56 26.74 5.67
C GLN G 126 -7.93 26.09 4.43
N GLN G 127 -6.80 26.66 3.99
CA GLN G 127 -6.03 26.17 2.85
C GLN G 127 -5.38 24.81 3.14
N GLN G 128 -4.64 24.74 4.25
CA GLN G 128 -3.93 23.52 4.69
C GLN G 128 -4.86 22.31 4.92
N GLN G 129 -6.02 22.57 5.52
CA GLN G 129 -7.04 21.53 5.80
C GLN G 129 -7.76 20.99 4.57
N GLN G 130 -8.03 21.89 3.61
CA GLN G 130 -8.70 21.55 2.35
C GLN G 130 -7.75 20.82 1.41
N PHE G 131 -6.45 21.08 1.53
CA PHE G 131 -5.44 20.45 0.68
C PHE G 131 -5.02 19.05 1.09
N VAL G 132 -4.52 18.92 2.32
CA VAL G 132 -4.07 17.63 2.81
C VAL G 132 -5.17 16.57 2.85
N ARG G 133 -6.38 16.96 3.25
CA ARG G 133 -7.52 16.03 3.33
C ARG G 133 -7.91 15.48 1.94
N HIS G 134 -7.71 16.29 0.91
CA HIS G 134 -8.01 15.93 -0.49
C HIS G 134 -6.93 14.98 -1.05
N SER G 135 -5.67 15.32 -0.82
CA SER G 135 -4.51 14.54 -1.26
C SER G 135 -4.44 13.16 -0.56
N GLU G 136 -4.66 13.15 0.75
CA GLU G 136 -4.64 11.92 1.55
C GLU G 136 -5.80 10.96 1.22
N LYS G 137 -7.05 11.43 1.34
CA LYS G 137 -8.24 10.61 1.07
C LYS G 137 -8.17 10.05 -0.34
N ALA G 138 -7.55 10.82 -1.24
CA ALA G 138 -7.38 10.43 -2.62
C ALA G 138 -6.28 9.39 -2.74
N ALA G 139 -5.17 9.65 -2.08
CA ALA G 139 -4.05 8.72 -2.09
C ALA G 139 -4.46 7.44 -1.38
N GLU G 140 -5.01 7.53 -0.18
CA GLU G 140 -5.43 6.31 0.50
C GLU G 140 -6.25 5.42 -0.46
N GLU G 141 -7.27 5.99 -1.11
CA GLU G 141 -8.12 5.22 -2.03
C GLU G 141 -7.40 4.75 -3.26
N ALA G 142 -6.25 5.35 -3.53
CA ALA G 142 -5.43 4.94 -4.65
C ALA G 142 -4.78 3.64 -4.19
N TYR G 143 -4.40 3.60 -2.92
CA TYR G 143 -3.84 2.39 -2.32
C TYR G 143 -4.96 1.35 -2.44
N THR G 144 -6.13 1.68 -1.88
CA THR G 144 -7.32 0.82 -1.90
C THR G 144 -7.54 0.16 -3.26
N ARG G 145 -7.57 0.96 -4.32
CA ARG G 145 -7.77 0.43 -5.66
C ARG G 145 -6.70 -0.63 -5.95
N THR G 146 -5.51 -0.46 -5.35
CA THR G 146 -4.44 -1.44 -5.55
C THR G 146 -4.72 -2.70 -4.75
N THR G 147 -5.57 -2.60 -3.73
CA THR G 147 -5.94 -3.78 -2.95
C THR G 147 -6.96 -4.55 -3.78
N ARG G 148 -8.11 -3.92 -4.04
CA ARG G 148 -9.16 -4.51 -4.87
C ARG G 148 -8.45 -5.19 -6.02
N ALA G 149 -7.56 -4.47 -6.69
CA ALA G 149 -6.81 -5.05 -7.79
C ALA G 149 -6.53 -6.52 -7.44
N LEU G 150 -6.13 -6.76 -6.19
CA LEU G 150 -5.85 -8.13 -5.71
C LEU G 150 -7.06 -9.00 -5.48
N HIS G 151 -8.07 -8.49 -4.82
CA HIS G 151 -9.24 -9.31 -4.63
C HIS G 151 -9.67 -9.89 -5.96
N GLU G 152 -9.76 -9.05 -6.99
CA GLU G 152 -10.20 -9.52 -8.29
C GLU G 152 -9.29 -10.63 -8.68
N ARG G 153 -8.01 -10.34 -8.62
CA ARG G 153 -7.04 -11.34 -9.00
C ARG G 153 -7.06 -12.68 -8.23
N PHE G 154 -7.34 -12.64 -6.94
CA PHE G 154 -7.36 -13.86 -6.12
C PHE G 154 -8.61 -14.66 -6.40
N ASP G 155 -9.74 -14.00 -6.37
CA ASP G 155 -10.94 -14.73 -6.65
C ASP G 155 -10.74 -15.36 -8.06
N ARG G 156 -10.16 -14.60 -8.99
CA ARG G 156 -9.93 -15.10 -10.35
C ARG G 156 -9.27 -16.45 -10.29
N LEU G 157 -8.03 -16.44 -9.82
CA LEU G 157 -7.24 -17.65 -9.71
C LEU G 157 -7.94 -18.69 -8.85
N GLU G 158 -8.79 -18.24 -7.94
CA GLU G 158 -9.53 -19.13 -7.08
C GLU G 158 -10.59 -19.88 -7.89
N ARG G 159 -10.85 -19.37 -9.10
CA ARG G 159 -11.80 -19.98 -10.00
C ARG G 159 -11.10 -20.73 -11.12
N MET G 160 -9.80 -20.47 -11.28
CA MET G 160 -9.00 -21.23 -12.21
C MET G 160 -8.38 -22.34 -11.39
N LEU G 161 -9.17 -22.87 -10.46
CA LEU G 161 -8.64 -23.77 -9.45
C LEU G 161 -9.25 -25.12 -9.08
N ASP G 162 -10.36 -25.08 -8.38
CA ASP G 162 -10.92 -26.27 -7.76
C ASP G 162 -12.08 -26.42 -8.71
N ASP G 163 -12.46 -25.28 -9.23
CA ASP G 163 -13.59 -25.18 -10.13
C ASP G 163 -13.17 -26.01 -11.32
N ASN G 164 -11.98 -25.71 -11.83
CA ASN G 164 -11.50 -26.42 -12.98
C ASN G 164 -11.29 -27.91 -12.63
N ARG G 165 -10.67 -28.19 -11.49
CA ARG G 165 -10.43 -29.57 -11.09
C ARG G 165 -11.64 -30.36 -10.64
N ARG G 166 -12.67 -29.67 -10.17
CA ARG G 166 -13.89 -30.34 -9.71
C ARG G 166 -15.18 -29.54 -9.87
N SER H 28 -8.54 44.99 -10.24
CA SER H 28 -9.21 43.66 -10.18
C SER H 28 -8.44 42.67 -9.28
N ALA H 29 -7.32 43.13 -8.73
CA ALA H 29 -6.48 42.31 -7.84
C ALA H 29 -6.93 42.46 -6.40
N LEU H 30 -7.46 41.40 -5.78
CA LEU H 30 -7.88 41.48 -4.38
C LEU H 30 -6.64 41.58 -3.50
N GLN H 31 -5.49 41.76 -4.17
CA GLN H 31 -4.16 41.93 -3.57
C GLN H 31 -3.83 43.43 -3.58
N TRP H 32 -4.16 44.07 -4.72
CA TRP H 32 -3.96 45.52 -5.00
C TRP H 32 -5.25 46.29 -4.64
N ARG H 33 -6.30 45.51 -4.36
CA ARG H 33 -7.62 46.01 -3.96
C ARG H 33 -7.71 45.70 -2.45
N ALA H 34 -6.59 45.24 -1.91
CA ALA H 34 -6.47 44.90 -0.49
C ALA H 34 -5.29 45.73 0.05
N ALA H 35 -4.20 45.79 -0.73
CA ALA H 35 -3.00 46.56 -0.37
C ALA H 35 -3.06 48.00 -0.89
N GLY H 36 -3.36 48.16 -2.18
CA GLY H 36 -3.46 49.49 -2.77
C GLY H 36 -4.83 50.13 -2.53
N ALA H 37 -5.58 49.55 -1.59
CA ALA H 37 -6.90 50.02 -1.19
C ALA H 37 -6.92 50.39 0.30
N ALA H 38 -5.93 49.92 1.05
CA ALA H 38 -5.81 50.23 2.48
C ALA H 38 -4.66 51.21 2.68
N THR H 39 -3.93 51.49 1.59
CA THR H 39 -2.80 52.44 1.58
C THR H 39 -3.34 53.77 1.06
N VAL H 40 -4.51 53.71 0.44
CA VAL H 40 -5.21 54.88 -0.09
C VAL H 40 -6.14 55.32 1.06
N LEU H 41 -6.51 54.35 1.91
CA LEU H 41 -7.35 54.59 3.09
C LEU H 41 -6.42 55.05 4.20
N LEU H 42 -5.12 54.85 3.95
CA LEU H 42 -4.06 55.27 4.85
C LEU H 42 -3.91 56.78 4.66
N VAL H 43 -4.03 57.24 3.40
CA VAL H 43 -3.93 58.66 3.03
C VAL H 43 -5.11 59.47 3.60
N ILE H 44 -6.13 58.75 4.08
CA ILE H 44 -7.32 59.37 4.68
C ILE H 44 -7.07 59.58 6.18
N VAL H 45 -5.95 59.04 6.68
CA VAL H 45 -5.49 59.16 8.08
C VAL H 45 -4.27 60.13 8.11
N LEU H 46 -3.89 60.60 6.92
CA LEU H 46 -2.77 61.54 6.72
C LEU H 46 -3.38 62.90 6.32
N LEU H 47 -4.60 62.85 5.77
CA LEU H 47 -5.36 64.03 5.31
C LEU H 47 -6.42 64.42 6.34
N ALA H 48 -6.50 63.65 7.42
CA ALA H 48 -7.44 63.91 8.51
C ALA H 48 -6.63 64.22 9.79
N GLY H 49 -5.30 64.08 9.67
CA GLY H 49 -4.37 64.33 10.77
C GLY H 49 -3.65 65.67 10.69
N SER H 50 -3.44 66.20 9.49
CA SER H 50 -2.80 67.51 9.33
C SER H 50 -3.92 68.49 8.97
N TYR H 51 -5.14 67.96 9.01
CA TYR H 51 -6.35 68.67 8.67
C TYR H 51 -7.29 68.97 9.85
N LEU H 52 -7.41 68.03 10.78
CA LEU H 52 -8.31 68.21 11.93
C LEU H 52 -7.61 68.58 13.26
N ALA H 53 -6.35 68.16 13.41
CA ALA H 53 -5.57 68.48 14.62
C ALA H 53 -4.60 69.65 14.34
N VAL H 54 -4.79 70.31 13.19
CA VAL H 54 -4.01 71.47 12.76
C VAL H 54 -4.93 72.70 12.74
N LEU H 55 -6.23 72.43 12.67
CA LEU H 55 -7.28 73.44 12.72
C LEU H 55 -7.53 73.72 14.21
N ALA H 56 -7.61 72.63 15.01
CA ALA H 56 -7.84 72.69 16.47
C ALA H 56 -6.51 73.00 17.18
N GLU H 57 -5.59 73.57 16.39
CA GLU H 57 -4.25 73.97 16.82
C GLU H 57 -3.86 75.37 16.31
N ARG H 58 -4.88 76.19 16.02
CA ARG H 58 -4.71 77.57 15.53
C ARG H 58 -5.11 78.58 16.64
N GLY H 59 -4.47 78.48 17.80
CA GLY H 59 -4.79 79.37 18.88
C GLY H 59 -4.72 78.67 20.22
N ALA H 60 -3.86 77.66 20.31
CA ALA H 60 -3.63 76.90 21.55
C ALA H 60 -2.29 77.39 22.12
N PRO H 61 -2.13 77.45 23.46
CA PRO H 61 -0.85 77.91 24.05
C PRO H 61 0.37 77.11 23.56
N GLY H 62 0.98 77.60 22.49
CA GLY H 62 2.12 76.94 21.86
C GLY H 62 1.60 76.23 20.61
N ALA H 63 1.06 77.01 19.67
CA ALA H 63 0.51 76.45 18.43
C ALA H 63 1.22 76.91 17.16
N GLN H 64 2.04 76.00 16.60
CA GLN H 64 2.77 76.20 15.35
C GLN H 64 2.17 75.17 14.41
N LEU H 65 1.26 74.36 14.95
CA LEU H 65 0.50 73.36 14.21
C LEU H 65 -0.79 74.18 13.97
N ILE H 66 -0.61 75.43 13.56
CA ILE H 66 -1.69 76.40 13.30
C ILE H 66 -2.10 76.48 11.84
N THR H 67 -1.16 76.23 10.94
CA THR H 67 -1.46 76.26 9.52
C THR H 67 -1.45 74.79 9.10
N TYR H 68 -2.05 74.48 7.95
CA TYR H 68 -2.12 73.11 7.46
C TYR H 68 -0.88 72.73 6.66
N PRO H 69 -0.30 73.69 5.89
CA PRO H 69 0.91 73.42 5.09
C PRO H 69 2.21 73.24 5.94
N ARG H 70 2.24 73.85 7.13
CA ARG H 70 3.41 73.77 8.03
C ARG H 70 3.23 72.66 9.08
N ALA H 71 1.97 72.42 9.45
CA ALA H 71 1.61 71.41 10.43
C ALA H 71 1.50 70.00 9.79
N LEU H 72 2.11 69.85 8.59
CA LEU H 72 2.13 68.60 7.82
C LEU H 72 3.28 67.69 8.27
N TRP H 73 4.26 68.30 8.93
CA TRP H 73 5.41 67.58 9.47
C TRP H 73 4.96 67.05 10.83
N TRP H 74 3.66 67.14 11.10
CA TRP H 74 3.07 66.66 12.36
C TRP H 74 2.68 65.18 12.33
N SER H 75 1.74 64.82 11.44
CA SER H 75 1.27 63.43 11.32
C SER H 75 2.30 62.46 10.69
N VAL H 76 3.49 62.99 10.36
CA VAL H 76 4.57 62.22 9.79
C VAL H 76 5.38 61.60 10.94
N GLU H 77 5.65 62.42 11.96
CA GLU H 77 6.40 62.01 13.14
C GLU H 77 5.47 61.31 14.15
N THR H 78 4.19 61.25 13.80
CA THR H 78 3.17 60.63 14.64
C THR H 78 3.00 59.15 14.26
N ALA H 79 2.67 58.92 12.98
CA ALA H 79 2.46 57.58 12.42
C ALA H 79 3.66 56.71 12.78
N THR H 80 4.78 56.95 12.08
CA THR H 80 6.02 56.21 12.31
C THR H 80 6.53 56.48 13.73
N THR H 81 5.77 57.28 14.48
CA THR H 81 6.12 57.64 15.85
C THR H 81 7.58 58.12 15.95
N VAL H 82 8.00 58.94 14.98
CA VAL H 82 9.35 59.52 14.97
C VAL H 82 9.29 60.47 16.16
N GLY H 83 8.36 61.42 16.10
CA GLY H 83 8.15 62.39 17.17
C GLY H 83 9.25 63.41 17.40
N TYR H 84 9.37 64.37 16.51
CA TYR H 84 10.40 65.38 16.66
C TYR H 84 10.09 66.44 17.72
N GLY H 85 9.05 67.22 17.49
CA GLY H 85 8.66 68.26 18.43
C GLY H 85 8.51 69.70 17.92
N ASP H 86 8.66 69.92 16.61
CA ASP H 86 8.53 71.27 16.04
C ASP H 86 7.03 71.55 15.91
N LEU H 87 6.26 70.50 15.64
CA LEU H 87 4.81 70.63 15.49
C LEU H 87 3.99 69.69 16.36
N TYR H 88 3.15 70.26 17.22
CA TYR H 88 2.28 69.45 18.07
C TYR H 88 1.27 70.25 18.86
N PRO H 89 0.14 69.59 19.22
CA PRO H 89 -0.95 70.19 19.99
C PRO H 89 -0.85 70.13 21.52
N VAL H 90 -1.73 70.90 22.16
CA VAL H 90 -1.84 71.00 23.61
C VAL H 90 -3.34 71.10 23.94
N THR H 91 -4.18 70.99 22.90
CA THR H 91 -5.65 71.07 23.03
C THR H 91 -6.29 69.75 23.52
N LEU H 92 -7.62 69.72 23.61
CA LEU H 92 -8.39 68.53 24.06
C LEU H 92 -8.79 67.60 22.88
N TRP H 93 -9.52 68.15 21.91
CA TRP H 93 -9.99 67.42 20.72
C TRP H 93 -8.94 67.49 19.58
N GLY H 94 -7.72 67.88 19.96
CA GLY H 94 -6.60 67.96 19.03
C GLY H 94 -5.63 66.83 19.37
N ARG H 95 -5.94 66.12 20.47
CA ARG H 95 -5.18 64.97 20.97
C ARG H 95 -5.85 63.65 20.56
N LEU H 96 -7.19 63.63 20.58
CA LEU H 96 -7.97 62.44 20.20
C LEU H 96 -7.91 62.21 18.68
N VAL H 97 -7.67 63.30 17.94
CA VAL H 97 -7.54 63.30 16.48
C VAL H 97 -6.04 63.13 16.13
N ALA H 98 -5.26 62.75 17.16
CA ALA H 98 -3.80 62.54 17.04
C ALA H 98 -3.41 61.07 17.31
N VAL H 99 -4.11 60.44 18.28
CA VAL H 99 -3.87 59.03 18.65
C VAL H 99 -4.42 58.09 17.56
N VAL H 100 -5.19 58.68 16.63
CA VAL H 100 -5.78 57.99 15.47
C VAL H 100 -4.74 57.92 14.34
N VAL H 101 -3.78 58.86 14.36
CA VAL H 101 -2.70 58.94 13.36
C VAL H 101 -1.57 57.91 13.62
N MET H 102 -1.13 57.78 14.88
CA MET H 102 -0.07 56.83 15.24
C MET H 102 -0.53 55.36 15.19
N VAL H 103 -1.86 55.16 15.20
CA VAL H 103 -2.50 53.83 15.13
C VAL H 103 -2.43 53.35 13.66
N ALA H 104 -2.64 54.29 12.72
CA ALA H 104 -2.59 54.01 11.28
C ALA H 104 -1.14 53.73 10.81
N GLY H 105 -0.17 54.25 11.56
CA GLY H 105 1.24 54.02 11.25
C GLY H 105 1.54 52.54 11.42
N ILE H 106 1.12 51.98 12.55
CA ILE H 106 1.30 50.56 12.86
C ILE H 106 0.48 49.64 11.92
N THR H 107 -0.69 50.13 11.52
CA THR H 107 -1.60 49.43 10.59
C THR H 107 -0.91 49.22 9.22
N SER H 108 -0.12 50.21 8.81
CA SER H 108 0.63 50.18 7.54
C SER H 108 1.86 49.26 7.62
N PHE H 109 2.42 49.12 8.83
CA PHE H 109 3.59 48.26 9.10
C PHE H 109 3.27 46.77 8.93
N GLY H 110 2.16 46.34 9.51
CA GLY H 110 1.74 44.95 9.40
C GLY H 110 1.35 44.61 7.97
N LEU H 111 0.79 45.59 7.27
CA LEU H 111 0.37 45.46 5.86
C LEU H 111 1.55 45.29 4.90
N VAL H 112 2.53 46.23 4.95
CA VAL H 112 3.74 46.18 4.11
C VAL H 112 4.68 45.02 4.52
N THR H 113 4.40 44.43 5.69
CA THR H 113 5.14 43.29 6.28
C THR H 113 4.59 41.97 5.70
N ALA H 114 3.26 41.94 5.47
CA ALA H 114 2.57 40.77 4.92
C ALA H 114 2.36 40.85 3.40
N ALA H 115 2.96 41.85 2.77
CA ALA H 115 2.89 42.03 1.31
C ALA H 115 4.20 41.54 0.70
N LEU H 116 5.26 41.40 1.52
CA LEU H 116 6.60 40.91 1.10
C LEU H 116 6.88 39.47 1.60
N ALA H 117 6.09 39.04 2.59
CA ALA H 117 6.16 37.70 3.17
C ALA H 117 5.13 36.88 2.40
N THR H 118 4.57 37.55 1.39
CA THR H 118 3.58 37.01 0.44
C THR H 118 4.33 36.63 -0.86
N TRP H 119 5.16 37.53 -1.37
CA TRP H 119 5.96 37.32 -2.60
C TRP H 119 6.97 36.19 -2.44
N PHE H 120 7.90 36.40 -1.51
CA PHE H 120 8.96 35.43 -1.23
C PHE H 120 8.50 34.08 -0.68
N VAL H 121 7.37 34.04 0.03
CA VAL H 121 6.83 32.77 0.54
C VAL H 121 5.94 32.21 -0.57
N GLY H 122 5.73 33.02 -1.62
CA GLY H 122 4.95 32.63 -2.79
C GLY H 122 5.90 31.95 -3.77
N GLN H 123 7.20 32.06 -3.46
CA GLN H 123 8.31 31.46 -4.21
C GLN H 123 8.81 30.25 -3.37
N GLU H 124 8.47 30.27 -2.08
CA GLU H 124 8.82 29.22 -1.13
C GLU H 124 7.78 28.08 -1.18
N GLN H 125 6.57 28.42 -1.63
CA GLN H 125 5.44 27.48 -1.80
C GLN H 125 5.52 26.94 -3.24
N GLN H 126 6.44 27.52 -4.01
CA GLN H 126 6.72 27.15 -5.42
C GLN H 126 7.87 26.12 -5.38
N GLN H 127 8.77 26.30 -4.40
CA GLN H 127 9.89 25.39 -4.20
C GLN H 127 9.31 24.19 -3.48
N GLN H 128 8.11 24.40 -2.93
CA GLN H 128 7.37 23.36 -2.21
C GLN H 128 6.55 22.55 -3.23
N GLN H 129 6.26 23.17 -4.39
CA GLN H 129 5.52 22.55 -5.50
C GLN H 129 6.46 21.57 -6.22
N GLN H 130 7.72 22.00 -6.39
CA GLN H 130 8.78 21.21 -7.00
C GLN H 130 9.06 20.07 -6.04
N PHE H 131 8.95 20.38 -4.74
CA PHE H 131 9.14 19.41 -3.64
C PHE H 131 8.02 18.34 -3.69
N VAL H 132 6.75 18.78 -3.72
CA VAL H 132 5.62 17.86 -3.77
C VAL H 132 5.50 17.13 -5.11
N ARG H 133 5.81 17.82 -6.21
CA ARG H 133 5.75 17.24 -7.57
C ARG H 133 6.84 16.18 -7.81
N HIS H 134 7.98 16.33 -7.12
CA HIS H 134 9.11 15.40 -7.22
C HIS H 134 8.93 14.20 -6.27
N SER H 135 8.33 14.45 -5.09
CA SER H 135 8.05 13.41 -4.08
C SER H 135 6.74 12.67 -4.45
N GLU H 136 5.93 13.32 -5.28
CA GLU H 136 4.65 12.77 -5.75
C GLU H 136 4.86 11.93 -7.01
N LYS H 137 5.49 12.50 -8.04
CA LYS H 137 5.78 11.80 -9.29
C LYS H 137 6.67 10.56 -9.06
N ALA H 138 7.25 10.46 -7.86
CA ALA H 138 8.13 9.35 -7.45
C ALA H 138 7.39 8.36 -6.57
N ALA H 139 6.19 8.74 -6.15
CA ALA H 139 5.34 7.89 -5.34
C ALA H 139 4.21 7.45 -6.26
N GLU H 140 4.21 7.98 -7.48
CA GLU H 140 3.20 7.71 -8.50
C GLU H 140 3.56 6.69 -9.55
N GLU H 141 4.72 6.87 -10.18
CA GLU H 141 5.11 5.99 -11.26
C GLU H 141 5.95 4.83 -10.82
N ALA H 142 6.77 5.05 -9.82
CA ALA H 142 7.63 3.99 -9.34
C ALA H 142 6.82 3.09 -8.43
N TYR H 143 5.71 3.61 -7.94
CA TYR H 143 4.83 2.86 -7.05
C TYR H 143 3.85 1.99 -7.80
N THR H 144 3.06 2.61 -8.68
CA THR H 144 2.10 1.87 -9.47
C THR H 144 2.90 0.78 -10.18
N ARG H 145 4.19 1.04 -10.44
CA ARG H 145 5.06 0.05 -11.09
C ARG H 145 5.00 -1.26 -10.35
N THR H 146 4.61 -1.21 -9.07
CA THR H 146 4.48 -2.39 -8.22
C THR H 146 3.23 -3.22 -8.59
N THR H 147 2.11 -2.54 -8.90
CA THR H 147 0.88 -3.24 -9.27
C THR H 147 1.16 -3.90 -10.60
N ARG H 148 1.98 -3.25 -11.39
CA ARG H 148 2.34 -3.77 -12.69
C ARG H 148 2.79 -5.17 -12.42
N ALA H 149 3.70 -5.33 -11.47
CA ALA H 149 4.19 -6.66 -11.21
C ALA H 149 3.28 -7.45 -10.31
N LEU H 150 2.38 -6.78 -9.63
CA LEU H 150 1.46 -7.51 -8.78
C LEU H 150 0.70 -8.48 -9.72
N HIS H 151 0.35 -7.96 -10.88
CA HIS H 151 -0.36 -8.76 -11.84
C HIS H 151 0.68 -9.63 -12.46
N GLU H 152 1.89 -9.12 -12.50
CA GLU H 152 2.96 -9.87 -13.12
C GLU H 152 3.25 -11.21 -12.52
N ARG H 153 2.98 -11.41 -11.23
CA ARG H 153 3.25 -12.72 -10.59
C ARG H 153 1.97 -13.49 -10.46
N PHE H 154 0.89 -12.81 -10.78
CA PHE H 154 -0.41 -13.40 -10.72
C PHE H 154 -0.65 -14.07 -12.05
N ASP H 155 -0.18 -13.42 -13.10
CA ASP H 155 -0.35 -13.95 -14.43
C ASP H 155 0.51 -15.18 -14.50
N ARG H 156 1.33 -15.31 -13.48
CA ARG H 156 2.24 -16.43 -13.46
C ARG H 156 1.61 -17.70 -13.05
N LEU H 157 0.96 -17.70 -11.90
CA LEU H 157 0.43 -18.97 -11.55
C LEU H 157 -0.83 -19.16 -12.35
N GLU H 158 -1.25 -18.15 -13.11
CA GLU H 158 -2.49 -18.33 -13.85
C GLU H 158 -2.16 -19.16 -15.01
N ARG H 159 -0.87 -19.21 -15.22
CA ARG H 159 -0.27 -19.96 -16.27
C ARG H 159 0.20 -21.25 -15.65
N MET H 160 1.03 -21.15 -14.63
CA MET H 160 1.56 -22.34 -13.99
C MET H 160 0.48 -23.40 -13.82
N LEU H 161 -0.74 -22.96 -13.59
CA LEU H 161 -1.80 -23.91 -13.40
C LEU H 161 -2.27 -24.57 -14.66
N ASP H 162 -2.90 -23.80 -15.54
CA ASP H 162 -3.42 -24.32 -16.80
C ASP H 162 -2.45 -24.21 -17.97
N ASP H 163 -1.19 -24.48 -17.65
CA ASP H 163 -0.09 -24.50 -18.61
C ASP H 163 0.65 -25.75 -18.15
N ASN H 164 0.18 -26.28 -17.02
CA ASN H 164 0.76 -27.47 -16.41
C ASN H 164 -0.36 -28.44 -16.03
N ARG H 165 -1.54 -28.21 -16.57
CA ARG H 165 -2.66 -29.08 -16.26
C ARG H 165 -3.49 -29.35 -17.50
N ARG H 166 -4.16 -28.30 -17.98
CA ARG H 166 -5.05 -28.36 -19.15
C ARG H 166 -4.66 -27.34 -20.24
#